data_5R4E
# 
_entry.id   5R4E 
# 
_audit_conform.dict_name       mmcif_pdbx.dic 
_audit_conform.dict_version    5.387 
_audit_conform.dict_location   http://mmcif.pdb.org/dictionaries/ascii/mmcif_pdbx.dic 
# 
loop_
_database_2.database_id 
_database_2.database_code 
_database_2.pdbx_database_accession 
_database_2.pdbx_DOI 
PDB   5R4E         pdb_00005r4e 10.2210/pdb5r4e/pdb 
WWPDB D_1001402755 ?            ?                   
# 
loop_
_pdbx_audit_revision_history.ordinal 
_pdbx_audit_revision_history.data_content_type 
_pdbx_audit_revision_history.major_revision 
_pdbx_audit_revision_history.minor_revision 
_pdbx_audit_revision_history.revision_date 
1 'Structure model' 1 0 2020-04-08 
2 'Structure model' 1 1 2024-03-06 
# 
_pdbx_audit_revision_details.ordinal             1 
_pdbx_audit_revision_details.revision_ordinal    1 
_pdbx_audit_revision_details.data_content_type   'Structure model' 
_pdbx_audit_revision_details.provider            repository 
_pdbx_audit_revision_details.type                'Initial release' 
_pdbx_audit_revision_details.description         ? 
_pdbx_audit_revision_details.details             ? 
# 
loop_
_pdbx_audit_revision_group.ordinal 
_pdbx_audit_revision_group.revision_ordinal 
_pdbx_audit_revision_group.data_content_type 
_pdbx_audit_revision_group.group 
1 2 'Structure model' 'Data collection'     
2 2 'Structure model' 'Database references' 
# 
loop_
_pdbx_audit_revision_category.ordinal 
_pdbx_audit_revision_category.revision_ordinal 
_pdbx_audit_revision_category.data_content_type 
_pdbx_audit_revision_category.category 
1 2 'Structure model' chem_comp_atom 
2 2 'Structure model' chem_comp_bond 
3 2 'Structure model' database_2     
# 
loop_
_pdbx_audit_revision_item.ordinal 
_pdbx_audit_revision_item.revision_ordinal 
_pdbx_audit_revision_item.data_content_type 
_pdbx_audit_revision_item.item 
1 2 'Structure model' '_database_2.pdbx_DOI'                
2 2 'Structure model' '_database_2.pdbx_database_accession' 
# 
_pdbx_database_status.entry_id                        5R4E 
_pdbx_database_status.status_code                     REL 
_pdbx_database_status.status_code_sf                  REL 
_pdbx_database_status.status_code_mr                  ? 
_pdbx_database_status.status_code_cs                  ? 
_pdbx_database_status.recvd_initial_deposition_date   2020-02-21 
_pdbx_database_status.deposit_site                    RCSB 
_pdbx_database_status.process_site                    RCSB 
_pdbx_database_status.SG_entry                        ? 
_pdbx_database_status.pdb_format_compatible           Y 
_pdbx_database_status.methods_development_category    ? 
_pdbx_database_status.status_code_nmr_data            ? 
# 
loop_
_audit_author.name 
_audit_author.pdbx_ordinal 
'Snee, M.'         1 
'Talon, R.'        2 
'Fowley, D.'       3 
'Collins, P.'      4 
'Nelson, A.'       5 
'Arrowsmith, C.H.' 6 
'Bountra, C.'      7 
'Edwards, A.'      8 
'Von-Delft, F.'    9 
# 
_citation.id                        primary 
_citation.title                     'PanDDA analysis group deposition - Bromodomain of human ATAD2 fragment screening' 
_citation.journal_abbrev            'To Be Published' 
_citation.journal_volume            ? 
_citation.page_first                ? 
_citation.page_last                 ? 
_citation.year                      ? 
_citation.journal_id_ASTM           ? 
_citation.country                   ? 
_citation.journal_id_ISSN           ? 
_citation.journal_id_CSD            0353 
_citation.book_publisher            ? 
_citation.pdbx_database_id_PubMed   ? 
_citation.pdbx_database_id_DOI      ? 
# 
loop_
_citation_author.citation_id 
_citation_author.name 
_citation_author.identifier_ORCID 
_citation_author.ordinal 
primary 'Snee, M.'         ? 1 
primary 'Talon, R.'        ? 2 
primary 'Fowley, D.'       ? 3 
primary 'Collins, P.'      ? 4 
primary 'Nelson, A.'       ? 5 
primary 'Arrowsmith, C.H.' ? 6 
primary 'Bountra, C.'      ? 7 
primary 'Edwards, A.'      ? 8 
primary 'Von-Delft, F.'    ? 9 
# 
loop_
_entity.id 
_entity.type 
_entity.src_method 
_entity.pdbx_description 
_entity.formula_weight 
_entity.pdbx_number_of_molecules 
_entity.pdbx_ec 
_entity.pdbx_mutation 
_entity.pdbx_fragment 
_entity.details 
1 polymer     man 'ATPase family AAA domain-containing protein 2'                                                15512.562 1   
3.6.1.3 ? ? ? 
2 non-polymer syn '(5R)-5-[(4-fluorophenyl)methyl]-5-(2-hydroxyethyl)-3-(2-methoxyethyl)imidazolidine-2,4-dione' 310.321   1   ? ? 
? ? 
3 non-polymer syn 'SULFATE ION'                                                                                  96.063    2   ? ? 
? ? 
4 non-polymer syn 1,2-ETHANEDIOL                                                                                 62.068    1   ? ? 
? ? 
5 water       nat water                                                                                          18.015    210 ? ? 
? ? 
# 
_entity_name_com.entity_id   1 
_entity_name_com.name        'AAA nuclear coregulator cancer-associated protein,ANCCA' 
# 
_entity_poly.entity_id                      1 
_entity_poly.type                           'polypeptide(L)' 
_entity_poly.nstd_linkage                   no 
_entity_poly.nstd_monomer                   no 
_entity_poly.pdbx_seq_one_letter_code       
;SMQEEDTFRELRIFLRNVTHRLAIDKRFRVFTKPVDPDEVPDYRTVIKEPMDLSSVISKIDLHKYLTVKDYLRDIDLICS
NALEYNPDRDPGDRLIRHRACALRDTAYAIIKEELDEDFEQLCEEIQESR
;
_entity_poly.pdbx_seq_one_letter_code_can   
;SMQEEDTFRELRIFLRNVTHRLAIDKRFRVFTKPVDPDEVPDYRTVIKEPMDLSSVISKIDLHKYLTVKDYLRDIDLICS
NALEYNPDRDPGDRLIRHRACALRDTAYAIIKEELDEDFEQLCEEIQESR
;
_entity_poly.pdbx_strand_id                 A 
_entity_poly.pdbx_target_identifier         ? 
# 
loop_
_pdbx_entity_nonpoly.entity_id 
_pdbx_entity_nonpoly.name 
_pdbx_entity_nonpoly.comp_id 
2 '(5R)-5-[(4-fluorophenyl)methyl]-5-(2-hydroxyethyl)-3-(2-methoxyethyl)imidazolidine-2,4-dione' RQP 
3 'SULFATE ION'                                                                                  SO4 
4 1,2-ETHANEDIOL                                                                                 EDO 
5 water                                                                                          HOH 
# 
loop_
_entity_poly_seq.entity_id 
_entity_poly_seq.num 
_entity_poly_seq.mon_id 
_entity_poly_seq.hetero 
1 1   SER n 
1 2   MET n 
1 3   GLN n 
1 4   GLU n 
1 5   GLU n 
1 6   ASP n 
1 7   THR n 
1 8   PHE n 
1 9   ARG n 
1 10  GLU n 
1 11  LEU n 
1 12  ARG n 
1 13  ILE n 
1 14  PHE n 
1 15  LEU n 
1 16  ARG n 
1 17  ASN n 
1 18  VAL n 
1 19  THR n 
1 20  HIS n 
1 21  ARG n 
1 22  LEU n 
1 23  ALA n 
1 24  ILE n 
1 25  ASP n 
1 26  LYS n 
1 27  ARG n 
1 28  PHE n 
1 29  ARG n 
1 30  VAL n 
1 31  PHE n 
1 32  THR n 
1 33  LYS n 
1 34  PRO n 
1 35  VAL n 
1 36  ASP n 
1 37  PRO n 
1 38  ASP n 
1 39  GLU n 
1 40  VAL n 
1 41  PRO n 
1 42  ASP n 
1 43  TYR n 
1 44  ARG n 
1 45  THR n 
1 46  VAL n 
1 47  ILE n 
1 48  LYS n 
1 49  GLU n 
1 50  PRO n 
1 51  MET n 
1 52  ASP n 
1 53  LEU n 
1 54  SER n 
1 55  SER n 
1 56  VAL n 
1 57  ILE n 
1 58  SER n 
1 59  LYS n 
1 60  ILE n 
1 61  ASP n 
1 62  LEU n 
1 63  HIS n 
1 64  LYS n 
1 65  TYR n 
1 66  LEU n 
1 67  THR n 
1 68  VAL n 
1 69  LYS n 
1 70  ASP n 
1 71  TYR n 
1 72  LEU n 
1 73  ARG n 
1 74  ASP n 
1 75  ILE n 
1 76  ASP n 
1 77  LEU n 
1 78  ILE n 
1 79  CYS n 
1 80  SER n 
1 81  ASN n 
1 82  ALA n 
1 83  LEU n 
1 84  GLU n 
1 85  TYR n 
1 86  ASN n 
1 87  PRO n 
1 88  ASP n 
1 89  ARG n 
1 90  ASP n 
1 91  PRO n 
1 92  GLY n 
1 93  ASP n 
1 94  ARG n 
1 95  LEU n 
1 96  ILE n 
1 97  ARG n 
1 98  HIS n 
1 99  ARG n 
1 100 ALA n 
1 101 CYS n 
1 102 ALA n 
1 103 LEU n 
1 104 ARG n 
1 105 ASP n 
1 106 THR n 
1 107 ALA n 
1 108 TYR n 
1 109 ALA n 
1 110 ILE n 
1 111 ILE n 
1 112 LYS n 
1 113 GLU n 
1 114 GLU n 
1 115 LEU n 
1 116 ASP n 
1 117 GLU n 
1 118 ASP n 
1 119 PHE n 
1 120 GLU n 
1 121 GLN n 
1 122 LEU n 
1 123 CYS n 
1 124 GLU n 
1 125 GLU n 
1 126 ILE n 
1 127 GLN n 
1 128 GLU n 
1 129 SER n 
1 130 ARG n 
# 
_entity_src_gen.entity_id                          1 
_entity_src_gen.pdbx_src_id                        1 
_entity_src_gen.pdbx_alt_source_flag               sample 
_entity_src_gen.pdbx_seq_type                      'Biological sequence' 
_entity_src_gen.pdbx_beg_seq_num                   1 
_entity_src_gen.pdbx_end_seq_num                   130 
_entity_src_gen.gene_src_common_name               Human 
_entity_src_gen.gene_src_genus                     ? 
_entity_src_gen.pdbx_gene_src_gene                 'ATAD2, L16, PRO2000' 
_entity_src_gen.gene_src_species                   ? 
_entity_src_gen.gene_src_strain                    ? 
_entity_src_gen.gene_src_tissue                    ? 
_entity_src_gen.gene_src_tissue_fraction           ? 
_entity_src_gen.gene_src_details                   ? 
_entity_src_gen.pdbx_gene_src_fragment             ? 
_entity_src_gen.pdbx_gene_src_scientific_name      'Homo sapiens' 
_entity_src_gen.pdbx_gene_src_ncbi_taxonomy_id     9606 
_entity_src_gen.pdbx_gene_src_variant              ? 
_entity_src_gen.pdbx_gene_src_cell_line            ? 
_entity_src_gen.pdbx_gene_src_atcc                 ? 
_entity_src_gen.pdbx_gene_src_organ                ? 
_entity_src_gen.pdbx_gene_src_organelle            ? 
_entity_src_gen.pdbx_gene_src_cell                 ? 
_entity_src_gen.pdbx_gene_src_cellular_location    ? 
_entity_src_gen.host_org_common_name               ? 
_entity_src_gen.pdbx_host_org_scientific_name      'Escherichia coli' 
_entity_src_gen.pdbx_host_org_ncbi_taxonomy_id     562 
_entity_src_gen.host_org_genus                     ? 
_entity_src_gen.pdbx_host_org_gene                 ? 
_entity_src_gen.pdbx_host_org_organ                ? 
_entity_src_gen.host_org_species                   ? 
_entity_src_gen.pdbx_host_org_tissue               ? 
_entity_src_gen.pdbx_host_org_tissue_fraction      ? 
_entity_src_gen.pdbx_host_org_strain               ? 
_entity_src_gen.pdbx_host_org_variant              ? 
_entity_src_gen.pdbx_host_org_cell_line            ? 
_entity_src_gen.pdbx_host_org_atcc                 ? 
_entity_src_gen.pdbx_host_org_culture_collection   ? 
_entity_src_gen.pdbx_host_org_cell                 ? 
_entity_src_gen.pdbx_host_org_organelle            ? 
_entity_src_gen.pdbx_host_org_cellular_location    ? 
_entity_src_gen.pdbx_host_org_vector_type          ? 
_entity_src_gen.pdbx_host_org_vector               ? 
_entity_src_gen.host_org_details                   ? 
_entity_src_gen.expression_system_id               ? 
_entity_src_gen.plasmid_name                       ? 
_entity_src_gen.plasmid_details                    ? 
_entity_src_gen.pdbx_description                   ? 
# 
loop_
_chem_comp.id 
_chem_comp.type 
_chem_comp.mon_nstd_flag 
_chem_comp.name 
_chem_comp.pdbx_synonyms 
_chem_comp.formula 
_chem_comp.formula_weight 
ALA 'L-peptide linking' y ALANINE                                                                                        ? 
'C3 H7 N O2'      89.093  
ARG 'L-peptide linking' y ARGININE                                                                                       ? 
'C6 H15 N4 O2 1'  175.209 
ASN 'L-peptide linking' y ASPARAGINE                                                                                     ? 
'C4 H8 N2 O3'     132.118 
ASP 'L-peptide linking' y 'ASPARTIC ACID'                                                                                ? 
'C4 H7 N O4'      133.103 
CYS 'L-peptide linking' y CYSTEINE                                                                                       ? 
'C3 H7 N O2 S'    121.158 
EDO non-polymer         . 1,2-ETHANEDIOL                                                                                 
'ETHYLENE GLYCOL' 'C2 H6 O2'        62.068  
GLN 'L-peptide linking' y GLUTAMINE                                                                                      ? 
'C5 H10 N2 O3'    146.144 
GLU 'L-peptide linking' y 'GLUTAMIC ACID'                                                                                ? 
'C5 H9 N O4'      147.129 
GLY 'peptide linking'   y GLYCINE                                                                                        ? 
'C2 H5 N O2'      75.067  
HIS 'L-peptide linking' y HISTIDINE                                                                                      ? 
'C6 H10 N3 O2 1'  156.162 
HOH non-polymer         . WATER                                                                                          ? 'H2 O' 
18.015  
ILE 'L-peptide linking' y ISOLEUCINE                                                                                     ? 
'C6 H13 N O2'     131.173 
LEU 'L-peptide linking' y LEUCINE                                                                                        ? 
'C6 H13 N O2'     131.173 
LYS 'L-peptide linking' y LYSINE                                                                                         ? 
'C6 H15 N2 O2 1'  147.195 
MET 'L-peptide linking' y METHIONINE                                                                                     ? 
'C5 H11 N O2 S'   149.211 
PHE 'L-peptide linking' y PHENYLALANINE                                                                                  ? 
'C9 H11 N O2'     165.189 
PRO 'L-peptide linking' y PROLINE                                                                                        ? 
'C5 H9 N O2'      115.130 
RQP non-polymer         . '(5R)-5-[(4-fluorophenyl)methyl]-5-(2-hydroxyethyl)-3-(2-methoxyethyl)imidazolidine-2,4-dione' ? 
'C15 H19 F N2 O4' 310.321 
SER 'L-peptide linking' y SERINE                                                                                         ? 
'C3 H7 N O3'      105.093 
SO4 non-polymer         . 'SULFATE ION'                                                                                  ? 
'O4 S -2'         96.063  
THR 'L-peptide linking' y THREONINE                                                                                      ? 
'C4 H9 N O3'      119.119 
TYR 'L-peptide linking' y TYROSINE                                                                                       ? 
'C9 H11 N O3'     181.189 
VAL 'L-peptide linking' y VALINE                                                                                         ? 
'C5 H11 N O2'     117.146 
# 
loop_
_pdbx_poly_seq_scheme.asym_id 
_pdbx_poly_seq_scheme.entity_id 
_pdbx_poly_seq_scheme.seq_id 
_pdbx_poly_seq_scheme.mon_id 
_pdbx_poly_seq_scheme.ndb_seq_num 
_pdbx_poly_seq_scheme.pdb_seq_num 
_pdbx_poly_seq_scheme.auth_seq_num 
_pdbx_poly_seq_scheme.pdb_mon_id 
_pdbx_poly_seq_scheme.auth_mon_id 
_pdbx_poly_seq_scheme.pdb_strand_id 
_pdbx_poly_seq_scheme.pdb_ins_code 
_pdbx_poly_seq_scheme.hetero 
A 1 1   SER 1   979  979  SER SER A . n 
A 1 2   MET 2   980  980  MET MET A . n 
A 1 3   GLN 3   981  981  GLN GLN A . n 
A 1 4   GLU 4   982  982  GLU GLU A . n 
A 1 5   GLU 5   983  983  GLU GLU A . n 
A 1 6   ASP 6   984  984  ASP ASP A . n 
A 1 7   THR 7   985  985  THR THR A . n 
A 1 8   PHE 8   986  986  PHE PHE A . n 
A 1 9   ARG 9   987  987  ARG ARG A . n 
A 1 10  GLU 10  988  988  GLU GLU A . n 
A 1 11  LEU 11  989  989  LEU LEU A . n 
A 1 12  ARG 12  990  990  ARG ARG A . n 
A 1 13  ILE 13  991  991  ILE ILE A . n 
A 1 14  PHE 14  992  992  PHE PHE A . n 
A 1 15  LEU 15  993  993  LEU LEU A . n 
A 1 16  ARG 16  994  994  ARG ARG A . n 
A 1 17  ASN 17  995  995  ASN ASN A . n 
A 1 18  VAL 18  996  996  VAL VAL A . n 
A 1 19  THR 19  997  997  THR THR A . n 
A 1 20  HIS 20  998  998  HIS HIS A . n 
A 1 21  ARG 21  999  999  ARG ARG A . n 
A 1 22  LEU 22  1000 1000 LEU LEU A . n 
A 1 23  ALA 23  1001 1001 ALA ALA A . n 
A 1 24  ILE 24  1002 1002 ILE ILE A . n 
A 1 25  ASP 25  1003 1003 ASP ASP A . n 
A 1 26  LYS 26  1004 1004 LYS LYS A . n 
A 1 27  ARG 27  1005 1005 ARG ARG A . n 
A 1 28  PHE 28  1006 1006 PHE PHE A . n 
A 1 29  ARG 29  1007 1007 ARG ARG A . n 
A 1 30  VAL 30  1008 1008 VAL VAL A . n 
A 1 31  PHE 31  1009 1009 PHE PHE A . n 
A 1 32  THR 32  1010 1010 THR THR A . n 
A 1 33  LYS 33  1011 1011 LYS LYS A . n 
A 1 34  PRO 34  1012 1012 PRO PRO A . n 
A 1 35  VAL 35  1013 1013 VAL VAL A . n 
A 1 36  ASP 36  1014 1014 ASP ASP A . n 
A 1 37  PRO 37  1015 1015 PRO PRO A . n 
A 1 38  ASP 38  1016 1016 ASP ASP A . n 
A 1 39  GLU 39  1017 1017 GLU GLU A . n 
A 1 40  VAL 40  1018 1018 VAL VAL A . n 
A 1 41  PRO 41  1019 1019 PRO PRO A . n 
A 1 42  ASP 42  1020 1020 ASP ASP A . n 
A 1 43  TYR 43  1021 1021 TYR TYR A . n 
A 1 44  ARG 44  1022 1022 ARG ARG A . n 
A 1 45  THR 45  1023 1023 THR THR A . n 
A 1 46  VAL 46  1024 1024 VAL VAL A . n 
A 1 47  ILE 47  1025 1025 ILE ILE A . n 
A 1 48  LYS 48  1026 1026 LYS LYS A . n 
A 1 49  GLU 49  1027 1027 GLU GLU A . n 
A 1 50  PRO 50  1028 1028 PRO PRO A . n 
A 1 51  MET 51  1029 1029 MET MET A . n 
A 1 52  ASP 52  1030 1030 ASP ASP A . n 
A 1 53  LEU 53  1031 1031 LEU LEU A . n 
A 1 54  SER 54  1032 1032 SER SER A . n 
A 1 55  SER 55  1033 1033 SER SER A . n 
A 1 56  VAL 56  1034 1034 VAL VAL A . n 
A 1 57  ILE 57  1035 1035 ILE ILE A . n 
A 1 58  SER 58  1036 1036 SER SER A . n 
A 1 59  LYS 59  1037 1037 LYS LYS A . n 
A 1 60  ILE 60  1038 1038 ILE ILE A . n 
A 1 61  ASP 61  1039 1039 ASP ASP A . n 
A 1 62  LEU 62  1040 1040 LEU LEU A . n 
A 1 63  HIS 63  1041 1041 HIS HIS A . n 
A 1 64  LYS 64  1042 1042 LYS LYS A . n 
A 1 65  TYR 65  1043 1043 TYR TYR A . n 
A 1 66  LEU 66  1044 1044 LEU LEU A . n 
A 1 67  THR 67  1045 1045 THR THR A . n 
A 1 68  VAL 68  1046 1046 VAL VAL A . n 
A 1 69  LYS 69  1047 1047 LYS LYS A . n 
A 1 70  ASP 70  1048 1048 ASP ASP A . n 
A 1 71  TYR 71  1049 1049 TYR TYR A . n 
A 1 72  LEU 72  1050 1050 LEU LEU A . n 
A 1 73  ARG 73  1051 1051 ARG ARG A . n 
A 1 74  ASP 74  1052 1052 ASP ASP A . n 
A 1 75  ILE 75  1053 1053 ILE ILE A . n 
A 1 76  ASP 76  1054 1054 ASP ASP A . n 
A 1 77  LEU 77  1055 1055 LEU LEU A . n 
A 1 78  ILE 78  1056 1056 ILE ILE A . n 
A 1 79  CYS 79  1057 1057 CYS CYS A . n 
A 1 80  SER 80  1058 1058 SER SER A . n 
A 1 81  ASN 81  1059 1059 ASN ASN A . n 
A 1 82  ALA 82  1060 1060 ALA ALA A . n 
A 1 83  LEU 83  1061 1061 LEU LEU A . n 
A 1 84  GLU 84  1062 1062 GLU GLU A . n 
A 1 85  TYR 85  1063 1063 TYR TYR A . n 
A 1 86  ASN 86  1064 1064 ASN ASN A . n 
A 1 87  PRO 87  1065 1065 PRO PRO A . n 
A 1 88  ASP 88  1066 1066 ASP ASP A . n 
A 1 89  ARG 89  1067 1067 ARG ARG A . n 
A 1 90  ASP 90  1068 1068 ASP ASP A . n 
A 1 91  PRO 91  1069 1069 PRO PRO A . n 
A 1 92  GLY 92  1070 1070 GLY GLY A . n 
A 1 93  ASP 93  1071 1071 ASP ASP A . n 
A 1 94  ARG 94  1072 1072 ARG ARG A . n 
A 1 95  LEU 95  1073 1073 LEU LEU A . n 
A 1 96  ILE 96  1074 1074 ILE ILE A . n 
A 1 97  ARG 97  1075 1075 ARG ARG A . n 
A 1 98  HIS 98  1076 1076 HIS HIS A . n 
A 1 99  ARG 99  1077 1077 ARG ARG A . n 
A 1 100 ALA 100 1078 1078 ALA ALA A . n 
A 1 101 CYS 101 1079 1079 CYS CYS A . n 
A 1 102 ALA 102 1080 1080 ALA ALA A . n 
A 1 103 LEU 103 1081 1081 LEU LEU A . n 
A 1 104 ARG 104 1082 1082 ARG ARG A . n 
A 1 105 ASP 105 1083 1083 ASP ASP A . n 
A 1 106 THR 106 1084 1084 THR THR A . n 
A 1 107 ALA 107 1085 1085 ALA ALA A . n 
A 1 108 TYR 108 1086 1086 TYR TYR A . n 
A 1 109 ALA 109 1087 1087 ALA ALA A . n 
A 1 110 ILE 110 1088 1088 ILE ILE A . n 
A 1 111 ILE 111 1089 1089 ILE ILE A . n 
A 1 112 LYS 112 1090 1090 LYS LYS A . n 
A 1 113 GLU 113 1091 1091 GLU GLU A . n 
A 1 114 GLU 114 1092 1092 GLU GLU A . n 
A 1 115 LEU 115 1093 1093 LEU LEU A . n 
A 1 116 ASP 116 1094 1094 ASP ASP A . n 
A 1 117 GLU 117 1095 1095 GLU GLU A . n 
A 1 118 ASP 118 1096 1096 ASP ASP A . n 
A 1 119 PHE 119 1097 1097 PHE PHE A . n 
A 1 120 GLU 120 1098 1098 GLU GLU A . n 
A 1 121 GLN 121 1099 1099 GLN GLN A . n 
A 1 122 LEU 122 1100 1100 LEU LEU A . n 
A 1 123 CYS 123 1101 1101 CYS CYS A . n 
A 1 124 GLU 124 1102 1102 GLU GLU A . n 
A 1 125 GLU 125 1103 1103 GLU GLU A . n 
A 1 126 ILE 126 1104 1104 ILE ILE A . n 
A 1 127 GLN 127 1105 1105 GLN GLN A . n 
A 1 128 GLU 128 1106 1106 GLU GLU A . n 
A 1 129 SER 129 1107 1107 SER SER A . n 
A 1 130 ARG 130 1108 1108 ARG ARG A . n 
# 
loop_
_pdbx_nonpoly_scheme.asym_id 
_pdbx_nonpoly_scheme.entity_id 
_pdbx_nonpoly_scheme.mon_id 
_pdbx_nonpoly_scheme.ndb_seq_num 
_pdbx_nonpoly_scheme.pdb_seq_num 
_pdbx_nonpoly_scheme.auth_seq_num 
_pdbx_nonpoly_scheme.pdb_mon_id 
_pdbx_nonpoly_scheme.auth_mon_id 
_pdbx_nonpoly_scheme.pdb_strand_id 
_pdbx_nonpoly_scheme.pdb_ins_code 
B 2 RQP 1   1201 1201 RQP LIG A . 
C 3 SO4 1   1202 1    SO4 SO4 A . 
D 3 SO4 1   1203 2    SO4 SO4 A . 
E 4 EDO 1   1204 6    EDO EDO A . 
F 5 HOH 1   1301 29   HOH HOH A . 
F 5 HOH 2   1302 59   HOH HOH A . 
F 5 HOH 3   1303 200  HOH HOH A . 
F 5 HOH 4   1304 256  HOH HOH A . 
F 5 HOH 5   1305 7    HOH HOH A . 
F 5 HOH 6   1306 95   HOH HOH A . 
F 5 HOH 7   1307 259  HOH HOH A . 
F 5 HOH 8   1308 100  HOH HOH A . 
F 5 HOH 9   1309 142  HOH HOH A . 
F 5 HOH 10  1310 201  HOH HOH A . 
F 5 HOH 11  1311 118  HOH HOH A . 
F 5 HOH 12  1312 14   HOH HOH A . 
F 5 HOH 13  1313 123  HOH HOH A . 
F 5 HOH 14  1314 215  HOH HOH A . 
F 5 HOH 15  1315 106  HOH HOH A . 
F 5 HOH 16  1316 68   HOH HOH A . 
F 5 HOH 17  1317 47   HOH HOH A . 
F 5 HOH 18  1318 48   HOH HOH A . 
F 5 HOH 19  1319 5    HOH HOH A . 
F 5 HOH 20  1320 88   HOH HOH A . 
F 5 HOH 21  1321 50   HOH HOH A . 
F 5 HOH 22  1322 109  HOH HOH A . 
F 5 HOH 23  1323 70   HOH HOH A . 
F 5 HOH 24  1324 34   HOH HOH A . 
F 5 HOH 25  1325 130  HOH HOH A . 
F 5 HOH 26  1326 155  HOH HOH A . 
F 5 HOH 27  1327 160  HOH HOH A . 
F 5 HOH 28  1328 25   HOH HOH A . 
F 5 HOH 29  1329 86   HOH HOH A . 
F 5 HOH 30  1330 129  HOH HOH A . 
F 5 HOH 31  1331 75   HOH HOH A . 
F 5 HOH 32  1332 134  HOH HOH A . 
F 5 HOH 33  1333 165  HOH HOH A . 
F 5 HOH 34  1334 87   HOH HOH A . 
F 5 HOH 35  1335 246  HOH HOH A . 
F 5 HOH 36  1336 209  HOH HOH A . 
F 5 HOH 37  1337 13   HOH HOH A . 
F 5 HOH 38  1338 191  HOH HOH A . 
F 5 HOH 39  1339 206  HOH HOH A . 
F 5 HOH 40  1340 46   HOH HOH A . 
F 5 HOH 41  1341 45   HOH HOH A . 
F 5 HOH 42  1342 16   HOH HOH A . 
F 5 HOH 43  1343 163  HOH HOH A . 
F 5 HOH 44  1344 17   HOH HOH A . 
F 5 HOH 45  1345 28   HOH HOH A . 
F 5 HOH 46  1346 196  HOH HOH A . 
F 5 HOH 47  1347 147  HOH HOH A . 
F 5 HOH 48  1348 33   HOH HOH A . 
F 5 HOH 49  1349 23   HOH HOH A . 
F 5 HOH 50  1350 20   HOH HOH A . 
F 5 HOH 51  1351 189  HOH HOH A . 
F 5 HOH 52  1352 62   HOH HOH A . 
F 5 HOH 53  1353 79   HOH HOH A . 
F 5 HOH 54  1354 102  HOH HOH A . 
F 5 HOH 55  1355 26   HOH HOH A . 
F 5 HOH 56  1356 56   HOH HOH A . 
F 5 HOH 57  1357 19   HOH HOH A . 
F 5 HOH 58  1358 115  HOH HOH A . 
F 5 HOH 59  1359 194  HOH HOH A . 
F 5 HOH 60  1360 4    HOH HOH A . 
F 5 HOH 61  1361 24   HOH HOH A . 
F 5 HOH 62  1362 111  HOH HOH A . 
F 5 HOH 63  1363 217  HOH HOH A . 
F 5 HOH 64  1364 31   HOH HOH A . 
F 5 HOH 65  1365 64   HOH HOH A . 
F 5 HOH 66  1366 120  HOH HOH A . 
F 5 HOH 67  1367 211  HOH HOH A . 
F 5 HOH 68  1368 61   HOH HOH A . 
F 5 HOH 69  1369 6    HOH HOH A . 
F 5 HOH 70  1370 171  HOH HOH A . 
F 5 HOH 71  1371 141  HOH HOH A . 
F 5 HOH 72  1372 161  HOH HOH A . 
F 5 HOH 73  1373 15   HOH HOH A . 
F 5 HOH 74  1374 27   HOH HOH A . 
F 5 HOH 75  1375 32   HOH HOH A . 
F 5 HOH 76  1376 22   HOH HOH A . 
F 5 HOH 77  1377 49   HOH HOH A . 
F 5 HOH 78  1378 258  HOH HOH A . 
F 5 HOH 79  1379 221  HOH HOH A . 
F 5 HOH 80  1380 3    HOH HOH A . 
F 5 HOH 81  1381 51   HOH HOH A . 
F 5 HOH 82  1382 236  HOH HOH A . 
F 5 HOH 83  1383 39   HOH HOH A . 
F 5 HOH 84  1384 177  HOH HOH A . 
F 5 HOH 85  1385 77   HOH HOH A . 
F 5 HOH 86  1386 240  HOH HOH A . 
F 5 HOH 87  1387 11   HOH HOH A . 
F 5 HOH 88  1388 97   HOH HOH A . 
F 5 HOH 89  1389 92   HOH HOH A . 
F 5 HOH 90  1390 192  HOH HOH A . 
F 5 HOH 91  1391 197  HOH HOH A . 
F 5 HOH 92  1392 54   HOH HOH A . 
F 5 HOH 93  1393 40   HOH HOH A . 
F 5 HOH 94  1394 254  HOH HOH A . 
F 5 HOH 95  1395 175  HOH HOH A . 
F 5 HOH 96  1396 144  HOH HOH A . 
F 5 HOH 97  1397 10   HOH HOH A . 
F 5 HOH 98  1398 83   HOH HOH A . 
F 5 HOH 99  1399 113  HOH HOH A . 
F 5 HOH 100 1400 234  HOH HOH A . 
F 5 HOH 101 1401 85   HOH HOH A . 
F 5 HOH 102 1402 139  HOH HOH A . 
F 5 HOH 103 1403 98   HOH HOH A . 
F 5 HOH 104 1404 57   HOH HOH A . 
F 5 HOH 105 1405 96   HOH HOH A . 
F 5 HOH 106 1406 53   HOH HOH A . 
F 5 HOH 107 1407 116  HOH HOH A . 
F 5 HOH 108 1408 164  HOH HOH A . 
F 5 HOH 109 1409 66   HOH HOH A . 
F 5 HOH 110 1410 99   HOH HOH A . 
F 5 HOH 111 1411 176  HOH HOH A . 
F 5 HOH 112 1412 101  HOH HOH A . 
F 5 HOH 113 1413 190  HOH HOH A . 
F 5 HOH 114 1414 167  HOH HOH A . 
F 5 HOH 115 1415 150  HOH HOH A . 
F 5 HOH 116 1416 90   HOH HOH A . 
F 5 HOH 117 1417 253  HOH HOH A . 
F 5 HOH 118 1418 76   HOH HOH A . 
F 5 HOH 119 1419 245  HOH HOH A . 
F 5 HOH 120 1420 180  HOH HOH A . 
F 5 HOH 121 1421 52   HOH HOH A . 
F 5 HOH 122 1422 178  HOH HOH A . 
F 5 HOH 123 1423 30   HOH HOH A . 
F 5 HOH 124 1424 158  HOH HOH A . 
F 5 HOH 125 1425 132  HOH HOH A . 
F 5 HOH 126 1426 181  HOH HOH A . 
F 5 HOH 127 1427 18   HOH HOH A . 
F 5 HOH 128 1428 128  HOH HOH A . 
F 5 HOH 129 1429 94   HOH HOH A . 
F 5 HOH 130 1430 105  HOH HOH A . 
F 5 HOH 131 1431 233  HOH HOH A . 
F 5 HOH 132 1432 38   HOH HOH A . 
F 5 HOH 133 1433 110  HOH HOH A . 
F 5 HOH 134 1434 207  HOH HOH A . 
F 5 HOH 135 1435 225  HOH HOH A . 
F 5 HOH 136 1436 252  HOH HOH A . 
F 5 HOH 137 1437 60   HOH HOH A . 
F 5 HOH 138 1438 112  HOH HOH A . 
F 5 HOH 139 1439 152  HOH HOH A . 
F 5 HOH 140 1440 145  HOH HOH A . 
F 5 HOH 141 1441 210  HOH HOH A . 
F 5 HOH 142 1442 91   HOH HOH A . 
F 5 HOH 143 1443 81   HOH HOH A . 
F 5 HOH 144 1444 188  HOH HOH A . 
F 5 HOH 145 1445 243  HOH HOH A . 
F 5 HOH 146 1446 89   HOH HOH A . 
F 5 HOH 147 1447 119  HOH HOH A . 
F 5 HOH 148 1448 127  HOH HOH A . 
F 5 HOH 149 1449 93   HOH HOH A . 
F 5 HOH 150 1450 216  HOH HOH A . 
F 5 HOH 151 1451 140  HOH HOH A . 
F 5 HOH 152 1452 237  HOH HOH A . 
F 5 HOH 153 1453 159  HOH HOH A . 
F 5 HOH 154 1454 162  HOH HOH A . 
F 5 HOH 155 1455 44   HOH HOH A . 
F 5 HOH 156 1456 124  HOH HOH A . 
F 5 HOH 157 1457 149  HOH HOH A . 
F 5 HOH 158 1458 186  HOH HOH A . 
F 5 HOH 159 1459 104  HOH HOH A . 
F 5 HOH 160 1460 184  HOH HOH A . 
F 5 HOH 161 1461 37   HOH HOH A . 
F 5 HOH 162 1462 69   HOH HOH A . 
F 5 HOH 163 1463 72   HOH HOH A . 
F 5 HOH 164 1464 67   HOH HOH A . 
F 5 HOH 165 1465 122  HOH HOH A . 
F 5 HOH 166 1466 203  HOH HOH A . 
F 5 HOH 167 1467 143  HOH HOH A . 
F 5 HOH 168 1468 250  HOH HOH A . 
F 5 HOH 169 1469 214  HOH HOH A . 
F 5 HOH 170 1470 82   HOH HOH A . 
F 5 HOH 171 1471 185  HOH HOH A . 
F 5 HOH 172 1472 103  HOH HOH A . 
F 5 HOH 173 1473 114  HOH HOH A . 
F 5 HOH 174 1474 151  HOH HOH A . 
F 5 HOH 175 1475 204  HOH HOH A . 
F 5 HOH 176 1476 125  HOH HOH A . 
F 5 HOH 177 1477 157  HOH HOH A . 
F 5 HOH 178 1478 148  HOH HOH A . 
F 5 HOH 179 1479 146  HOH HOH A . 
F 5 HOH 180 1480 117  HOH HOH A . 
F 5 HOH 181 1481 183  HOH HOH A . 
F 5 HOH 182 1482 78   HOH HOH A . 
F 5 HOH 183 1483 71   HOH HOH A . 
F 5 HOH 184 1484 224  HOH HOH A . 
F 5 HOH 185 1485 154  HOH HOH A . 
F 5 HOH 186 1486 63   HOH HOH A . 
F 5 HOH 187 1487 213  HOH HOH A . 
F 5 HOH 188 1488 36   HOH HOH A . 
F 5 HOH 189 1489 202  HOH HOH A . 
F 5 HOH 190 1490 257  HOH HOH A . 
F 5 HOH 191 1491 230  HOH HOH A . 
F 5 HOH 192 1492 251  HOH HOH A . 
F 5 HOH 193 1493 255  HOH HOH A . 
F 5 HOH 194 1494 135  HOH HOH A . 
F 5 HOH 195 1495 137  HOH HOH A . 
F 5 HOH 196 1496 179  HOH HOH A . 
F 5 HOH 197 1497 219  HOH HOH A . 
F 5 HOH 198 1498 174  HOH HOH A . 
F 5 HOH 199 1499 244  HOH HOH A . 
F 5 HOH 200 1500 74   HOH HOH A . 
F 5 HOH 201 1501 55   HOH HOH A . 
F 5 HOH 202 1502 172  HOH HOH A . 
F 5 HOH 203 1503 249  HOH HOH A . 
F 5 HOH 204 1504 205  HOH HOH A . 
F 5 HOH 205 1505 136  HOH HOH A . 
F 5 HOH 206 1506 220  HOH HOH A . 
F 5 HOH 207 1507 248  HOH HOH A . 
F 5 HOH 208 1508 199  HOH HOH A . 
F 5 HOH 209 1509 168  HOH HOH A . 
F 5 HOH 210 1510 121  HOH HOH A . 
# 
loop_
_pdbx_unobs_or_zero_occ_atoms.id 
_pdbx_unobs_or_zero_occ_atoms.PDB_model_num 
_pdbx_unobs_or_zero_occ_atoms.polymer_flag 
_pdbx_unobs_or_zero_occ_atoms.occupancy_flag 
_pdbx_unobs_or_zero_occ_atoms.auth_asym_id 
_pdbx_unobs_or_zero_occ_atoms.auth_comp_id 
_pdbx_unobs_or_zero_occ_atoms.auth_seq_id 
_pdbx_unobs_or_zero_occ_atoms.PDB_ins_code 
_pdbx_unobs_or_zero_occ_atoms.auth_atom_id 
_pdbx_unobs_or_zero_occ_atoms.label_alt_id 
_pdbx_unobs_or_zero_occ_atoms.label_asym_id 
_pdbx_unobs_or_zero_occ_atoms.label_comp_id 
_pdbx_unobs_or_zero_occ_atoms.label_seq_id 
_pdbx_unobs_or_zero_occ_atoms.label_atom_id 
1 1 Y 1 A LYS 1004 ? CG ? A LYS 26 CG 
2 1 Y 1 A LYS 1004 ? CD ? A LYS 26 CD 
3 1 Y 1 A LYS 1004 ? CE ? A LYS 26 CE 
4 1 Y 1 A LYS 1004 ? NZ ? A LYS 26 NZ 
# 
loop_
_software.pdbx_ordinal 
_software.name 
_software.version 
_software.date 
_software.type 
_software.contact_author 
_software.contact_author_email 
_software.classification 
_software.location 
_software.language 
_software.citation_id 
1 REFMAC      5.8.0238 ?               program 'Garib N. Murshudov' garib@ysbl.york.ac.uk    refinement        
http://www.ccp4.ac.uk/dist/html/refmac5.html        Fortran_77 ? 
2 Aimless     0.5.23   02/02/16        program 'Phil Evans'         ?                        'data scaling'    
http://www.mrc-lmb.cam.ac.uk/harry/pre/aimless.html ?          ? 
3 PDB_EXTRACT 3.23     'SEP. 23, 2016' package PDB                  deposit@deposit.rcsb.org 'data extraction' 
http://sw-tools.pdb.org/apps/PDB_EXTRACT/           C++        ? 
4 XDS         .        ?               program ?                    ?                        'data reduction'  ? ?          ? 
5 REFMAC      .        ?               program ?                    ?                        phasing           ? ?          ? 
# 
_cell.entry_id           5R4E 
_cell.length_a           79.970 
_cell.length_b           79.970 
_cell.length_c           137.250 
_cell.angle_alpha        90.000 
_cell.angle_beta         90.000 
_cell.angle_gamma        120.000 
_cell.Z_PDB              12 
_cell.pdbx_unique_axis   ? 
# 
_symmetry.entry_id                         5R4E 
_symmetry.Int_Tables_number                179 
_symmetry.space_group_name_H-M             'P 65 2 2' 
_symmetry.pdbx_full_space_group_name_H-M   ? 
_symmetry.cell_setting                     ? 
# 
_exptl.crystals_number   1 
_exptl.entry_id          5R4E 
_exptl.method            'X-RAY DIFFRACTION' 
# 
_exptl_crystal.id                    1 
_exptl_crystal.pdbx_mosaicity        0.000 
_exptl_crystal.pdbx_mosaicity_esd    ? 
_exptl_crystal.density_Matthews      4.08 
_exptl_crystal.density_diffrn        ? 
_exptl_crystal.density_meas          ? 
_exptl_crystal.density_meas_temp     ? 
_exptl_crystal.density_percent_sol   69.88 
_exptl_crystal.size_max              ? 
_exptl_crystal.size_mid              ? 
_exptl_crystal.size_min              ? 
_exptl_crystal.size_rad              ? 
_exptl_crystal.description           ? 
# 
_exptl_crystal_grow.crystal_id      1 
_exptl_crystal_grow.method          'VAPOR DIFFUSION, SITTING DROP' 
_exptl_crystal_grow.pH              5.5 
_exptl_crystal_grow.temp            277 
_exptl_crystal_grow.pdbx_details    '1.6M Ammonium Sulfate, 0.1M bis-tris pH 5.5' 
_exptl_crystal_grow.temp_details    ? 
_exptl_crystal_grow.pdbx_pH_range   ? 
# 
_diffrn.id                     1 
_diffrn.ambient_temp           100 
_diffrn.crystal_id             1 
_diffrn.ambient_temp_details   ? 
# 
_diffrn_detector.detector               PIXEL 
_diffrn_detector.type                   'DECTRIS PILATUS 6M' 
_diffrn_detector.pdbx_collection_date   2016-04-26 
_diffrn_detector.diffrn_id              1 
_diffrn_detector.details                ? 
# 
_diffrn_radiation.diffrn_id                        1 
_diffrn_radiation.wavelength_id                    1 
_diffrn_radiation.pdbx_diffrn_protocol             'SINGLE WAVELENGTH' 
_diffrn_radiation.pdbx_monochromatic_or_laue_m_l   ? 
_diffrn_radiation.monochromator                    ? 
_diffrn_radiation.pdbx_scattering_type             x-ray 
# 
_diffrn_radiation_wavelength.id           1 
_diffrn_radiation_wavelength.wavelength   0.92819 
_diffrn_radiation_wavelength.wt           1.0 
# 
_diffrn_source.diffrn_id                   1 
_diffrn_source.source                      SYNCHROTRON 
_diffrn_source.type                        'DIAMOND BEAMLINE I04-1' 
_diffrn_source.pdbx_wavelength_list        0.92819 
_diffrn_source.pdbx_synchrotron_site       Diamond 
_diffrn_source.pdbx_synchrotron_beamline   I04-1 
_diffrn_source.pdbx_wavelength             ? 
# 
_reflns.entry_id                     5R4E 
_reflns.pdbx_diffrn_id               1 
_reflns.pdbx_ordinal                 1 
_reflns.observed_criterion_sigma_I   ? 
_reflns.observed_criterion_sigma_F   ? 
_reflns.d_resolution_low             69.260 
_reflns.d_resolution_high            1.830 
_reflns.number_obs                   23669 
_reflns.number_all                   ? 
_reflns.percent_possible_obs         100.000 
_reflns.pdbx_Rmerge_I_obs            0.195 
_reflns.pdbx_Rsym_value              ? 
_reflns.pdbx_netI_over_sigmaI        14.500 
_reflns.B_iso_Wilson_estimate        ? 
_reflns.pdbx_redundancy              18.800 
_reflns.pdbx_Rrim_I_all              0.201 
_reflns.pdbx_Rpim_I_all              0.046 
_reflns.pdbx_CC_half                 0.999 
_reflns.pdbx_netI_over_av_sigmaI     ? 
_reflns.pdbx_number_measured_all     444129 
_reflns.pdbx_scaling_rejects         355 
_reflns.pdbx_chi_squared             ? 
_reflns.Rmerge_F_all                 ? 
_reflns.Rmerge_F_obs                 ? 
_reflns.observed_criterion_F_max     ? 
_reflns.observed_criterion_F_min     ? 
_reflns.observed_criterion_I_max     ? 
_reflns.observed_criterion_I_min     ? 
_reflns.pdbx_d_res_high_opt          ? 
_reflns.pdbx_d_res_low_opt           ? 
_reflns.details                      ? 
# 
loop_
_reflns_shell.pdbx_diffrn_id 
_reflns_shell.pdbx_ordinal 
_reflns_shell.d_res_high 
_reflns_shell.d_res_low 
_reflns_shell.number_measured_obs 
_reflns_shell.number_measured_all 
_reflns_shell.number_unique_obs 
_reflns_shell.pdbx_rejects 
_reflns_shell.Rmerge_I_obs 
_reflns_shell.meanI_over_sigI_obs 
_reflns_shell.pdbx_Rsym_value 
_reflns_shell.pdbx_chi_squared 
_reflns_shell.pdbx_redundancy 
_reflns_shell.percent_possible_obs 
_reflns_shell.pdbx_netI_over_sigmaI_obs 
_reflns_shell.number_possible 
_reflns_shell.number_unique_all 
_reflns_shell.Rmerge_F_all 
_reflns_shell.Rmerge_F_obs 
_reflns_shell.Rmerge_I_all 
_reflns_shell.meanI_over_sigI_all 
_reflns_shell.percent_possible_all 
_reflns_shell.pdbx_Rrim_I_all 
_reflns_shell.pdbx_Rpim_I_all 
_reflns_shell.pdbx_CC_half 
1 1 1.830 1.880  ? 34054 ? ? 2.404 ? ? ? 20.100 ? 1.400  ? 1694 ? ? ? ? 100.000 2.467 0.548 0.494 
1 2 8.180 69.260 ? 5613  ? ? 0.046 ? ? ? 16.100 ? 45.900 ? 348  ? ? ? ? 100.000 0.047 0.011 1.000 
# 
_refine.entry_id                                 5R4E 
_refine.pdbx_refine_id                           'X-RAY DIFFRACTION' 
_refine.ls_d_res_high                            1.8300 
_refine.ls_d_res_low                             69.2600 
_refine.pdbx_ls_sigma_F                          0.000 
_refine.pdbx_data_cutoff_high_absF               ? 
_refine.pdbx_data_cutoff_low_absF                ? 
_refine.ls_percent_reflns_obs                    99.9700 
_refine.ls_number_reflns_obs                     22440 
_refine.ls_number_reflns_all                     ? 
_refine.pdbx_ls_cross_valid_method               THROUGHOUT 
_refine.ls_matrix_type                           ? 
_refine.pdbx_R_Free_selection_details            RANDOM 
_refine.details                                  
'HYDROGENS HAVE BEEN ADDED IN THE RIDING POSITIONS U VALUES      : REFINED INDIVIDUALLY' 
_refine.ls_R_factor_all                          ? 
_refine.ls_R_factor_obs                          0.2193 
_refine.ls_R_factor_R_work                       0.2170 
_refine.ls_wR_factor_R_work                      ? 
_refine.ls_R_factor_R_free                       0.2637 
_refine.ls_wR_factor_R_free                      ? 
_refine.ls_percent_reflns_R_free                 5.0000 
_refine.ls_number_reflns_R_free                  1170 
_refine.ls_number_reflns_R_work                  ? 
_refine.ls_R_factor_R_free_error                 ? 
_refine.B_iso_mean                               32.4870 
_refine.solvent_model_param_bsol                 ? 
_refine.solvent_model_param_ksol                 ? 
_refine.pdbx_isotropic_thermal_model             ? 
_refine.aniso_B[1][1]                            0.0900 
_refine.aniso_B[2][2]                            0.0900 
_refine.aniso_B[3][3]                            -0.2800 
_refine.aniso_B[1][2]                            0.0400 
_refine.aniso_B[1][3]                            0.0000 
_refine.aniso_B[2][3]                            -0.0000 
_refine.correlation_coeff_Fo_to_Fc               0.9450 
_refine.correlation_coeff_Fo_to_Fc_free          0.9250 
_refine.overall_SU_R_Cruickshank_DPI             ? 
_refine.pdbx_overall_SU_R_free_Cruickshank_DPI   ? 
_refine.pdbx_overall_SU_R_Blow_DPI               ? 
_refine.pdbx_overall_SU_R_free_Blow_DPI          ? 
_refine.overall_SU_R_free                        ? 
_refine.pdbx_overall_ESU_R                       0.3230 
_refine.pdbx_overall_ESU_R_Free                  0.2080 
_refine.overall_SU_ML                            0.2000 
_refine.overall_SU_B                             6.9630 
_refine.solvent_model_details                    MASK 
_refine.pdbx_solvent_vdw_probe_radii             1.2000 
_refine.pdbx_solvent_ion_probe_radii             0.8000 
_refine.pdbx_solvent_shrinkage_radii             0.8000 
_refine.ls_number_parameters                     ? 
_refine.ls_number_restraints                     ? 
_refine.pdbx_starting_model                      3DAI 
_refine.pdbx_method_to_determine_struct          'FOURIER SYNTHESIS' 
_refine.pdbx_stereochemistry_target_values       'MAXIMUM LIKELIHOOD' 
_refine.pdbx_stereochem_target_val_spec_case     ? 
_refine.overall_FOM_work_R_set                   ? 
_refine.B_iso_max                                312.810 
_refine.B_iso_min                                8.410 
_refine.pdbx_overall_phase_error                 ? 
_refine.occupancy_max                            ? 
_refine.occupancy_min                            ? 
_refine.pdbx_diffrn_id                           1 
_refine.pdbx_TLS_residual_ADP_flag               ? 
_refine.pdbx_ls_sigma_I                          ? 
_refine.pdbx_data_cutoff_high_rms_absF           ? 
_refine.ls_R_factor_R_free_error_details         ? 
# 
_refine_hist.cycle_id                         final 
_refine_hist.pdbx_refine_id                   'X-RAY DIFFRACTION' 
_refine_hist.d_res_high                       1.8300 
_refine_hist.d_res_low                        69.2600 
_refine_hist.pdbx_number_atoms_ligand         36 
_refine_hist.number_atoms_solvent             339 
_refine_hist.number_atoms_total               1459 
_refine_hist.pdbx_number_residues_total       130 
_refine_hist.pdbx_B_iso_mean_ligand           39.46 
_refine_hist.pdbx_B_iso_mean_solvent          39.26 
_refine_hist.pdbx_number_atoms_protein        1084 
_refine_hist.pdbx_number_atoms_nucleic_acid   0 
# 
loop_
_refine_ls_restr.pdbx_refine_id 
_refine_ls_restr.type 
_refine_ls_restr.number 
_refine_ls_restr.dev_ideal 
_refine_ls_restr.dev_ideal_target 
_refine_ls_restr.weight 
_refine_ls_restr.pdbx_restraint_function 
'X-RAY DIFFRACTION' r_bond_refined_d       5934 0.024  0.016  ? ? 
'X-RAY DIFFRACTION' r_bond_other_d         2801 0.005  0.018  ? ? 
'X-RAY DIFFRACTION' r_angle_refined_deg    4311 1.455  1.701  ? ? 
'X-RAY DIFFRACTION' r_angle_other_deg      6577 1.285  1.623  ? ? 
'X-RAY DIFFRACTION' r_dihedral_angle_1_deg 404  4.918  5.000  ? ? 
'X-RAY DIFFRACTION' r_dihedral_angle_2_deg 236  29.935 21.568 ? ? 
'X-RAY DIFFRACTION' r_dihedral_angle_3_deg 616  16.193 15.000 ? ? 
'X-RAY DIFFRACTION' r_dihedral_angle_4_deg 44   14.491 15.000 ? ? 
'X-RAY DIFFRACTION' r_chiral_restr         369  0.386  0.200  ? ? 
'X-RAY DIFFRACTION' r_gen_planes_refined   3872 0.006  0.020  ? ? 
'X-RAY DIFFRACTION' r_gen_planes_other     719  0.003  0.020  ? ? 
'X-RAY DIFFRACTION' r_mcbond_it            2920 1.455  3.143  ? ? 
'X-RAY DIFFRACTION' r_mcbond_other         2319 1.631  2.989  ? ? 
'X-RAY DIFFRACTION' r_mcangle_it           1882 3.350  4.537  ? ? 
# 
_refine_ls_shell.d_res_high                       1.8300 
_refine_ls_shell.d_res_low                        1.8770 
_refine_ls_shell.pdbx_total_number_of_bins_used   20 
_refine_ls_shell.percent_reflns_obs               100.0000 
_refine_ls_shell.number_reflns_R_work             1593 
_refine_ls_shell.R_factor_all                     ? 
_refine_ls_shell.R_factor_R_work                  0.4130 
_refine_ls_shell.R_factor_R_free                  0.4850 
_refine_ls_shell.percent_reflns_R_free            ? 
_refine_ls_shell.number_reflns_R_free             95 
_refine_ls_shell.R_factor_R_free_error            ? 
_refine_ls_shell.number_reflns_all                1688 
_refine_ls_shell.number_reflns_obs                ? 
_refine_ls_shell.pdbx_refine_id                   'X-RAY DIFFRACTION' 
# 
_struct.entry_id                  5R4E 
_struct.title                     'PanDDA analysis group deposition -- Crystal Structure of ATAD2 in complex with RZ201' 
_struct.pdbx_model_details        ? 
_struct.pdbx_CASP_flag            ? 
_struct.pdbx_model_type_details   ? 
# 
_struct_keywords.entry_id        5R4E 
_struct_keywords.text            
'SGC - Diamond I04-1 fragment screening, PanDDA, XChemExplorer, HYDROLASE-HYDROLASE INHIBITOR complex' 
_struct_keywords.pdbx_keywords   'HYDROLASE/HYDROLASE INHIBITOR' 
# 
loop_
_struct_asym.id 
_struct_asym.pdbx_blank_PDB_chainid_flag 
_struct_asym.pdbx_modified 
_struct_asym.entity_id 
_struct_asym.details 
A N N 1 ? 
B N N 2 ? 
C N N 3 ? 
D N N 3 ? 
E N N 4 ? 
F N N 5 ? 
# 
_struct_ref.id                         1 
_struct_ref.db_name                    UNP 
_struct_ref.db_code                    ATAD2_HUMAN 
_struct_ref.pdbx_db_accession          Q6PL18 
_struct_ref.pdbx_db_isoform            ? 
_struct_ref.entity_id                  1 
_struct_ref.pdbx_seq_one_letter_code   
;QEEDTFRELRIFLRNVTHRLAIDKRFRVFTKPVDPDEVPDYVTVIKQPMDLSSVISKIDLHKYLTVKDYLRDIDLICSNA
LEYNPDRDPGDRLIRHRACALRDTAYAIIKEELDEDFEQLCEEIQESR
;
_struct_ref.pdbx_align_begin           981 
# 
_struct_ref_seq.align_id                      1 
_struct_ref_seq.ref_id                        1 
_struct_ref_seq.pdbx_PDB_id_code              5R4E 
_struct_ref_seq.pdbx_strand_id                A 
_struct_ref_seq.seq_align_beg                 3 
_struct_ref_seq.pdbx_seq_align_beg_ins_code   ? 
_struct_ref_seq.seq_align_end                 130 
_struct_ref_seq.pdbx_seq_align_end_ins_code   ? 
_struct_ref_seq.pdbx_db_accession             Q6PL18 
_struct_ref_seq.db_align_beg                  981 
_struct_ref_seq.pdbx_db_align_beg_ins_code    ? 
_struct_ref_seq.db_align_end                  1108 
_struct_ref_seq.pdbx_db_align_end_ins_code    ? 
_struct_ref_seq.pdbx_auth_seq_align_beg       981 
_struct_ref_seq.pdbx_auth_seq_align_end       1108 
# 
loop_
_struct_ref_seq_dif.align_id 
_struct_ref_seq_dif.pdbx_pdb_id_code 
_struct_ref_seq_dif.mon_id 
_struct_ref_seq_dif.pdbx_pdb_strand_id 
_struct_ref_seq_dif.seq_num 
_struct_ref_seq_dif.pdbx_pdb_ins_code 
_struct_ref_seq_dif.pdbx_seq_db_name 
_struct_ref_seq_dif.pdbx_seq_db_accession_code 
_struct_ref_seq_dif.db_mon_id 
_struct_ref_seq_dif.pdbx_seq_db_seq_num 
_struct_ref_seq_dif.details 
_struct_ref_seq_dif.pdbx_auth_seq_num 
_struct_ref_seq_dif.pdbx_ordinal 
1 5R4E SER A 1  ? UNP Q6PL18 ?   ?    'expression tag' 979  1 
1 5R4E MET A 2  ? UNP Q6PL18 ?   ?    'expression tag' 980  2 
1 5R4E ARG A 44 ? UNP Q6PL18 VAL 1022 conflict         1022 3 
1 5R4E GLU A 49 ? UNP Q6PL18 GLN 1027 conflict         1027 4 
# 
_pdbx_struct_assembly.id                   1 
_pdbx_struct_assembly.details              author_and_software_defined_assembly 
_pdbx_struct_assembly.method_details       PISA 
_pdbx_struct_assembly.oligomeric_details   monomeric 
_pdbx_struct_assembly.oligomeric_count     1 
# 
_pdbx_struct_assembly_gen.assembly_id       1 
_pdbx_struct_assembly_gen.oper_expression   1 
_pdbx_struct_assembly_gen.asym_id_list      A,B,C,D,E,F 
# 
_pdbx_struct_oper_list.id                   1 
_pdbx_struct_oper_list.type                 'identity operation' 
_pdbx_struct_oper_list.name                 1_555 
_pdbx_struct_oper_list.symmetry_operation   x,y,z 
_pdbx_struct_oper_list.matrix[1][1]         1.0000000000 
_pdbx_struct_oper_list.matrix[1][2]         0.0000000000 
_pdbx_struct_oper_list.matrix[1][3]         0.0000000000 
_pdbx_struct_oper_list.vector[1]            0.0000000000 
_pdbx_struct_oper_list.matrix[2][1]         0.0000000000 
_pdbx_struct_oper_list.matrix[2][2]         1.0000000000 
_pdbx_struct_oper_list.matrix[2][3]         0.0000000000 
_pdbx_struct_oper_list.vector[2]            0.0000000000 
_pdbx_struct_oper_list.matrix[3][1]         0.0000000000 
_pdbx_struct_oper_list.matrix[3][2]         0.0000000000 
_pdbx_struct_oper_list.matrix[3][3]         1.0000000000 
_pdbx_struct_oper_list.vector[3]            0.0000000000 
# 
loop_
_struct_conf.conf_type_id 
_struct_conf.id 
_struct_conf.pdbx_PDB_helix_id 
_struct_conf.beg_label_comp_id 
_struct_conf.beg_label_asym_id 
_struct_conf.beg_label_seq_id 
_struct_conf.pdbx_beg_PDB_ins_code 
_struct_conf.end_label_comp_id 
_struct_conf.end_label_asym_id 
_struct_conf.end_label_seq_id 
_struct_conf.pdbx_end_PDB_ins_code 
_struct_conf.beg_auth_comp_id 
_struct_conf.beg_auth_asym_id 
_struct_conf.beg_auth_seq_id 
_struct_conf.end_auth_comp_id 
_struct_conf.end_auth_asym_id 
_struct_conf.end_auth_seq_id 
_struct_conf.pdbx_PDB_helix_class 
_struct_conf.details 
_struct_conf.pdbx_PDB_helix_length 
HELX_P HELX_P1 AA1 SER A 1   ? ILE A 24  ? SER A 979  ILE A 1002 1 ? 24 
HELX_P HELX_P2 AA2 ASP A 25  ? THR A 32  ? ASP A 1003 THR A 1010 5 ? 8  
HELX_P HELX_P3 AA3 ASP A 42  ? ILE A 47  ? ASP A 1020 ILE A 1025 1 ? 6  
HELX_P HELX_P4 AA4 ASP A 52  ? LEU A 62  ? ASP A 1030 LEU A 1040 1 ? 11 
HELX_P HELX_P5 AA5 THR A 67  ? ASN A 86  ? THR A 1045 ASN A 1064 1 ? 20 
HELX_P HELX_P6 AA6 ASP A 90  ? LEU A 115 ? ASP A 1068 LEU A 1093 1 ? 26 
HELX_P HELX_P7 AA7 ASP A 116 ? SER A 129 ? ASP A 1094 SER A 1107 1 ? 14 
# 
_struct_conf_type.id          HELX_P 
_struct_conf_type.criteria    ? 
_struct_conf_type.reference   ? 
# 
loop_
_struct_site.id 
_struct_site.pdbx_evidence_code 
_struct_site.pdbx_auth_asym_id 
_struct_site.pdbx_auth_comp_id 
_struct_site.pdbx_auth_seq_id 
_struct_site.pdbx_auth_ins_code 
_struct_site.pdbx_num_residues 
_struct_site.details 
AC1 Software A RQP 1201 ? 12 'binding site for residue RQP A 1201' 
AC2 Software A SO4 1202 ? 8  'binding site for residue SO4 A 1202' 
AC3 Software A SO4 1203 ? 7  'binding site for residue SO4 A 1203' 
AC4 Software A EDO 1204 ? 3  'binding site for residue EDO A 1204' 
# 
loop_
_struct_site_gen.id 
_struct_site_gen.site_id 
_struct_site_gen.pdbx_num_res 
_struct_site_gen.label_comp_id 
_struct_site_gen.label_asym_id 
_struct_site_gen.label_seq_id 
_struct_site_gen.pdbx_auth_ins_code 
_struct_site_gen.auth_comp_id 
_struct_site_gen.auth_asym_id 
_struct_site_gen.auth_seq_id 
_struct_site_gen.label_atom_id 
_struct_site_gen.label_alt_id 
_struct_site_gen.symmetry 
_struct_site_gen.details 
1  AC1 12 GLU A 10  ? GLU A 988  . ? 1_555  ? 
2  AC1 12 ILE A 13  ? ILE A 991  . ? 10_665 ? 
3  AC1 12 PHE A 14  ? PHE A 992  . ? 1_555  ? 
4  AC1 12 ASN A 17  ? ASN A 995  . ? 10_665 ? 
5  AC1 12 PRO A 91  ? PRO A 1069 . ? 8_565  ? 
6  AC1 12 GLU A 114 ? GLU A 1092 . ? 1_555  ? 
7  AC1 12 LEU A 115 ? LEU A 1093 . ? 1_555  ? 
8  AC1 12 ASP A 116 ? ASP A 1094 . ? 1_555  ? 
9  AC1 12 PHE A 119 ? PHE A 1097 . ? 1_555  ? 
10 AC1 12 HOH F .   ? HOH A 1307 . ? 1_555  ? 
11 AC1 12 HOH F .   ? HOH A 1360 . ? 10_665 ? 
12 AC1 12 HOH F .   ? HOH A 1363 . ? 8_565  ? 
13 AC2 8  ARG A 9   ? ARG A 987  . ? 6_654  ? 
14 AC2 8  ARG A 12  ? ARG A 990  . ? 6_654  ? 
15 AC2 8  ARG A 16  ? ARG A 994  . ? 6_654  ? 
16 AC2 8  ARG A 89  ? ARG A 1067 . ? 1_555  ? 
17 AC2 8  HOH F .   ? HOH A 1304 . ? 1_555  ? 
18 AC2 8  HOH F .   ? HOH A 1313 . ? 1_555  ? 
19 AC2 8  HOH F .   ? HOH A 1325 . ? 1_555  ? 
20 AC2 8  HOH F .   ? HOH A 1339 . ? 1_555  ? 
21 AC3 7  LYS A 59  ? LYS A 1037 . ? 12_564 ? 
22 AC3 7  LYS A 64  ? LYS A 1042 . ? 12_564 ? 
23 AC3 7  LYS A 64  ? LYS A 1042 . ? 1_555  ? 
24 AC3 7  HOH F .   ? HOH A 1309 . ? 1_555  ? 
25 AC3 7  HOH F .   ? HOH A 1309 . ? 12_564 ? 
26 AC3 7  HOH F .   ? HOH A 1324 . ? 12_564 ? 
27 AC3 7  HOH F .   ? HOH A 1324 . ? 1_555  ? 
28 AC4 3  PRO A 50  ? PRO A 1028 . ? 12_564 ? 
29 AC4 3  SER A 58  ? SER A 1036 . ? 1_555  ? 
30 AC4 3  HOH F .   ? HOH A 1349 . ? 1_555  ? 
# 
_pdbx_validate_close_contact.id               1 
_pdbx_validate_close_contact.PDB_model_num    1 
_pdbx_validate_close_contact.auth_atom_id_1   OD2 
_pdbx_validate_close_contact.auth_asym_id_1   A 
_pdbx_validate_close_contact.auth_comp_id_1   ASP 
_pdbx_validate_close_contact.auth_seq_id_1    1030 
_pdbx_validate_close_contact.PDB_ins_code_1   ? 
_pdbx_validate_close_contact.label_alt_id_1   ? 
_pdbx_validate_close_contact.auth_atom_id_2   OG 
_pdbx_validate_close_contact.auth_asym_id_2   A 
_pdbx_validate_close_contact.auth_comp_id_2   SER 
_pdbx_validate_close_contact.auth_seq_id_2    1032 
_pdbx_validate_close_contact.PDB_ins_code_2   ? 
_pdbx_validate_close_contact.label_alt_id_2   C 
_pdbx_validate_close_contact.dist             2.05 
# 
_pdbx_validate_rmsd_angle.id                         1 
_pdbx_validate_rmsd_angle.PDB_model_num              1 
_pdbx_validate_rmsd_angle.auth_atom_id_1             NE 
_pdbx_validate_rmsd_angle.auth_asym_id_1             A 
_pdbx_validate_rmsd_angle.auth_comp_id_1             ARG 
_pdbx_validate_rmsd_angle.auth_seq_id_1              999 
_pdbx_validate_rmsd_angle.PDB_ins_code_1             ? 
_pdbx_validate_rmsd_angle.label_alt_id_1             ? 
_pdbx_validate_rmsd_angle.auth_atom_id_2             CZ 
_pdbx_validate_rmsd_angle.auth_asym_id_2             A 
_pdbx_validate_rmsd_angle.auth_comp_id_2             ARG 
_pdbx_validate_rmsd_angle.auth_seq_id_2              999 
_pdbx_validate_rmsd_angle.PDB_ins_code_2             ? 
_pdbx_validate_rmsd_angle.label_alt_id_2             ? 
_pdbx_validate_rmsd_angle.auth_atom_id_3             NH1 
_pdbx_validate_rmsd_angle.auth_asym_id_3             A 
_pdbx_validate_rmsd_angle.auth_comp_id_3             ARG 
_pdbx_validate_rmsd_angle.auth_seq_id_3              999 
_pdbx_validate_rmsd_angle.PDB_ins_code_3             ? 
_pdbx_validate_rmsd_angle.label_alt_id_3             ? 
_pdbx_validate_rmsd_angle.angle_value                116.65 
_pdbx_validate_rmsd_angle.angle_target_value         120.30 
_pdbx_validate_rmsd_angle.angle_deviation            -3.65 
_pdbx_validate_rmsd_angle.angle_standard_deviation   0.50 
_pdbx_validate_rmsd_angle.linker_flag                N 
# 
loop_
_pdbx_validate_torsion.id 
_pdbx_validate_torsion.PDB_model_num 
_pdbx_validate_torsion.auth_comp_id 
_pdbx_validate_torsion.auth_asym_id 
_pdbx_validate_torsion.auth_seq_id 
_pdbx_validate_torsion.PDB_ins_code 
_pdbx_validate_torsion.label_alt_id 
_pdbx_validate_torsion.phi 
_pdbx_validate_torsion.psi 
1 1 ARG A 1067 ? ? -64.09  96.63  
2 1 ASP A 1068 ? ? -177.37 120.93 
# 
_pdbx_struct_special_symmetry.id              1 
_pdbx_struct_special_symmetry.PDB_model_num   1 
_pdbx_struct_special_symmetry.auth_asym_id    A 
_pdbx_struct_special_symmetry.auth_comp_id    SO4 
_pdbx_struct_special_symmetry.auth_seq_id     1203 
_pdbx_struct_special_symmetry.PDB_ins_code    ? 
_pdbx_struct_special_symmetry.label_asym_id   D 
_pdbx_struct_special_symmetry.label_comp_id   SO4 
_pdbx_struct_special_symmetry.label_seq_id    . 
# 
_phasing.method   MR 
# 
_pdbx_entry_details.entry_id                 5R4E 
_pdbx_entry_details.has_ligand_of_interest   Y 
_pdbx_entry_details.compound_details         ? 
_pdbx_entry_details.source_details           ? 
_pdbx_entry_details.nonpolymer_details       ? 
_pdbx_entry_details.sequence_details         ? 
# 
loop_
_pdbx_distant_solvent_atoms.id 
_pdbx_distant_solvent_atoms.PDB_model_num 
_pdbx_distant_solvent_atoms.auth_atom_id 
_pdbx_distant_solvent_atoms.label_alt_id 
_pdbx_distant_solvent_atoms.auth_asym_id 
_pdbx_distant_solvent_atoms.auth_comp_id 
_pdbx_distant_solvent_atoms.auth_seq_id 
_pdbx_distant_solvent_atoms.PDB_ins_code 
_pdbx_distant_solvent_atoms.neighbor_macromolecule_distance 
_pdbx_distant_solvent_atoms.neighbor_ligand_distance 
1 1 O A A HOH 1507 ? 6.15 . 
2 1 O A A HOH 1508 ? 6.30 . 
3 1 O A A HOH 1509 ? 6.61 . 
4 1 O ? A HOH 1510 ? 6.78 . 
# 
loop_
_chem_comp_atom.comp_id 
_chem_comp_atom.atom_id 
_chem_comp_atom.type_symbol 
_chem_comp_atom.pdbx_aromatic_flag 
_chem_comp_atom.pdbx_stereo_config 
_chem_comp_atom.pdbx_ordinal 
ALA N    N N N 1   
ALA CA   C N S 2   
ALA C    C N N 3   
ALA O    O N N 4   
ALA CB   C N N 5   
ALA OXT  O N N 6   
ALA H    H N N 7   
ALA H2   H N N 8   
ALA HA   H N N 9   
ALA HB1  H N N 10  
ALA HB2  H N N 11  
ALA HB3  H N N 12  
ALA HXT  H N N 13  
ARG N    N N N 14  
ARG CA   C N S 15  
ARG C    C N N 16  
ARG O    O N N 17  
ARG CB   C N N 18  
ARG CG   C N N 19  
ARG CD   C N N 20  
ARG NE   N N N 21  
ARG CZ   C N N 22  
ARG NH1  N N N 23  
ARG NH2  N N N 24  
ARG OXT  O N N 25  
ARG H    H N N 26  
ARG H2   H N N 27  
ARG HA   H N N 28  
ARG HB2  H N N 29  
ARG HB3  H N N 30  
ARG HG2  H N N 31  
ARG HG3  H N N 32  
ARG HD2  H N N 33  
ARG HD3  H N N 34  
ARG HE   H N N 35  
ARG HH11 H N N 36  
ARG HH12 H N N 37  
ARG HH21 H N N 38  
ARG HH22 H N N 39  
ARG HXT  H N N 40  
ASN N    N N N 41  
ASN CA   C N S 42  
ASN C    C N N 43  
ASN O    O N N 44  
ASN CB   C N N 45  
ASN CG   C N N 46  
ASN OD1  O N N 47  
ASN ND2  N N N 48  
ASN OXT  O N N 49  
ASN H    H N N 50  
ASN H2   H N N 51  
ASN HA   H N N 52  
ASN HB2  H N N 53  
ASN HB3  H N N 54  
ASN HD21 H N N 55  
ASN HD22 H N N 56  
ASN HXT  H N N 57  
ASP N    N N N 58  
ASP CA   C N S 59  
ASP C    C N N 60  
ASP O    O N N 61  
ASP CB   C N N 62  
ASP CG   C N N 63  
ASP OD1  O N N 64  
ASP OD2  O N N 65  
ASP OXT  O N N 66  
ASP H    H N N 67  
ASP H2   H N N 68  
ASP HA   H N N 69  
ASP HB2  H N N 70  
ASP HB3  H N N 71  
ASP HD2  H N N 72  
ASP HXT  H N N 73  
CYS N    N N N 74  
CYS CA   C N R 75  
CYS C    C N N 76  
CYS O    O N N 77  
CYS CB   C N N 78  
CYS SG   S N N 79  
CYS OXT  O N N 80  
CYS H    H N N 81  
CYS H2   H N N 82  
CYS HA   H N N 83  
CYS HB2  H N N 84  
CYS HB3  H N N 85  
CYS HG   H N N 86  
CYS HXT  H N N 87  
EDO C1   C N N 88  
EDO O1   O N N 89  
EDO C2   C N N 90  
EDO O2   O N N 91  
EDO H11  H N N 92  
EDO H12  H N N 93  
EDO HO1  H N N 94  
EDO H21  H N N 95  
EDO H22  H N N 96  
EDO HO2  H N N 97  
GLN N    N N N 98  
GLN CA   C N S 99  
GLN C    C N N 100 
GLN O    O N N 101 
GLN CB   C N N 102 
GLN CG   C N N 103 
GLN CD   C N N 104 
GLN OE1  O N N 105 
GLN NE2  N N N 106 
GLN OXT  O N N 107 
GLN H    H N N 108 
GLN H2   H N N 109 
GLN HA   H N N 110 
GLN HB2  H N N 111 
GLN HB3  H N N 112 
GLN HG2  H N N 113 
GLN HG3  H N N 114 
GLN HE21 H N N 115 
GLN HE22 H N N 116 
GLN HXT  H N N 117 
GLU N    N N N 118 
GLU CA   C N S 119 
GLU C    C N N 120 
GLU O    O N N 121 
GLU CB   C N N 122 
GLU CG   C N N 123 
GLU CD   C N N 124 
GLU OE1  O N N 125 
GLU OE2  O N N 126 
GLU OXT  O N N 127 
GLU H    H N N 128 
GLU H2   H N N 129 
GLU HA   H N N 130 
GLU HB2  H N N 131 
GLU HB3  H N N 132 
GLU HG2  H N N 133 
GLU HG3  H N N 134 
GLU HE2  H N N 135 
GLU HXT  H N N 136 
GLY N    N N N 137 
GLY CA   C N N 138 
GLY C    C N N 139 
GLY O    O N N 140 
GLY OXT  O N N 141 
GLY H    H N N 142 
GLY H2   H N N 143 
GLY HA2  H N N 144 
GLY HA3  H N N 145 
GLY HXT  H N N 146 
HIS N    N N N 147 
HIS CA   C N S 148 
HIS C    C N N 149 
HIS O    O N N 150 
HIS CB   C N N 151 
HIS CG   C Y N 152 
HIS ND1  N Y N 153 
HIS CD2  C Y N 154 
HIS CE1  C Y N 155 
HIS NE2  N Y N 156 
HIS OXT  O N N 157 
HIS H    H N N 158 
HIS H2   H N N 159 
HIS HA   H N N 160 
HIS HB2  H N N 161 
HIS HB3  H N N 162 
HIS HD1  H N N 163 
HIS HD2  H N N 164 
HIS HE1  H N N 165 
HIS HE2  H N N 166 
HIS HXT  H N N 167 
HOH O    O N N 168 
HOH H1   H N N 169 
HOH H2   H N N 170 
ILE N    N N N 171 
ILE CA   C N S 172 
ILE C    C N N 173 
ILE O    O N N 174 
ILE CB   C N S 175 
ILE CG1  C N N 176 
ILE CG2  C N N 177 
ILE CD1  C N N 178 
ILE OXT  O N N 179 
ILE H    H N N 180 
ILE H2   H N N 181 
ILE HA   H N N 182 
ILE HB   H N N 183 
ILE HG12 H N N 184 
ILE HG13 H N N 185 
ILE HG21 H N N 186 
ILE HG22 H N N 187 
ILE HG23 H N N 188 
ILE HD11 H N N 189 
ILE HD12 H N N 190 
ILE HD13 H N N 191 
ILE HXT  H N N 192 
LEU N    N N N 193 
LEU CA   C N S 194 
LEU C    C N N 195 
LEU O    O N N 196 
LEU CB   C N N 197 
LEU CG   C N N 198 
LEU CD1  C N N 199 
LEU CD2  C N N 200 
LEU OXT  O N N 201 
LEU H    H N N 202 
LEU H2   H N N 203 
LEU HA   H N N 204 
LEU HB2  H N N 205 
LEU HB3  H N N 206 
LEU HG   H N N 207 
LEU HD11 H N N 208 
LEU HD12 H N N 209 
LEU HD13 H N N 210 
LEU HD21 H N N 211 
LEU HD22 H N N 212 
LEU HD23 H N N 213 
LEU HXT  H N N 214 
LYS N    N N N 215 
LYS CA   C N S 216 
LYS C    C N N 217 
LYS O    O N N 218 
LYS CB   C N N 219 
LYS CG   C N N 220 
LYS CD   C N N 221 
LYS CE   C N N 222 
LYS NZ   N N N 223 
LYS OXT  O N N 224 
LYS H    H N N 225 
LYS H2   H N N 226 
LYS HA   H N N 227 
LYS HB2  H N N 228 
LYS HB3  H N N 229 
LYS HG2  H N N 230 
LYS HG3  H N N 231 
LYS HD2  H N N 232 
LYS HD3  H N N 233 
LYS HE2  H N N 234 
LYS HE3  H N N 235 
LYS HZ1  H N N 236 
LYS HZ2  H N N 237 
LYS HZ3  H N N 238 
LYS HXT  H N N 239 
MET N    N N N 240 
MET CA   C N S 241 
MET C    C N N 242 
MET O    O N N 243 
MET CB   C N N 244 
MET CG   C N N 245 
MET SD   S N N 246 
MET CE   C N N 247 
MET OXT  O N N 248 
MET H    H N N 249 
MET H2   H N N 250 
MET HA   H N N 251 
MET HB2  H N N 252 
MET HB3  H N N 253 
MET HG2  H N N 254 
MET HG3  H N N 255 
MET HE1  H N N 256 
MET HE2  H N N 257 
MET HE3  H N N 258 
MET HXT  H N N 259 
PHE N    N N N 260 
PHE CA   C N S 261 
PHE C    C N N 262 
PHE O    O N N 263 
PHE CB   C N N 264 
PHE CG   C Y N 265 
PHE CD1  C Y N 266 
PHE CD2  C Y N 267 
PHE CE1  C Y N 268 
PHE CE2  C Y N 269 
PHE CZ   C Y N 270 
PHE OXT  O N N 271 
PHE H    H N N 272 
PHE H2   H N N 273 
PHE HA   H N N 274 
PHE HB2  H N N 275 
PHE HB3  H N N 276 
PHE HD1  H N N 277 
PHE HD2  H N N 278 
PHE HE1  H N N 279 
PHE HE2  H N N 280 
PHE HZ   H N N 281 
PHE HXT  H N N 282 
PRO N    N N N 283 
PRO CA   C N S 284 
PRO C    C N N 285 
PRO O    O N N 286 
PRO CB   C N N 287 
PRO CG   C N N 288 
PRO CD   C N N 289 
PRO OXT  O N N 290 
PRO H    H N N 291 
PRO HA   H N N 292 
PRO HB2  H N N 293 
PRO HB3  H N N 294 
PRO HG2  H N N 295 
PRO HG3  H N N 296 
PRO HD2  H N N 297 
PRO HD3  H N N 298 
PRO HXT  H N N 299 
RQP C10  C N N 300 
RQP C13  C N N 301 
RQP C15  C Y N 302 
RQP C17  C Y N 303 
RQP C20  C Y N 304 
RQP C21  C N N 305 
RQP C01  C N N 306 
RQP C03  C N N 307 
RQP C04  C N N 308 
RQP C06  C N N 309 
RQP C09  C N R 310 
RQP C11  C N N 311 
RQP C14  C Y N 312 
RQP C16  C Y N 313 
RQP C19  C Y N 314 
RQP F18  F N N 315 
RQP N05  N N N 316 
RQP N08  N N N 317 
RQP O02  O N N 318 
RQP O07  O N N 319 
RQP O12  O N N 320 
RQP O22  O N N 321 
RQP H1   H N N 322 
RQP H2   H N N 323 
RQP H3   H N N 324 
RQP H4   H N N 325 
RQP H5   H N N 326 
RQP H6   H N N 327 
RQP H7   H N N 328 
RQP H8   H N N 329 
RQP H9   H N N 330 
RQP H10  H N N 331 
RQP H11  H N N 332 
RQP H12  H N N 333 
RQP H13  H N N 334 
RQP H14  H N N 335 
RQP H15  H N N 336 
RQP H16  H N N 337 
RQP H17  H N N 338 
RQP H18  H N N 339 
RQP H19  H N N 340 
SER N    N N N 341 
SER CA   C N S 342 
SER C    C N N 343 
SER O    O N N 344 
SER CB   C N N 345 
SER OG   O N N 346 
SER OXT  O N N 347 
SER H    H N N 348 
SER H2   H N N 349 
SER HA   H N N 350 
SER HB2  H N N 351 
SER HB3  H N N 352 
SER HG   H N N 353 
SER HXT  H N N 354 
SO4 S    S N N 355 
SO4 O1   O N N 356 
SO4 O2   O N N 357 
SO4 O3   O N N 358 
SO4 O4   O N N 359 
THR N    N N N 360 
THR CA   C N S 361 
THR C    C N N 362 
THR O    O N N 363 
THR CB   C N R 364 
THR OG1  O N N 365 
THR CG2  C N N 366 
THR OXT  O N N 367 
THR H    H N N 368 
THR H2   H N N 369 
THR HA   H N N 370 
THR HB   H N N 371 
THR HG1  H N N 372 
THR HG21 H N N 373 
THR HG22 H N N 374 
THR HG23 H N N 375 
THR HXT  H N N 376 
TYR N    N N N 377 
TYR CA   C N S 378 
TYR C    C N N 379 
TYR O    O N N 380 
TYR CB   C N N 381 
TYR CG   C Y N 382 
TYR CD1  C Y N 383 
TYR CD2  C Y N 384 
TYR CE1  C Y N 385 
TYR CE2  C Y N 386 
TYR CZ   C Y N 387 
TYR OH   O N N 388 
TYR OXT  O N N 389 
TYR H    H N N 390 
TYR H2   H N N 391 
TYR HA   H N N 392 
TYR HB2  H N N 393 
TYR HB3  H N N 394 
TYR HD1  H N N 395 
TYR HD2  H N N 396 
TYR HE1  H N N 397 
TYR HE2  H N N 398 
TYR HH   H N N 399 
TYR HXT  H N N 400 
VAL N    N N N 401 
VAL CA   C N S 402 
VAL C    C N N 403 
VAL O    O N N 404 
VAL CB   C N N 405 
VAL CG1  C N N 406 
VAL CG2  C N N 407 
VAL OXT  O N N 408 
VAL H    H N N 409 
VAL H2   H N N 410 
VAL HA   H N N 411 
VAL HB   H N N 412 
VAL HG11 H N N 413 
VAL HG12 H N N 414 
VAL HG13 H N N 415 
VAL HG21 H N N 416 
VAL HG22 H N N 417 
VAL HG23 H N N 418 
VAL HXT  H N N 419 
# 
loop_
_chem_comp_bond.comp_id 
_chem_comp_bond.atom_id_1 
_chem_comp_bond.atom_id_2 
_chem_comp_bond.value_order 
_chem_comp_bond.pdbx_aromatic_flag 
_chem_comp_bond.pdbx_stereo_config 
_chem_comp_bond.pdbx_ordinal 
ALA N   CA   sing N N 1   
ALA N   H    sing N N 2   
ALA N   H2   sing N N 3   
ALA CA  C    sing N N 4   
ALA CA  CB   sing N N 5   
ALA CA  HA   sing N N 6   
ALA C   O    doub N N 7   
ALA C   OXT  sing N N 8   
ALA CB  HB1  sing N N 9   
ALA CB  HB2  sing N N 10  
ALA CB  HB3  sing N N 11  
ALA OXT HXT  sing N N 12  
ARG N   CA   sing N N 13  
ARG N   H    sing N N 14  
ARG N   H2   sing N N 15  
ARG CA  C    sing N N 16  
ARG CA  CB   sing N N 17  
ARG CA  HA   sing N N 18  
ARG C   O    doub N N 19  
ARG C   OXT  sing N N 20  
ARG CB  CG   sing N N 21  
ARG CB  HB2  sing N N 22  
ARG CB  HB3  sing N N 23  
ARG CG  CD   sing N N 24  
ARG CG  HG2  sing N N 25  
ARG CG  HG3  sing N N 26  
ARG CD  NE   sing N N 27  
ARG CD  HD2  sing N N 28  
ARG CD  HD3  sing N N 29  
ARG NE  CZ   sing N N 30  
ARG NE  HE   sing N N 31  
ARG CZ  NH1  sing N N 32  
ARG CZ  NH2  doub N N 33  
ARG NH1 HH11 sing N N 34  
ARG NH1 HH12 sing N N 35  
ARG NH2 HH21 sing N N 36  
ARG NH2 HH22 sing N N 37  
ARG OXT HXT  sing N N 38  
ASN N   CA   sing N N 39  
ASN N   H    sing N N 40  
ASN N   H2   sing N N 41  
ASN CA  C    sing N N 42  
ASN CA  CB   sing N N 43  
ASN CA  HA   sing N N 44  
ASN C   O    doub N N 45  
ASN C   OXT  sing N N 46  
ASN CB  CG   sing N N 47  
ASN CB  HB2  sing N N 48  
ASN CB  HB3  sing N N 49  
ASN CG  OD1  doub N N 50  
ASN CG  ND2  sing N N 51  
ASN ND2 HD21 sing N N 52  
ASN ND2 HD22 sing N N 53  
ASN OXT HXT  sing N N 54  
ASP N   CA   sing N N 55  
ASP N   H    sing N N 56  
ASP N   H2   sing N N 57  
ASP CA  C    sing N N 58  
ASP CA  CB   sing N N 59  
ASP CA  HA   sing N N 60  
ASP C   O    doub N N 61  
ASP C   OXT  sing N N 62  
ASP CB  CG   sing N N 63  
ASP CB  HB2  sing N N 64  
ASP CB  HB3  sing N N 65  
ASP CG  OD1  doub N N 66  
ASP CG  OD2  sing N N 67  
ASP OD2 HD2  sing N N 68  
ASP OXT HXT  sing N N 69  
CYS N   CA   sing N N 70  
CYS N   H    sing N N 71  
CYS N   H2   sing N N 72  
CYS CA  C    sing N N 73  
CYS CA  CB   sing N N 74  
CYS CA  HA   sing N N 75  
CYS C   O    doub N N 76  
CYS C   OXT  sing N N 77  
CYS CB  SG   sing N N 78  
CYS CB  HB2  sing N N 79  
CYS CB  HB3  sing N N 80  
CYS SG  HG   sing N N 81  
CYS OXT HXT  sing N N 82  
EDO C1  O1   sing N N 83  
EDO C1  C2   sing N N 84  
EDO C1  H11  sing N N 85  
EDO C1  H12  sing N N 86  
EDO O1  HO1  sing N N 87  
EDO C2  O2   sing N N 88  
EDO C2  H21  sing N N 89  
EDO C2  H22  sing N N 90  
EDO O2  HO2  sing N N 91  
GLN N   CA   sing N N 92  
GLN N   H    sing N N 93  
GLN N   H2   sing N N 94  
GLN CA  C    sing N N 95  
GLN CA  CB   sing N N 96  
GLN CA  HA   sing N N 97  
GLN C   O    doub N N 98  
GLN C   OXT  sing N N 99  
GLN CB  CG   sing N N 100 
GLN CB  HB2  sing N N 101 
GLN CB  HB3  sing N N 102 
GLN CG  CD   sing N N 103 
GLN CG  HG2  sing N N 104 
GLN CG  HG3  sing N N 105 
GLN CD  OE1  doub N N 106 
GLN CD  NE2  sing N N 107 
GLN NE2 HE21 sing N N 108 
GLN NE2 HE22 sing N N 109 
GLN OXT HXT  sing N N 110 
GLU N   CA   sing N N 111 
GLU N   H    sing N N 112 
GLU N   H2   sing N N 113 
GLU CA  C    sing N N 114 
GLU CA  CB   sing N N 115 
GLU CA  HA   sing N N 116 
GLU C   O    doub N N 117 
GLU C   OXT  sing N N 118 
GLU CB  CG   sing N N 119 
GLU CB  HB2  sing N N 120 
GLU CB  HB3  sing N N 121 
GLU CG  CD   sing N N 122 
GLU CG  HG2  sing N N 123 
GLU CG  HG3  sing N N 124 
GLU CD  OE1  doub N N 125 
GLU CD  OE2  sing N N 126 
GLU OE2 HE2  sing N N 127 
GLU OXT HXT  sing N N 128 
GLY N   CA   sing N N 129 
GLY N   H    sing N N 130 
GLY N   H2   sing N N 131 
GLY CA  C    sing N N 132 
GLY CA  HA2  sing N N 133 
GLY CA  HA3  sing N N 134 
GLY C   O    doub N N 135 
GLY C   OXT  sing N N 136 
GLY OXT HXT  sing N N 137 
HIS N   CA   sing N N 138 
HIS N   H    sing N N 139 
HIS N   H2   sing N N 140 
HIS CA  C    sing N N 141 
HIS CA  CB   sing N N 142 
HIS CA  HA   sing N N 143 
HIS C   O    doub N N 144 
HIS C   OXT  sing N N 145 
HIS CB  CG   sing N N 146 
HIS CB  HB2  sing N N 147 
HIS CB  HB3  sing N N 148 
HIS CG  ND1  sing Y N 149 
HIS CG  CD2  doub Y N 150 
HIS ND1 CE1  doub Y N 151 
HIS ND1 HD1  sing N N 152 
HIS CD2 NE2  sing Y N 153 
HIS CD2 HD2  sing N N 154 
HIS CE1 NE2  sing Y N 155 
HIS CE1 HE1  sing N N 156 
HIS NE2 HE2  sing N N 157 
HIS OXT HXT  sing N N 158 
HOH O   H1   sing N N 159 
HOH O   H2   sing N N 160 
ILE N   CA   sing N N 161 
ILE N   H    sing N N 162 
ILE N   H2   sing N N 163 
ILE CA  C    sing N N 164 
ILE CA  CB   sing N N 165 
ILE CA  HA   sing N N 166 
ILE C   O    doub N N 167 
ILE C   OXT  sing N N 168 
ILE CB  CG1  sing N N 169 
ILE CB  CG2  sing N N 170 
ILE CB  HB   sing N N 171 
ILE CG1 CD1  sing N N 172 
ILE CG1 HG12 sing N N 173 
ILE CG1 HG13 sing N N 174 
ILE CG2 HG21 sing N N 175 
ILE CG2 HG22 sing N N 176 
ILE CG2 HG23 sing N N 177 
ILE CD1 HD11 sing N N 178 
ILE CD1 HD12 sing N N 179 
ILE CD1 HD13 sing N N 180 
ILE OXT HXT  sing N N 181 
LEU N   CA   sing N N 182 
LEU N   H    sing N N 183 
LEU N   H2   sing N N 184 
LEU CA  C    sing N N 185 
LEU CA  CB   sing N N 186 
LEU CA  HA   sing N N 187 
LEU C   O    doub N N 188 
LEU C   OXT  sing N N 189 
LEU CB  CG   sing N N 190 
LEU CB  HB2  sing N N 191 
LEU CB  HB3  sing N N 192 
LEU CG  CD1  sing N N 193 
LEU CG  CD2  sing N N 194 
LEU CG  HG   sing N N 195 
LEU CD1 HD11 sing N N 196 
LEU CD1 HD12 sing N N 197 
LEU CD1 HD13 sing N N 198 
LEU CD2 HD21 sing N N 199 
LEU CD2 HD22 sing N N 200 
LEU CD2 HD23 sing N N 201 
LEU OXT HXT  sing N N 202 
LYS N   CA   sing N N 203 
LYS N   H    sing N N 204 
LYS N   H2   sing N N 205 
LYS CA  C    sing N N 206 
LYS CA  CB   sing N N 207 
LYS CA  HA   sing N N 208 
LYS C   O    doub N N 209 
LYS C   OXT  sing N N 210 
LYS CB  CG   sing N N 211 
LYS CB  HB2  sing N N 212 
LYS CB  HB3  sing N N 213 
LYS CG  CD   sing N N 214 
LYS CG  HG2  sing N N 215 
LYS CG  HG3  sing N N 216 
LYS CD  CE   sing N N 217 
LYS CD  HD2  sing N N 218 
LYS CD  HD3  sing N N 219 
LYS CE  NZ   sing N N 220 
LYS CE  HE2  sing N N 221 
LYS CE  HE3  sing N N 222 
LYS NZ  HZ1  sing N N 223 
LYS NZ  HZ2  sing N N 224 
LYS NZ  HZ3  sing N N 225 
LYS OXT HXT  sing N N 226 
MET N   CA   sing N N 227 
MET N   H    sing N N 228 
MET N   H2   sing N N 229 
MET CA  C    sing N N 230 
MET CA  CB   sing N N 231 
MET CA  HA   sing N N 232 
MET C   O    doub N N 233 
MET C   OXT  sing N N 234 
MET CB  CG   sing N N 235 
MET CB  HB2  sing N N 236 
MET CB  HB3  sing N N 237 
MET CG  SD   sing N N 238 
MET CG  HG2  sing N N 239 
MET CG  HG3  sing N N 240 
MET SD  CE   sing N N 241 
MET CE  HE1  sing N N 242 
MET CE  HE2  sing N N 243 
MET CE  HE3  sing N N 244 
MET OXT HXT  sing N N 245 
PHE N   CA   sing N N 246 
PHE N   H    sing N N 247 
PHE N   H2   sing N N 248 
PHE CA  C    sing N N 249 
PHE CA  CB   sing N N 250 
PHE CA  HA   sing N N 251 
PHE C   O    doub N N 252 
PHE C   OXT  sing N N 253 
PHE CB  CG   sing N N 254 
PHE CB  HB2  sing N N 255 
PHE CB  HB3  sing N N 256 
PHE CG  CD1  doub Y N 257 
PHE CG  CD2  sing Y N 258 
PHE CD1 CE1  sing Y N 259 
PHE CD1 HD1  sing N N 260 
PHE CD2 CE2  doub Y N 261 
PHE CD2 HD2  sing N N 262 
PHE CE1 CZ   doub Y N 263 
PHE CE1 HE1  sing N N 264 
PHE CE2 CZ   sing Y N 265 
PHE CE2 HE2  sing N N 266 
PHE CZ  HZ   sing N N 267 
PHE OXT HXT  sing N N 268 
PRO N   CA   sing N N 269 
PRO N   CD   sing N N 270 
PRO N   H    sing N N 271 
PRO CA  C    sing N N 272 
PRO CA  CB   sing N N 273 
PRO CA  HA   sing N N 274 
PRO C   O    doub N N 275 
PRO C   OXT  sing N N 276 
PRO CB  CG   sing N N 277 
PRO CB  HB2  sing N N 278 
PRO CB  HB3  sing N N 279 
PRO CG  CD   sing N N 280 
PRO CG  HG2  sing N N 281 
PRO CG  HG3  sing N N 282 
PRO CD  HD2  sing N N 283 
PRO CD  HD3  sing N N 284 
PRO OXT HXT  sing N N 285 
RQP O07 C06  doub N N 286 
RQP C03 O02  sing N N 287 
RQP C03 C04  sing N N 288 
RQP O02 C01  sing N N 289 
RQP C06 N08  sing N N 290 
RQP C06 N05  sing N N 291 
RQP C16 C15  doub Y N 292 
RQP C16 C17  sing Y N 293 
RQP F18 C17  sing N N 294 
RQP C04 N05  sing N N 295 
RQP C15 C14  sing Y N 296 
RQP C17 C19  doub Y N 297 
RQP N08 C09  sing N N 298 
RQP N05 C21  sing N N 299 
RQP C14 C13  sing N N 300 
RQP C14 C20  doub Y N 301 
RQP C09 C21  sing N N 302 
RQP C09 C13  sing N N 303 
RQP C09 C10  sing N N 304 
RQP C19 C20  sing Y N 305 
RQP C21 O22  doub N N 306 
RQP C11 C10  sing N N 307 
RQP C11 O12  sing N N 308 
RQP C10 H1   sing N N 309 
RQP C10 H2   sing N N 310 
RQP C13 H3   sing N N 311 
RQP C13 H4   sing N N 312 
RQP C15 H5   sing N N 313 
RQP C20 H6   sing N N 314 
RQP C01 H7   sing N N 315 
RQP C01 H8   sing N N 316 
RQP C01 H9   sing N N 317 
RQP C03 H10  sing N N 318 
RQP C03 H11  sing N N 319 
RQP C04 H12  sing N N 320 
RQP C04 H13  sing N N 321 
RQP C11 H14  sing N N 322 
RQP C11 H15  sing N N 323 
RQP C16 H16  sing N N 324 
RQP C19 H17  sing N N 325 
RQP N08 H18  sing N N 326 
RQP O12 H19  sing N N 327 
SER N   CA   sing N N 328 
SER N   H    sing N N 329 
SER N   H2   sing N N 330 
SER CA  C    sing N N 331 
SER CA  CB   sing N N 332 
SER CA  HA   sing N N 333 
SER C   O    doub N N 334 
SER C   OXT  sing N N 335 
SER CB  OG   sing N N 336 
SER CB  HB2  sing N N 337 
SER CB  HB3  sing N N 338 
SER OG  HG   sing N N 339 
SER OXT HXT  sing N N 340 
SO4 S   O1   doub N N 341 
SO4 S   O2   doub N N 342 
SO4 S   O3   sing N N 343 
SO4 S   O4   sing N N 344 
THR N   CA   sing N N 345 
THR N   H    sing N N 346 
THR N   H2   sing N N 347 
THR CA  C    sing N N 348 
THR CA  CB   sing N N 349 
THR CA  HA   sing N N 350 
THR C   O    doub N N 351 
THR C   OXT  sing N N 352 
THR CB  OG1  sing N N 353 
THR CB  CG2  sing N N 354 
THR CB  HB   sing N N 355 
THR OG1 HG1  sing N N 356 
THR CG2 HG21 sing N N 357 
THR CG2 HG22 sing N N 358 
THR CG2 HG23 sing N N 359 
THR OXT HXT  sing N N 360 
TYR N   CA   sing N N 361 
TYR N   H    sing N N 362 
TYR N   H2   sing N N 363 
TYR CA  C    sing N N 364 
TYR CA  CB   sing N N 365 
TYR CA  HA   sing N N 366 
TYR C   O    doub N N 367 
TYR C   OXT  sing N N 368 
TYR CB  CG   sing N N 369 
TYR CB  HB2  sing N N 370 
TYR CB  HB3  sing N N 371 
TYR CG  CD1  doub Y N 372 
TYR CG  CD2  sing Y N 373 
TYR CD1 CE1  sing Y N 374 
TYR CD1 HD1  sing N N 375 
TYR CD2 CE2  doub Y N 376 
TYR CD2 HD2  sing N N 377 
TYR CE1 CZ   doub Y N 378 
TYR CE1 HE1  sing N N 379 
TYR CE2 CZ   sing Y N 380 
TYR CE2 HE2  sing N N 381 
TYR CZ  OH   sing N N 382 
TYR OH  HH   sing N N 383 
TYR OXT HXT  sing N N 384 
VAL N   CA   sing N N 385 
VAL N   H    sing N N 386 
VAL N   H2   sing N N 387 
VAL CA  C    sing N N 388 
VAL CA  CB   sing N N 389 
VAL CA  HA   sing N N 390 
VAL C   O    doub N N 391 
VAL C   OXT  sing N N 392 
VAL CB  CG1  sing N N 393 
VAL CB  CG2  sing N N 394 
VAL CB  HB   sing N N 395 
VAL CG1 HG11 sing N N 396 
VAL CG1 HG12 sing N N 397 
VAL CG1 HG13 sing N N 398 
VAL CG2 HG21 sing N N 399 
VAL CG2 HG22 sing N N 400 
VAL CG2 HG23 sing N N 401 
VAL OXT HXT  sing N N 402 
# 
_pdbx_deposit_group.group_id            G_1002118 
_pdbx_deposit_group.group_description   
;Bromodomain of human ATAD2 screened against the Leeds 3D Fragment Library by X-ray Crystallography at the XChem
facility of Diamond Light Source beamline I04-1
;
_pdbx_deposit_group.group_title         'PanDDA analysis group deposition - Bromodomain of human ATAD2 fragment screening' 
_pdbx_deposit_group.group_type          'changed state' 
# 
_pdbx_entity_instance_feature.ordinal        1 
_pdbx_entity_instance_feature.comp_id        RQP 
_pdbx_entity_instance_feature.asym_id        ? 
_pdbx_entity_instance_feature.seq_num        ? 
_pdbx_entity_instance_feature.auth_comp_id   RQP 
_pdbx_entity_instance_feature.auth_asym_id   ? 
_pdbx_entity_instance_feature.auth_seq_num   ? 
_pdbx_entity_instance_feature.feature_type   'SUBJECT OF INVESTIGATION' 
_pdbx_entity_instance_feature.details        ? 
# 
_atom_sites.entry_id                    5R4E 
_atom_sites.fract_transf_matrix[1][1]   -0.00701370 
_atom_sites.fract_transf_matrix[1][2]   -0.00437318 
_atom_sites.fract_transf_matrix[1][3]   0.01184005 
_atom_sites.fract_transf_matrix[2][1]   0.00741758 
_atom_sites.fract_transf_matrix[2][2]   -0.00390368 
_atom_sites.fract_transf_matrix[2][3]   0.01175694 
_atom_sites.fract_transf_matrix[3][1]   -0.00020965 
_atom_sites.fract_transf_matrix[3][2]   0.00687135 
_atom_sites.fract_transf_matrix[3][3]   0.00241378 
_atom_sites.fract_transf_vector[1]      0.457491 
_atom_sites.fract_transf_vector[2]      0.602811 
_atom_sites.fract_transf_vector[3]      -0.028465 
# 
loop_
_atom_type.symbol 
C 
F 
N 
O 
S 
# 
loop_
_atom_site.group_PDB 
_atom_site.id 
_atom_site.type_symbol 
_atom_site.label_atom_id 
_atom_site.label_alt_id 
_atom_site.label_comp_id 
_atom_site.label_asym_id 
_atom_site.label_entity_id 
_atom_site.label_seq_id 
_atom_site.pdbx_PDB_ins_code 
_atom_site.Cartn_x 
_atom_site.Cartn_y 
_atom_site.Cartn_z 
_atom_site.occupancy 
_atom_site.B_iso_or_equiv 
_atom_site.pdbx_formal_charge 
_atom_site.auth_seq_id 
_atom_site.auth_comp_id 
_atom_site.auth_asym_id 
_atom_site.auth_atom_id 
_atom_site.pdbx_PDB_model_num 
ATOM   1    N N   . SER A 1 1   ? 23.809  10.528  -6.657  1.00 44.09  ? 979  SER A N   1 
ATOM   2    C CA  . SER A 1 1   ? 24.215  11.851  -6.121  1.00 43.53  ? 979  SER A CA  1 
ATOM   3    C C   . SER A 1 1   ? 23.427  12.187  -4.846  1.00 46.82  ? 979  SER A C   1 
ATOM   4    O O   . SER A 1 1   ? 22.383  11.534  -4.559  1.00 39.23  ? 979  SER A O   1 
ATOM   5    C CB  . SER A 1 1   ? 23.996  12.925  -7.126  1.00 42.01  ? 979  SER A CB  1 
ATOM   6    O OG  . SER A 1 1   ? 22.600  13.125  -7.315  1.00 37.24  ? 979  SER A OG  1 
ATOM   7    N N   . MET A 1 2   ? 23.924  13.181  -4.107  0.51 47.05  ? 980  MET A N   1 
ATOM   8    C CA  . MET A 1 2   ? 23.251  13.772  -2.917  0.51 49.80  ? 980  MET A CA  1 
ATOM   9    C C   . MET A 1 2   ? 21.882  14.323  -3.337  0.51 47.81  ? 980  MET A C   1 
ATOM   10   O O   . MET A 1 2   ? 20.921  14.177  -2.556  0.51 46.04  ? 980  MET A O   1 
ATOM   11   C CB  . MET A 1 2   ? 24.094  14.907  -2.325  0.51 55.34  ? 980  MET A CB  1 
ATOM   12   C CG  . MET A 1 2   ? 23.642  15.366  -0.950  0.51 59.50  ? 980  MET A CG  1 
ATOM   13   S SD  . MET A 1 2   ? 24.090  14.187  0.354   0.51 66.96  ? 980  MET A SD  1 
ATOM   14   C CE  . MET A 1 2   ? 22.544  13.301  0.541   0.51 65.97  ? 980  MET A CE  1 
ATOM   15   N N   . GLN A 1 3   ? 21.816  14.936  -4.523  0.51 45.78  ? 981  GLN A N   1 
ATOM   16   C CA  . GLN A 1 3   ? 20.579  15.532  -5.102  0.51 47.17  ? 981  GLN A CA  1 
ATOM   17   C C   . GLN A 1 3   ? 19.529  14.427  -5.290  0.51 42.03  ? 981  GLN A C   1 
ATOM   18   O O   . GLN A 1 3   ? 18.379  14.618  -4.844  0.51 38.44  ? 981  GLN A O   1 
ATOM   19   C CB  . GLN A 1 3   ? 20.881  16.247  -6.422  0.51 52.01  ? 981  GLN A CB  1 
ATOM   20   C CG  . GLN A 1 3   ? 21.910  17.367  -6.302  0.51 57.00  ? 981  GLN A CG  1 
ATOM   21   C CD  . GLN A 1 3   ? 23.321  16.931  -6.631  0.51 60.10  ? 981  GLN A CD  1 
ATOM   22   O OE1 . GLN A 1 3   ? 24.196  16.883  -5.766  0.51 60.73  ? 981  GLN A OE1 1 
ATOM   23   N NE2 . GLN A 1 3   ? 23.553  16.608  -7.895  0.51 60.79  ? 981  GLN A NE2 1 
ATOM   24   N N   . GLU A 1 4   ? 19.921  13.313  -5.914  1.00 37.69  ? 982  GLU A N   1 
ATOM   25   C CA  . GLU A 1 4   ? 19.015  12.151  -6.135  1.00 36.05  ? 982  GLU A CA  1 
ATOM   26   C C   . GLU A 1 4   ? 18.615  11.527  -4.785  1.00 30.32  ? 982  GLU A C   1 
ATOM   27   O O   . GLU A 1 4   ? 17.425  11.138  -4.603  1.00 23.95  ? 982  GLU A O   1 
ATOM   28   C CB  . GLU A 1 4   ? 19.716  11.162  -7.059  1.00 33.68  ? 982  GLU A CB  1 
ATOM   29   C CG  . GLU A 1 4   ? 19.929  11.714  -8.459  1.00 33.50  ? 982  GLU A CG  1 
ATOM   30   C CD  . GLU A 1 4   ? 20.763  10.775  -9.327  1.00 37.28  ? 982  GLU A CD  1 
ATOM   31   O OE1 . GLU A 1 4   ? 21.648  10.080  -8.753  1.00 37.27  ? 982  GLU A OE1 1 
ATOM   32   O OE2 . GLU A 1 4   ? 20.488  10.692  -10.554 1.00 35.83  ? 982  GLU A OE2 1 
ATOM   33   N N   . GLU A 1 5   ? 19.525  11.469  -3.819  1.00 26.97  ? 983  GLU A N   1 
ATOM   34   C CA  . GLU A 1 5   ? 19.167  10.957  -2.475  1.00 28.87  ? 983  GLU A CA  1 
ATOM   35   C C   . GLU A 1 5   ? 18.108  11.884  -1.825  1.00 29.53  ? 983  GLU A C   1 
ATOM   36   O O   . GLU A 1 5   ? 17.165  11.371  -1.175  1.00 25.19  ? 983  GLU A O   1 
ATOM   37   C CB  . GLU A 1 5   ? 20.404  10.825  -1.574  1.00 36.30  ? 983  GLU A CB  1 
ATOM   38   C CG  . GLU A 1 5   ? 21.313  9.651   -1.936  1.00 46.70  ? 983  GLU A CG  1 
ATOM   39   C CD  . GLU A 1 5   ? 20.625  8.355   -2.355  1.00 59.84  ? 983  GLU A CD  1 
ATOM   40   O OE1 . GLU A 1 5   ? 19.693  7.913   -1.620  1.00 66.35  ? 983  GLU A OE1 1 
ATOM   41   O OE2 . GLU A 1 5   ? 21.012  7.783   -3.428  1.00 69.76  ? 983  GLU A OE2 1 
ATOM   42   N N   . ASP A 1 6   ? 18.245  13.205  -1.961  1.00 27.75  ? 984  ASP A N   1 
ATOM   43   C CA  . ASP A 1 6   ? 17.232  14.185  -1.476  1.00 30.35  ? 984  ASP A CA  1 
ATOM   44   C C   . ASP A 1 6   ? 15.867  13.931  -2.163  1.00 27.20  ? 984  ASP A C   1 
ATOM   45   O O   . ASP A 1 6   ? 14.793  14.002  -1.446  1.00 24.29  ? 984  ASP A O   1 
ATOM   46   C CB  . ASP A 1 6   ? 17.698  15.633  -1.671  1.00 33.97  ? 984  ASP A CB  1 
ATOM   47   C CG  . ASP A 1 6   ? 18.764  16.117  -0.684  1.00 37.43  ? 984  ASP A CG  1 
ATOM   48   O OD1 . ASP A 1 6   ? 19.007  15.440  0.330   1.00 38.29  ? 984  ASP A OD1 1 
ATOM   49   O OD2 . ASP A 1 6   ? 19.320  17.187  -0.936  1.00 46.37  ? 984  ASP A OD2 1 
ATOM   50   N N   . THR A 1 7   ? 15.858  13.683  -3.473  1.00 22.27  ? 985  THR A N   1 
ATOM   51   C CA  . THR A 1 7   ? 14.621  13.352  -4.238  1.00 23.53  ? 985  THR A CA  1 
ATOM   52   C C   . THR A 1 7   ? 13.909  12.128  -3.617  1.00 24.28  ? 985  THR A C   1 
ATOM   53   O O   . THR A 1 7   ? 12.644  12.179  -3.394  1.00 20.12  ? 985  THR A O   1 
ATOM   54   C CB  . THR A 1 7   ? 14.913  13.190  -5.733  1.00 23.96  ? 985  THR A CB  1 
ATOM   55   O OG1 . THR A 1 7   ? 15.373  14.482  -6.166  1.00 27.44  ? 985  THR A OG1 1 
ATOM   56   C CG2 . THR A 1 7   ? 13.696  12.743  -6.505  1.00 22.01  ? 985  THR A CG2 1 
ATOM   57   N N   . PHE A 1 8   ? 14.649  11.054  -3.345  1.00 20.82  ? 986  PHE A N   1 
ATOM   58   C CA  . PHE A 1 8   ? 14.084  9.808   -2.763  1.00 22.22  ? 986  PHE A CA  1 
ATOM   59   C C   . PHE A 1 8   ? 13.541  10.076  -1.346  1.00 21.45  ? 986  PHE A C   1 
ATOM   60   O O   . PHE A 1 8   ? 12.490  9.510   -1.000  1.00 21.34  ? 986  PHE A O   1 
ATOM   61   C CB  . PHE A 1 8   ? 15.041  8.608   -2.833  1.00 23.76  ? 986  PHE A CB  1 
ATOM   62   C CG  . PHE A 1 8   ? 15.227  8.037   -4.217  1.00 26.54  ? 986  PHE A CG  1 
ATOM   63   C CD1 . PHE A 1 8   ? 14.144  7.833   -5.063  1.00 25.16  ? 986  PHE A CD1 1 
ATOM   64   C CD2 . PHE A 1 8   ? 16.485  7.694   -4.684  1.00 26.18  ? 986  PHE A CD2 1 
ATOM   65   C CE1 . PHE A 1 8   ? 14.296  7.297   -6.334  1.00 27.15  ? 986  PHE A CE1 1 
ATOM   66   C CE2 . PHE A 1 8   ? 16.633  7.162   -5.962  1.00 25.74  ? 986  PHE A CE2 1 
ATOM   67   C CZ  . PHE A 1 8   ? 15.555  6.967   -6.786  1.00 28.10  ? 986  PHE A CZ  1 
ATOM   68   N N   . ARG A 1 9   ? 14.234  10.897  -0.549  0.51 21.69  ? 987  ARG A N   1 
ATOM   69   C CA  . ARG A 1 9   ? 13.771  11.248  0.821   0.51 22.57  ? 987  ARG A CA  1 
ATOM   70   C C   . ARG A 1 9   ? 12.427  11.984  0.716   0.51 20.83  ? 987  ARG A C   1 
ATOM   71   O O   . ARG A 1 9   ? 11.507  11.656  1.486   0.51 19.21  ? 987  ARG A O   1 
ATOM   72   C CB  . ARG A 1 9   ? 14.805  12.080  1.581   0.51 24.58  ? 987  ARG A CB  1 
ATOM   73   C CG  . ARG A 1 9   ? 14.385  12.359  3.016   0.51 27.15  ? 987  ARG A CG  1 
ATOM   74   C CD  . ARG A 1 9   ? 15.528  12.519  3.991   0.51 28.85  ? 987  ARG A CD  1 
ATOM   75   N NE  . ARG A 1 9   ? 15.025  12.736  5.344   0.51 29.48  ? 987  ARG A NE  1 
ATOM   76   C CZ  . ARG A 1 9   ? 14.732  13.921  5.880   0.51 30.98  ? 987  ARG A CZ  1 
ATOM   77   N NH1 . ARG A 1 9   ? 14.297  13.979  7.129   0.51 31.09  ? 987  ARG A NH1 1 
ATOM   78   N NH2 . ARG A 1 9   ? 14.869  15.040  5.178   0.51 31.07  ? 987  ARG A NH2 1 
ATOM   79   N N   . GLU A 1 10  ? 12.325  12.919  -0.231  0.51 19.33  ? 988  GLU A N   1 
ATOM   80   C CA  . GLU A 1 10  ? 11.086  13.682  -0.544  0.51 19.18  ? 988  GLU A CA  1 
ATOM   81   C C   . GLU A 1 10  ? 9.945   12.697  -0.857  0.51 18.37  ? 988  GLU A C   1 
ATOM   82   O O   . GLU A 1 10  ? 8.848   12.860  -0.280  0.51 17.10  ? 988  GLU A O   1 
ATOM   83   C CB  . GLU A 1 10  ? 11.388  14.639  -1.699  0.51 20.25  ? 988  GLU A CB  1 
ATOM   84   C CG  . GLU A 1 10  ? 10.395  15.766  -1.874  0.51 21.15  ? 988  GLU A CG  1 
ATOM   85   C CD  . GLU A 1 10  ? 10.837  16.821  -2.882  0.51 22.07  ? 988  GLU A CD  1 
ATOM   86   O OE1 . GLU A 1 10  ? 10.122  17.838  -3.021  0.51 22.57  ? 988  GLU A OE1 1 
ATOM   87   O OE2 . GLU A 1 10  ? 11.888  16.626  -3.535  0.51 21.11  ? 988  GLU A OE2 1 
ATOM   88   N N   . LEU A 1 11  ? 10.200  11.707  -1.721  1.00 18.06  ? 989  LEU A N   1 
ATOM   89   C CA  . LEU A 1 11  ? 9.191   10.670  -2.088  1.00 18.13  ? 989  LEU A CA  1 
ATOM   90   C C   . LEU A 1 11  ? 8.752   9.903   -0.804  1.00 17.77  ? 989  LEU A C   1 
ATOM   91   O O   . LEU A 1 11  ? 7.514   9.697   -0.596  1.00 16.05  ? 989  LEU A O   1 
ATOM   92   C CB  . LEU A 1 11  ? 9.758   9.735   -3.147  1.00 20.90  ? 989  LEU A CB  1 
ATOM   93   C CG  . LEU A 1 11  ? 8.959   8.457   -3.306  1.00 22.27  ? 989  LEU A CG  1 
ATOM   94   C CD1 . LEU A 1 11  ? 7.637   8.757   -3.974  1.00 22.09  ? 989  LEU A CD1 1 
ATOM   95   C CD2 . LEU A 1 11  ? 9.751   7.356   -3.998  1.00 25.42  ? 989  LEU A CD2 1 
ATOM   96   N N   . ARG A 1 12  ? 9.696   9.498   0.058   1.00 16.30  ? 990  ARG A N   1 
ATOM   97   C CA  . ARG A 1 12  ? 9.378   8.746   1.298   1.00 15.95  ? 990  ARG A CA  1 
ATOM   98   C C   . ARG A 1 12  ? 8.489   9.595   2.213   1.00 14.96  ? 990  ARG A C   1 
ATOM   99   O O   . ARG A 1 12  ? 7.557   9.029   2.842   1.00 16.01  ? 990  ARG A O   1 
ATOM   100  C CB  . ARG A 1 12  ? 10.637  8.259   2.060   1.00 15.64  ? 990  ARG A CB  1 
ATOM   101  C CG  . ARG A 1 12  ? 11.474  7.260   1.279   1.00 17.35  ? 990  ARG A CG  1 
ATOM   102  C CD  . ARG A 1 12  ? 12.536  6.534   2.136   1.00 18.02  ? 990  ARG A CD  1 
ATOM   103  N NE  . ARG A 1 12  ? 13.615  7.403   2.604   1.00 18.48  ? 990  ARG A NE  1 
ATOM   104  C CZ  . ARG A 1 12  ? 14.741  7.705   1.914   1.00 18.23  ? 990  ARG A CZ  1 
ATOM   105  N NH1 . ARG A 1 12  ? 15.642  8.513   2.432   1.00 20.94  ? 990  ARG A NH1 1 
ATOM   106  N NH2 . ARG A 1 12  ? 14.957  7.252   0.716   1.00 17.72  ? 990  ARG A NH2 1 
ATOM   107  N N   . ILE A 1 13  ? 8.799   10.879  2.386   1.00 14.50  ? 991  ILE A N   1 
ATOM   108  C CA  . ILE A 1 13  ? 8.008   11.799  3.255   1.00 15.37  ? 991  ILE A CA  1 
ATOM   109  C C   . ILE A 1 13  ? 6.539   11.813  2.762   1.00 14.39  ? 991  ILE A C   1 
ATOM   110  O O   . ILE A 1 13  ? 5.614   11.656  3.577   1.00 12.99  ? 991  ILE A O   1 
ATOM   111  C CB  . ILE A 1 13  ? 8.664   13.183  3.339   1.00 16.92  ? 991  ILE A CB  1 
ATOM   112  C CG1 . ILE A 1 13  ? 10.005  13.110  4.084   1.00 18.87  ? 991  ILE A CG1 1 
ATOM   113  C CG2 . ILE A 1 13  ? 7.730   14.178  3.992   1.00 17.63  ? 991  ILE A CG2 1 
ATOM   114  C CD1 . ILE A 1 13  ? 10.912  14.260  3.791   1.00 21.43  ? 991  ILE A CD1 1 
ATOM   115  N N   . PHE A 1 14  ? 6.338   11.973  1.453   0.51 13.79  ? 992  PHE A N   1 
ATOM   116  C CA  . PHE A 1 14  ? 4.981   11.983  0.845   0.51 14.37  ? 992  PHE A CA  1 
ATOM   117  C C   . PHE A 1 14  ? 4.276   10.635  1.095   0.51 14.27  ? 992  PHE A C   1 
ATOM   118  O O   . PHE A 1 14  ? 3.091   10.635  1.508   0.51 13.82  ? 992  PHE A O   1 
ATOM   119  C CB  . PHE A 1 14  ? 5.052   12.328  -0.641  0.51 14.45  ? 992  PHE A CB  1 
ATOM   120  C CG  . PHE A 1 14  ? 3.707   12.274  -1.314  0.51 14.72  ? 992  PHE A CG  1 
ATOM   121  C CD1 . PHE A 1 14  ? 2.665   13.085  -0.886  0.51 14.93  ? 992  PHE A CD1 1 
ATOM   122  C CD2 . PHE A 1 14  ? 3.470   11.373  -2.338  0.51 15.11  ? 992  PHE A CD2 1 
ATOM   123  C CE1 . PHE A 1 14  ? 1.421   13.018  -1.500  0.51 15.23  ? 992  PHE A CE1 1 
ATOM   124  C CE2 . PHE A 1 14  ? 2.226   11.310  -2.948  0.51 15.43  ? 992  PHE A CE2 1 
ATOM   125  C CZ  . PHE A 1 14  ? 1.205   12.130  -2.524  0.51 15.04  ? 992  PHE A CZ  1 
ATOM   126  N N   . LEU A 1 15  ? 4.981   9.517   0.881   1.00 14.58  ? 993  LEU A N   1 
ATOM   127  C CA  . LEU A 1 15  ? 4.389   8.160   1.062   1.00 14.35  ? 993  LEU A CA  1 
ATOM   128  C C   . LEU A 1 15  ? 3.992   7.922   2.528   1.00 14.31  ? 993  LEU A C   1 
ATOM   129  O O   . LEU A 1 15  ? 2.879   7.355   2.765   1.00 16.16  ? 993  LEU A O   1 
ATOM   130  C CB  . LEU A 1 15  ? 5.339   7.080   0.528   1.00 15.13  ? 993  LEU A CB  1 
ATOM   131  C CG  . LEU A 1 15  ? 5.631   7.084   -0.979  1.00 16.78  ? 993  LEU A CG  1 
ATOM   132  C CD1 . LEU A 1 15  ? 6.499   5.900   -1.381  1.00 18.10  ? 993  LEU A CD1 1 
ATOM   133  C CD2 . LEU A 1 15  ? 4.362   7.099   -1.821  1.00 17.65  ? 993  LEU A CD2 1 
ATOM   134  N N   . ARG A 1 16  ? 4.776   8.385   3.494   1.00 14.06  ? 994  ARG A N   1 
ATOM   135  C CA  . ARG A 1 16  ? 4.445   8.308   4.944   1.00 16.28  ? 994  ARG A CA  1 
ATOM   136  C C   . ARG A 1 16  ? 3.156   9.118   5.209   1.00 17.04  ? 994  ARG A C   1 
ATOM   137  O O   . ARG A 1 16  ? 2.311   8.670   5.950   1.00 14.87  ? 994  ARG A O   1 
ATOM   138  C CB  . ARG A 1 16  ? 5.566   8.841   5.840   1.00 19.43  ? 994  ARG A CB  1 
ATOM   139  C CG  . ARG A 1 16  ? 6.773   7.932   6.010   1.00 22.23  ? 994  ARG A CG  1 
ATOM   140  C CD  . ARG A 1 16  ? 7.647   8.343   7.195   1.00 25.63  ? 994  ARG A CD  1 
ATOM   141  N NE  . ARG A 1 16  ? 8.921   7.762   6.885   1.00 27.67  ? 994  ARG A NE  1 
ATOM   142  C CZ  . ARG A 1 16  ? 9.941   8.337   6.261   1.00 27.78  ? 994  ARG A CZ  1 
ATOM   143  N NH1 . ARG A 1 16  ? 9.938   9.629   5.961   1.00 27.96  ? 994  ARG A NH1 1 
ATOM   144  N NH2 . ARG A 1 16  ? 10.989  7.575   5.965   1.00 27.36  ? 994  ARG A NH2 1 
ATOM   145  N N   . ASN A 1 17  ? 3.025   10.286  4.601   1.00 15.31  ? 995  ASN A N   1 
ATOM   146  C CA  . ASN A 1 17  ? 1.833   11.150  4.805   1.00 16.50  ? 995  ASN A CA  1 
ATOM   147  C C   . ASN A 1 17  ? 0.574   10.461  4.239   1.00 14.03  ? 995  ASN A C   1 
ATOM   148  O O   . ASN A 1 17  ? -0.428  10.388  5.016   1.00 13.75  ? 995  ASN A O   1 
ATOM   149  C CB  . ASN A 1 17  ? 1.978   12.545  4.205   1.00 15.22  ? 995  ASN A CB  1 
ATOM   150  C CG  . ASN A 1 17  ? 0.748   13.406  4.484   1.00 19.05  ? 995  ASN A CG  1 
ATOM   151  O OD1 . ASN A 1 17  ? -0.085  13.506  3.589   1.00 19.67  ? 995  ASN A OD1 1 
ATOM   152  N ND2 . ASN A 1 17  ? 0.564   13.895  5.723   1.00 19.17  ? 995  ASN A ND2 1 
ATOM   153  N N   . VAL A 1 18  ? 0.617   9.920   3.033   1.00 13.30  ? 996  VAL A N   1 
ATOM   154  C CA  . VAL A 1 18  ? -0.560  9.224   2.410   1.00 15.58  ? 996  VAL A CA  1 
ATOM   155  C C   . VAL A 1 18  ? -0.926  8.018   3.282   1.00 16.68  ? 996  VAL A C   1 
ATOM   156  O O   . VAL A 1 18  ? -2.128  7.839   3.627   1.00 14.48  ? 996  VAL A O   1 
ATOM   157  C CB  . VAL A 1 18  ? -0.253  8.776   0.984   1.00 15.69  ? 996  VAL A CB  1 
ATOM   158  C CG1 . VAL A 1 18  ? -1.401  8.018   0.371   1.00 16.72  ? 996  VAL A CG1 1 
ATOM   159  C CG2 . VAL A 1 18  ? 0.076   9.952   0.083   1.00 16.65  ? 996  VAL A CG2 1 
ATOM   160  N N   . THR A 1 19  ? 0.084   7.226   3.692   1.00 14.35  ? 997  THR A N   1 
ATOM   161  C CA  . THR A 1 19  ? -0.163  5.983   4.494   1.00 15.27  ? 997  THR A CA  1 
ATOM   162  C C   . THR A 1 19  ? -0.785  6.302   5.862   1.00 14.03  ? 997  THR A C   1 
ATOM   163  O O   . THR A 1 19  ? -1.767  5.578   6.253   1.00 15.18  ? 997  THR A O   1 
ATOM   164  C CB  . THR A 1 19  ? 1.099   5.125   4.597   1.00 15.01  ? 997  THR A CB  1 
ATOM   165  O OG1 . THR A 1 19  ? 1.680   4.897   3.321   1.00 14.22  ? 997  THR A OG1 1 
ATOM   166  C CG2 . THR A 1 19  ? 0.798   3.760   5.149   1.00 15.23  ? 997  THR A CG2 1 
ATOM   167  N N   . HIS A 1 20  ? -0.308  7.329   6.558   1.00 14.64  ? 998  HIS A N   1 
ATOM   168  C CA  . HIS A 1 20  ? -0.911  7.821   7.812   1.00 15.72  ? 998  HIS A CA  1 
ATOM   169  C C   . HIS A 1 20  ? -2.377  8.232   7.571   1.00 15.96  ? 998  HIS A C   1 
ATOM   170  O O   . HIS A 1 20  ? -3.261  7.858   8.415   1.00 17.10  ? 998  HIS A O   1 
ATOM   171  C CB  . HIS A 1 20  ? -0.069  8.939   8.448   1.00 18.20  ? 998  HIS A CB  1 
ATOM   172  C CG  . HIS A 1 20  ? -0.569  9.417   9.772   1.00 22.28  ? 998  HIS A CG  1 
ATOM   173  N ND1 . HIS A 1 20  ? -1.162  10.668  9.942   1.00 31.00  ? 998  HIS A ND1 1 
ATOM   174  C CD2 . HIS A 1 20  ? -0.521  8.859   11.012  1.00 26.07  ? 998  HIS A CD2 1 
ATOM   175  C CE1 . HIS A 1 20  ? -1.494  10.826  11.217  1.00 29.04  ? 998  HIS A CE1 1 
ATOM   176  N NE2 . HIS A 1 20  ? -1.076  9.742   11.900  1.00 30.05  ? 998  HIS A NE2 1 
ATOM   177  N N   . ARG A 1 21  ? -2.682  8.954   6.489   1.00 14.96  ? 999  ARG A N   1 
ATOM   178  C CA  . ARG A 1 21  ? -4.092  9.377   6.243   1.00 15.99  ? 999  ARG A CA  1 
ATOM   179  C C   . ARG A 1 21  ? -5.011  8.137   6.086   1.00 16.41  ? 999  ARG A C   1 
ATOM   180  O O   . ARG A 1 21  ? -6.168  8.194   6.561   1.00 16.84  ? 999  ARG A O   1 
ATOM   181  C CB  . ARG A 1 21  ? -4.148  10.374  5.073   1.00 17.42  ? 999  ARG A CB  1 
ATOM   182  C CG  . ARG A 1 21  ? -3.702  11.779  5.510   1.00 19.74  ? 999  ARG A CG  1 
ATOM   183  C CD  . ARG A 1 21  ? -2.940  12.544  4.413   1.00 22.12  ? 999  ARG A CD  1 
ATOM   184  N NE  . ARG A 1 21  ? -3.869  12.969  3.450   1.00 22.20  ? 999  ARG A NE  1 
ATOM   185  C CZ  . ARG A 1 21  ? -3.563  13.435  2.237   1.00 19.82  ? 999  ARG A CZ  1 
ATOM   186  N NH1 . ARG A 1 21  ? -4.566  13.783  1.473   1.00 18.39  ? 999  ARG A NH1 1 
ATOM   187  N NH2 . ARG A 1 21  ? -2.317  13.612  1.823   1.00 19.57  ? 999  ARG A NH2 1 
ATOM   188  N N   . LEU A 1 22  ? -4.553  7.076   5.430   1.00 14.63  ? 1000 LEU A N   1 
ATOM   189  C CA  . LEU A 1 22  ? -5.312  5.826   5.262   1.00 15.35  ? 1000 LEU A CA  1 
ATOM   190  C C   . LEU A 1 22  ? -5.439  5.152   6.630   1.00 17.89  ? 1000 LEU A C   1 
ATOM   191  O O   . LEU A 1 22  ? -6.560  4.733   6.957   1.00 17.40  ? 1000 LEU A O   1 
ATOM   192  C CB  . LEU A 1 22  ? -4.667  4.905   4.238   1.00 15.65  ? 1000 LEU A CB  1 
ATOM   193  C CG  . LEU A 1 22  ? -4.483  5.489   2.838   1.00 16.65  ? 1000 LEU A CG  1 
ATOM   194  C CD1 . LEU A 1 22  ? -3.660  4.537   1.997   1.00 18.31  ? 1000 LEU A CD1 1 
ATOM   195  C CD2 . LEU A 1 22  ? -5.826  5.733   2.152   1.00 18.39  ? 1000 LEU A CD2 1 
ATOM   196  N N   . ALA A 1 23  ? -4.370  5.071   7.413   1.00 18.24  ? 1001 ALA A N   1 
ATOM   197  C CA  . ALA A 1 23  ? -4.359  4.324   8.703   1.00 18.77  ? 1001 ALA A CA  1 
ATOM   198  C C   . ALA A 1 23  ? -5.210  4.984   9.789   1.00 21.66  ? 1001 ALA A C   1 
ATOM   199  O O   . ALA A 1 23  ? -5.681  4.215   10.680  1.00 20.93  ? 1001 ALA A O   1 
ATOM   200  C CB  . ALA A 1 23  ? -2.941  4.119   9.179   1.00 18.95  ? 1001 ALA A CB  1 
ATOM   201  N N   . ILE A 1 24  ? -5.497  6.292   9.726   1.00 19.97  ? 1002 ILE A N   1 
ATOM   202  C CA  . ILE A 1 24  ? -6.364  6.908   10.777  1.00 22.95  ? 1002 ILE A CA  1 
ATOM   203  C C   . ILE A 1 24  ? -7.848  6.859   10.396  1.00 22.54  ? 1002 ILE A C   1 
ATOM   204  O O   . ILE A 1 24  ? -8.653  7.233   11.262  1.00 25.83  ? 1002 ILE A O   1 
ATOM   205  C CB  . ILE A 1 24  ? -5.925  8.342   11.127  1.00 23.64  ? 1002 ILE A CB  1 
ATOM   206  C CG1 . ILE A 1 24  ? -6.153  9.304   9.971   1.00 21.60  ? 1002 ILE A CG1 1 
ATOM   207  C CG2 . ILE A 1 24  ? -4.489  8.372   11.627  1.00 22.38  ? 1002 ILE A CG2 1 
ATOM   208  C CD1 . ILE A 1 24  ? -5.793  10.738  10.272  1.00 28.09  ? 1002 ILE A CD1 1 
ATOM   209  N N   . ASP A 1 25  ? -8.196  6.484   9.165   1.00 22.14  ? 1003 ASP A N   1 
ATOM   210  C CA  . ASP A 1 25  ? -9.594  6.358   8.665   1.00 21.09  ? 1003 ASP A CA  1 
ATOM   211  C C   . ASP A 1 25  ? -10.257 5.125   9.301   1.00 24.60  ? 1003 ASP A C   1 
ATOM   212  O O   . ASP A 1 25  ? -9.747  3.989   9.122   1.00 19.44  ? 1003 ASP A O   1 
ATOM   213  C CB  . ASP A 1 25  ? -9.634  6.317   7.138   1.00 21.30  ? 1003 ASP A CB  1 
ATOM   214  C CG  . ASP A 1 25  ? -11.033 6.464   6.544   1.00 25.37  ? 1003 ASP A CG  1 
ATOM   215  O OD1 . ASP A 1 25  ? -11.935 5.751   7.015   1.00 23.43  ? 1003 ASP A OD1 1 
ATOM   216  O OD2 . ASP A 1 25  ? -11.184 7.209   5.560   1.00 23.92  ? 1003 ASP A OD2 1 
ATOM   217  N N   . LYS A 1 26  ? -11.352 5.306   10.065  1.00 23.22  ? 1004 LYS A N   1 
ATOM   218  C CA  . LYS A 1 26  ? -11.976 4.182   10.838  1.00 23.54  ? 1004 LYS A CA  1 
ATOM   219  C C   . LYS A 1 26  ? -12.374 3.002   9.945   1.00 22.90  ? 1004 LYS A C   1 
ATOM   220  O O   . LYS A 1 26  ? -12.358 1.866   10.454  1.00 25.02  ? 1004 LYS A O   1 
ATOM   221  C CB  . LYS A 1 26  ? -13.247 4.646   11.570  1.00 28.76  ? 1004 LYS A CB  1 
ATOM   222  N N   . ARG A 1 27  ? -12.769 3.253   8.697   1.00 19.96  ? 1005 ARG A N   1 
ATOM   223  C CA  . ARG A 1 27  ? -13.129 2.220   7.702   1.00 21.57  ? 1005 ARG A CA  1 
ATOM   224  C C   . ARG A 1 27  ? -11.986 1.215   7.511   1.00 24.73  ? 1005 ARG A C   1 
ATOM   225  O O   . ARG A 1 27  ? -12.274 0.050   7.163   1.00 23.88  ? 1005 ARG A O   1 
ATOM   226  C CB  . ARG A 1 27  ? -13.451 2.817   6.331   1.00 20.68  ? 1005 ARG A CB  1 
ATOM   227  C CG  . ARG A 1 27  ? -14.747 3.617   6.261   1.00 22.09  ? 1005 ARG A CG  1 
ATOM   228  C CD  . ARG A 1 27  ? -14.929 4.281   4.910   1.00 21.66  ? 1005 ARG A CD  1 
ATOM   229  N NE  . ARG A 1 27  ? -13.911 5.294   4.639   1.00 23.16  ? 1005 ARG A NE  1 
ATOM   230  C CZ  . ARG A 1 27  ? -13.737 5.884   3.480   1.00 21.71  ? 1005 ARG A CZ  1 
ATOM   231  N NH1 . ARG A 1 27  ? -14.547 5.624   2.471   1.00 23.56  ? 1005 ARG A NH1 1 
ATOM   232  N NH2 . ARG A 1 27  ? -12.778 6.791   3.352   1.00 25.33  ? 1005 ARG A NH2 1 
ATOM   233  N N   . PHE A 1 28  ? -10.726 1.658   7.616   1.00 23.73  ? 1006 PHE A N   1 
ATOM   234  C CA  . PHE A 1 28  ? -9.540  0.891   7.139   1.00 20.58  ? 1006 PHE A CA  1 
ATOM   235  C C   . PHE A 1 28  ? -8.837  0.238   8.335   1.00 21.96  ? 1006 PHE A C   1 
ATOM   236  O O   . PHE A 1 28  ? -7.736  -0.365  8.178   1.00 20.78  ? 1006 PHE A O   1 
ATOM   237  C CB  . PHE A 1 28  ? -8.634  1.772   6.257   1.00 17.90  ? 1006 PHE A CB  1 
ATOM   238  C CG  . PHE A 1 28  ? -9.318  2.455   5.120   1.00 19.27  ? 1006 PHE A CG  1 
ATOM   239  C CD1 . PHE A 1 28  ? -10.379 1.866   4.425   1.00 18.27  ? 1006 PHE A CD1 1 
ATOM   240  C CD2 . PHE A 1 28  ? -8.905  3.726   4.736   1.00 18.41  ? 1006 PHE A CD2 1 
ATOM   241  C CE1 . PHE A 1 28  ? -10.999 2.544   3.392   1.00 18.90  ? 1006 PHE A CE1 1 
ATOM   242  C CE2 . PHE A 1 28  ? -9.505  4.385   3.695   1.00 17.76  ? 1006 PHE A CE2 1 
ATOM   243  C CZ  . PHE A 1 28  ? -10.545 3.785   2.996   1.00 20.82  ? 1006 PHE A CZ  1 
ATOM   244  N N   . ARG A 1 29  ? -9.462  0.236   9.514   1.00 23.10  ? 1007 ARG A N   1 
ATOM   245  C CA  . ARG A 1 29  ? -8.810  -0.278  10.752  1.00 25.05  ? 1007 ARG A CA  1 
ATOM   246  C C   . ARG A 1 29  ? -8.367  -1.736  10.575  1.00 23.68  ? 1007 ARG A C   1 
ATOM   247  O O   . ARG A 1 29  ? -7.258  -2.106  11.087  1.00 24.00  ? 1007 ARG A O   1 
ATOM   248  C CB  . ARG A 1 29  ? -9.726  -0.150  11.973  1.00 28.61  ? 1007 ARG A CB  1 
ATOM   249  C CG  . ARG A 1 29  ? -9.071  -0.631  13.262  1.00 38.51  ? 1007 ARG A CG  1 
ATOM   250  C CD  . ARG A 1 29  ? -9.941  -0.322  14.472  1.00 52.54  ? 1007 ARG A CD  1 
ATOM   251  N NE  . ARG A 1 29  ? -9.267  -0.645  15.731  1.00 70.08  ? 1007 ARG A NE  1 
ATOM   252  C CZ  . ARG A 1 29  ? -9.165  -1.873  16.250  1.00 85.18  ? 1007 ARG A CZ  1 
ATOM   253  N NH1 . ARG A 1 29  ? -8.521  -2.057  17.392  1.00 87.06  ? 1007 ARG A NH1 1 
ATOM   254  N NH2 . ARG A 1 29  ? -9.676  -2.921  15.618  1.00 91.92  ? 1007 ARG A NH2 1 
ATOM   255  N N   . VAL A 1 30  ? -9.133  -2.508  9.816   1.00 24.12  ? 1008 VAL A N   1 
ATOM   256  C CA  . VAL A 1 30  ? -8.860  -3.965  9.644   1.00 28.30  ? 1008 VAL A CA  1 
ATOM   257  C C   . VAL A 1 30  ? -7.528  -4.125  8.870   1.00 29.07  ? 1008 VAL A C   1 
ATOM   258  O O   . VAL A 1 30  ? -6.821  -5.144  9.068   1.00 25.37  ? 1008 VAL A O   1 
ATOM   259  C CB  . VAL A 1 30  ? -10.078 -4.680  9.020   1.00 30.74  ? 1008 VAL A CB  1 
ATOM   260  C CG1 . VAL A 1 30  ? -10.353 -4.301  7.573   1.00 31.54  ? 1008 VAL A CG1 1 
ATOM   261  C CG2 . VAL A 1 30  ? -9.988  -6.185  9.154   1.00 38.02  ? 1008 VAL A CG2 1 
ATOM   262  N N   . PHE A 1 31  ? -7.132  -3.121  8.083   1.00 24.61  ? 1009 PHE A N   1 
ATOM   263  C CA  . PHE A 1 31  ? -5.903  -3.188  7.237   1.00 22.77  ? 1009 PHE A CA  1 
ATOM   264  C C   . PHE A 1 31  ? -4.664  -2.617  7.950   1.00 23.85  ? 1009 PHE A C   1 
ATOM   265  O O   . PHE A 1 31  ? -3.586  -2.540  7.292   1.00 24.43  ? 1009 PHE A O   1 
ATOM   266  C CB  . PHE A 1 31  ? -6.183  -2.546  5.879   1.00 21.21  ? 1009 PHE A CB  1 
ATOM   267  C CG  . PHE A 1 31  ? -7.439  -3.060  5.233   1.00 25.28  ? 1009 PHE A CG  1 
ATOM   268  C CD1 . PHE A 1 31  ? -7.572  -4.397  4.898   1.00 26.20  ? 1009 PHE A CD1 1 
ATOM   269  C CD2 . PHE A 1 31  ? -8.508  -2.213  4.966   1.00 25.37  ? 1009 PHE A CD2 1 
ATOM   270  C CE1 . PHE A 1 31  ? -8.737  -4.871  4.313   1.00 26.41  ? 1009 PHE A CE1 1 
ATOM   271  C CE2 . PHE A 1 31  ? -9.676  -2.696  4.403   1.00 25.68  ? 1009 PHE A CE2 1 
ATOM   272  C CZ  . PHE A 1 31  ? -9.800  -4.029  4.098   1.00 27.15  ? 1009 PHE A CZ  1 
ATOM   273  N N   . THR A 1 32  ? -4.731  -2.223  9.227   1.00 21.95  ? 1010 THR A N   1 
ATOM   274  C CA  . THR A 1 32  ? -3.631  -1.477  9.902   1.00 27.27  ? 1010 THR A CA  1 
ATOM   275  C C   . THR A 1 32  ? -2.556  -2.387  10.533  1.00 33.93  ? 1010 THR A C   1 
ATOM   276  O O   . THR A 1 32  ? -1.481  -1.907  10.829  1.00 31.16  ? 1010 THR A O   1 
ATOM   277  C CB  . THR A 1 32  ? -4.104  -0.471  10.955  1.00 26.97  ? 1010 THR A CB  1 
ATOM   278  O OG1 . THR A 1 32  ? -4.813  -1.174  11.977  1.00 26.29  ? 1010 THR A OG1 1 
ATOM   279  C CG2 . THR A 1 32  ? -4.949  0.635   10.355  1.00 24.80  ? 1010 THR A CG2 1 
ATOM   280  N N   . LYS A 1 33  ? -2.868  -3.675  10.715  0.51 35.47  ? 1011 LYS A N   1 
ATOM   281  C CA  . LYS A 1 33  ? -1.954  -4.670  11.346  0.51 38.78  ? 1011 LYS A CA  1 
ATOM   282  C C   . LYS A 1 33  ? -2.022  -5.987  10.578  0.51 38.59  ? 1011 LYS A C   1 
ATOM   283  O O   . LYS A 1 33  ? -3.028  -6.275  9.936   0.51 38.42  ? 1011 LYS A O   1 
ATOM   284  C CB  . LYS A 1 33  ? -2.321  -4.867  12.820  0.51 42.35  ? 1011 LYS A CB  1 
ATOM   285  C CG  . LYS A 1 33  ? -2.191  -3.618  13.683  0.51 46.49  ? 1011 LYS A CG  1 
ATOM   286  C CD  . LYS A 1 33  ? -2.458  -3.853  15.159  0.51 50.85  ? 1011 LYS A CD  1 
ATOM   287  C CE  . LYS A 1 33  ? -3.904  -4.183  15.465  0.51 54.22  ? 1011 LYS A CE  1 
ATOM   288  N NZ  . LYS A 1 33  ? -4.133  -4.373  16.918  0.51 56.80  ? 1011 LYS A NZ  1 
ATOM   289  N N   . PRO A 1 34  ? -0.956  -6.823  10.617  1.00 39.65  ? 1012 PRO A N   1 
ATOM   290  C CA  . PRO A 1 34  ? -0.989  -8.128  9.955   1.00 43.22  ? 1012 PRO A CA  1 
ATOM   291  C C   . PRO A 1 34  ? -2.013  -9.035  10.659  1.00 41.12  ? 1012 PRO A C   1 
ATOM   292  O O   . PRO A 1 34  ? -2.291  -8.780  11.813  1.00 42.16  ? 1012 PRO A O   1 
ATOM   293  C CB  . PRO A 1 34  ? 0.438   -8.690  10.108  1.00 40.75  ? 1012 PRO A CB  1 
ATOM   294  C CG  . PRO A 1 34  ? 1.266   -7.590  10.741  1.00 40.74  ? 1012 PRO A CG  1 
ATOM   295  C CD  . PRO A 1 34  ? 0.317   -6.552  11.306  1.00 39.35  ? 1012 PRO A CD  1 
ATOM   296  N N   . VAL A 1 35  ? -2.614  -9.958  9.911   1.00 53.69  ? 1013 VAL A N   1 
ATOM   297  C CA  . VAL A 1 35  ? -3.596  -10.967 10.416  1.00 64.36  ? 1013 VAL A CA  1 
ATOM   298  C C   . VAL A 1 35  ? -2.906  -11.818 11.489  1.00 76.78  ? 1013 VAL A C   1 
ATOM   299  O O   . VAL A 1 35  ? -1.815  -12.346 11.207  1.00 85.76  ? 1013 VAL A O   1 
ATOM   300  C CB  . VAL A 1 35  ? -4.128  -11.849 9.275   1.00 64.66  ? 1013 VAL A CB  1 
ATOM   301  C CG1 . VAL A 1 35  ? -4.982  -12.992 9.801   1.00 67.69  ? 1013 VAL A CG1 1 
ATOM   302  C CG2 . VAL A 1 35  ? -4.889  -11.038 8.237   1.00 62.10  ? 1013 VAL A CG2 1 
ATOM   303  N N   . ASP A 1 36  ? -3.516  -11.929 12.671  1.00 87.91  ? 1014 ASP A N   1 
ATOM   304  C CA  . ASP A 1 36  ? -2.966  -12.694 13.825  1.00 95.42  ? 1014 ASP A CA  1 
ATOM   305  C C   . ASP A 1 36  ? -3.148  -14.188 13.557  1.00 101.03 ? 1014 ASP A C   1 
ATOM   306  O O   . ASP A 1 36  ? -4.286  -14.660 13.498  1.00 94.04  ? 1014 ASP A O   1 
ATOM   307  C CB  . ASP A 1 36  ? -3.635  -12.274 15.134  1.00 93.42  ? 1014 ASP A CB  1 
ATOM   308  C CG  . ASP A 1 36  ? -3.025  -12.930 16.358  1.00 92.41  ? 1014 ASP A CG  1 
ATOM   309  O OD1 . ASP A 1 36  ? -2.136  -13.783 16.177  1.00 91.04  ? 1014 ASP A OD1 1 
ATOM   310  O OD2 . ASP A 1 36  ? -3.445  -12.585 17.478  1.00 91.06  ? 1014 ASP A OD2 1 
ATOM   311  N N   . PRO A 1 37  ? -2.051  -14.972 13.376  1.00 106.99 ? 1015 PRO A N   1 
ATOM   312  C CA  . PRO A 1 37  ? -2.155  -16.401 13.056  1.00 109.78 ? 1015 PRO A CA  1 
ATOM   313  C C   . PRO A 1 37  ? -2.979  -17.228 14.056  1.00 110.93 ? 1015 PRO A C   1 
ATOM   314  O O   . PRO A 1 37  ? -3.574  -18.216 13.651  1.00 101.93 ? 1015 PRO A O   1 
ATOM   315  C CB  . PRO A 1 37  ? -0.693  -16.880 13.070  1.00 106.13 ? 1015 PRO A CB  1 
ATOM   316  C CG  . PRO A 1 37  ? 0.098   -15.638 12.727  1.00 108.59 ? 1015 PRO A CG  1 
ATOM   317  C CD  . PRO A 1 37  ? -0.647  -14.525 13.436  1.00 108.91 ? 1015 PRO A CD  1 
ATOM   318  N N   . ASP A 1 38  ? -2.982  -16.803 15.324  1.00 115.53 ? 1016 ASP A N   1 
ATOM   319  C CA  . ASP A 1 38  ? -3.823  -17.371 16.412  1.00 114.97 ? 1016 ASP A CA  1 
ATOM   320  C C   . ASP A 1 38  ? -5.287  -17.400 15.971  1.00 115.01 ? 1016 ASP A C   1 
ATOM   321  O O   . ASP A 1 38  ? -5.902  -18.481 15.937  1.00 126.93 ? 1016 ASP A O   1 
ATOM   322  C CB  . ASP A 1 38  ? -3.757  -16.540 17.699  1.00 118.39 ? 1016 ASP A CB  1 
ATOM   323  C CG  . ASP A 1 38  ? -2.484  -16.683 18.515  1.00 126.06 ? 1016 ASP A CG  1 
ATOM   324  O OD1 . ASP A 1 38  ? -1.578  -17.429 18.085  1.00 127.20 ? 1016 ASP A OD1 1 
ATOM   325  O OD2 . ASP A 1 38  ? -2.417  -16.046 19.586  1.00 128.50 ? 1016 ASP A OD2 1 
ATOM   326  N N   . GLU A 1 39  ? -5.825  -16.222 15.636  0.51 114.40 ? 1017 GLU A N   1 
ATOM   327  C CA  . GLU A 1 39  ? -7.259  -16.010 15.291  0.51 111.58 ? 1017 GLU A CA  1 
ATOM   328  C C   . GLU A 1 39  ? -7.559  -16.635 13.924  0.51 108.48 ? 1017 GLU A C   1 
ATOM   329  O O   . GLU A 1 39  ? -8.615  -17.287 13.794  0.51 108.07 ? 1017 GLU A O   1 
ATOM   330  C CB  . GLU A 1 39  ? -7.598  -14.518 15.278  0.51 112.56 ? 1017 GLU A CB  1 
ATOM   331  C CG  . GLU A 1 39  ? -7.388  -13.829 16.615  0.51 113.46 ? 1017 GLU A CG  1 
ATOM   332  C CD  . GLU A 1 39  ? -7.405  -12.312 16.542  0.51 114.23 ? 1017 GLU A CD  1 
ATOM   333  O OE1 . GLU A 1 39  ? -6.498  -11.682 17.122  0.51 113.76 ? 1017 GLU A OE1 1 
ATOM   334  O OE2 . GLU A 1 39  ? -8.326  -11.763 15.905  0.51 114.66 ? 1017 GLU A OE2 1 
ATOM   335  N N   . VAL A 1 40  ? -6.663  -16.433 12.951  1.00 104.91 ? 1018 VAL A N   1 
ATOM   336  C CA  . VAL A 1 40  ? -6.822  -16.972 11.565  1.00 102.61 ? 1018 VAL A CA  1 
ATOM   337  C C   . VAL A 1 40  ? -5.571  -17.766 11.198  1.00 103.29 ? 1018 VAL A C   1 
ATOM   338  O O   . VAL A 1 40  ? -4.587  -17.190 10.741  1.00 106.56 ? 1018 VAL A O   1 
ATOM   339  C CB  . VAL A 1 40  ? -7.099  -15.842 10.555  1.00 96.68  ? 1018 VAL A CB  1 
ATOM   340  C CG1 . VAL A 1 40  ? -7.711  -16.384 9.276   1.00 92.05  ? 1018 VAL A CG1 1 
ATOM   341  C CG2 . VAL A 1 40  ? -7.983  -14.750 11.139  1.00 96.42  ? 1018 VAL A CG2 1 
ATOM   342  N N   . PRO A 1 41  ? -5.563  -19.106 11.407  1.00 106.74 ? 1019 PRO A N   1 
ATOM   343  C CA  . PRO A 1 41  ? -4.466  -19.965 10.941  1.00 93.93  ? 1019 PRO A CA  1 
ATOM   344  C C   . PRO A 1 41  ? -4.607  -20.351 9.460   1.00 81.61  ? 1019 PRO A C   1 
ATOM   345  O O   . PRO A 1 41  ? -3.626  -20.677 8.817   1.00 84.98  ? 1019 PRO A O   1 
ATOM   346  C CB  . PRO A 1 41  ? -4.629  -21.200 11.831  1.00 97.47  ? 1019 PRO A CB  1 
ATOM   347  C CG  . PRO A 1 41  ? -6.134  -21.304 12.000  1.00 103.11 ? 1019 PRO A CG  1 
ATOM   348  C CD  . PRO A 1 41  ? -6.602  -19.867 12.126  1.00 104.10 ? 1019 PRO A CD  1 
ATOM   349  N N   . ASP A 1 42  ? -5.838  -20.274 8.963   1.00 74.09  ? 1020 ASP A N   1 
ATOM   350  C CA  . ASP A 1 42  ? -6.238  -20.473 7.543   1.00 74.52  ? 1020 ASP A CA  1 
ATOM   351  C C   . ASP A 1 42  ? -5.562  -19.417 6.634   1.00 78.18  ? 1020 ASP A C   1 
ATOM   352  O O   . ASP A 1 42  ? -5.428  -19.685 5.407   1.00 66.95  ? 1020 ASP A O   1 
ATOM   353  C CB  . ASP A 1 42  ? -7.772  -20.451 7.525   1.00 77.37  ? 1020 ASP A CB  1 
ATOM   354  C CG  . ASP A 1 42  ? -8.462  -20.617 6.184   1.00 82.10  ? 1020 ASP A CG  1 
ATOM   355  O OD1 . ASP A 1 42  ? -7.848  -21.192 5.269   1.00 91.66  ? 1020 ASP A OD1 1 
ATOM   356  O OD2 . ASP A 1 42  ? -9.634  -20.191 6.080   1.00 84.68  ? 1020 ASP A OD2 1 
ATOM   357  N N   . TYR A 1 43  ? -5.130  -18.263 7.180   1.00 76.14  ? 1021 TYR A N   1 
ATOM   358  C CA  . TYR A 1 43  ? -4.751  -17.059 6.376   1.00 71.95  ? 1021 TYR A CA  1 
ATOM   359  C C   . TYR A 1 43  ? -3.426  -17.289 5.632   1.00 67.00  ? 1021 TYR A C   1 
ATOM   360  O O   . TYR A 1 43  ? -3.437  -17.357 4.378   1.00 54.97  ? 1021 TYR A O   1 
ATOM   361  C CB  . TYR A 1 43  ? -4.683  -15.771 7.211   1.00 67.34  ? 1021 TYR A CB  1 
ATOM   362  C CG  . TYR A 1 43  ? -4.731  -14.539 6.340   1.00 65.38  ? 1021 TYR A CG  1 
ATOM   363  C CD1 . TYR A 1 43  ? -5.877  -14.228 5.619   1.00 64.47  ? 1021 TYR A CD1 1 
ATOM   364  C CD2 . TYR A 1 43  ? -3.605  -13.747 6.150   1.00 59.61  ? 1021 TYR A CD2 1 
ATOM   365  C CE1 . TYR A 1 43  ? -5.921  -13.132 4.772   1.00 64.08  ? 1021 TYR A CE1 1 
ATOM   366  C CE2 . TYR A 1 43  ? -3.634  -12.644 5.309   1.00 55.05  ? 1021 TYR A CE2 1 
ATOM   367  C CZ  . TYR A 1 43  ? -4.794  -12.341 4.614   1.00 58.51  ? 1021 TYR A CZ  1 
ATOM   368  O OH  . TYR A 1 43  ? -4.839  -11.281 3.762   1.00 48.32  ? 1021 TYR A OH  1 
ATOM   369  N N   . ARG A 1 44  ? -2.327  -17.430 6.384   1.00 69.71  ? 1022 ARG A N   1 
ATOM   370  C CA  . ARG A 1 44  ? -0.943  -17.490 5.838   1.00 76.42  ? 1022 ARG A CA  1 
ATOM   371  C C   . ARG A 1 44  ? -0.805  -18.651 4.843   1.00 74.66  ? 1022 ARG A C   1 
ATOM   372  O O   . ARG A 1 44  ? 0.210   -18.672 4.124   1.00 68.42  ? 1022 ARG A O   1 
ATOM   373  C CB  . ARG A 1 44  ? 0.091   -17.608 6.964   1.00 83.62  ? 1022 ARG A CB  1 
ATOM   374  C CG  . ARG A 1 44  ? 1.213   -16.581 6.875   1.00 93.04  ? 1022 ARG A CG  1 
ATOM   375  C CD  . ARG A 1 44  ? 1.607   -16.018 8.229   1.00 108.42 ? 1022 ARG A CD  1 
ATOM   376  N NE  . ARG A 1 44  ? 1.481   -14.561 8.265   1.00 125.05 ? 1022 ARG A NE  1 
ATOM   377  C CZ  . ARG A 1 44  ? 0.348   -13.889 8.479   1.00 129.93 ? 1022 ARG A CZ  1 
ATOM   378  N NH1 . ARG A 1 44  ? -0.792  -14.532 8.687   1.00 130.05 ? 1022 ARG A NH1 1 
ATOM   379  N NH2 . ARG A 1 44  ? 0.361   -12.565 8.488   1.00 125.66 ? 1022 ARG A NH2 1 
ATOM   380  N N   . THR A 1 45  ? -1.793  -19.552 4.776   1.00 77.36  ? 1023 THR A N   1 
ATOM   381  C CA  . THR A 1 45  ? -1.829  -20.698 3.823   1.00 80.28  ? 1023 THR A CA  1 
ATOM   382  C C   . THR A 1 45  ? -2.596  -20.295 2.560   1.00 76.19  ? 1023 THR A C   1 
ATOM   383  O O   . THR A 1 45  ? -2.128  -20.664 1.465   1.00 77.03  ? 1023 THR A O   1 
ATOM   384  C CB  . THR A 1 45  ? -2.439  -21.962 4.447   1.00 91.31  ? 1023 THR A CB  1 
ATOM   385  O OG1 . THR A 1 45  ? -3.861  -21.822 4.421   1.00 101.78 ? 1023 THR A OG1 1 
ATOM   386  C CG2 . THR A 1 45  ? -1.964  -22.225 5.861   1.00 90.16  ? 1023 THR A CG2 1 
ATOM   387  N N   . VAL A 1 46  ? -3.734  -19.600 2.698   1.00 65.63  ? 1024 VAL A N   1 
ATOM   388  C CA  . VAL A 1 46  ? -4.511  -19.095 1.520   1.00 62.51  ? 1024 VAL A CA  1 
ATOM   389  C C   . VAL A 1 46  ? -3.739  -17.916 0.914   1.00 54.38  ? 1024 VAL A C   1 
ATOM   390  O O   . VAL A 1 46  ? -3.651  -17.847 -0.333  1.00 51.59  ? 1024 VAL A O   1 
ATOM   391  C CB  . VAL A 1 46  ? -5.966  -18.690 1.838   1.00 65.31  ? 1024 VAL A CB  1 
ATOM   392  C CG1 . VAL A 1 46  ? -6.731  -18.302 0.572   1.00 59.48  ? 1024 VAL A CG1 1 
ATOM   393  C CG2 . VAL A 1 46  ? -6.719  -19.784 2.576   1.00 70.61  ? 1024 VAL A CG2 1 
ATOM   394  N N   . ILE A 1 47  ? -3.235  -17.007 1.758   1.00 49.54  ? 1025 ILE A N   1 
ATOM   395  C CA  . ILE A 1 47  ? -2.567  -15.747 1.286   1.00 45.00  ? 1025 ILE A CA  1 
ATOM   396  C C   . ILE A 1 47  ? -1.029  -15.938 1.289   1.00 34.78  ? 1025 ILE A C   1 
ATOM   397  O O   . ILE A 1 47  ? -0.394  -15.999 2.375   1.00 39.98  ? 1025 ILE A O   1 
ATOM   398  C CB  . ILE A 1 47  ? -3.055  -14.506 2.077   1.00 40.62  ? 1025 ILE A CB  1 
ATOM   399  C CG1 . ILE A 1 47  ? -4.579  -14.342 2.026   1.00 34.08  ? 1025 ILE A CG1 1 
ATOM   400  C CG2 . ILE A 1 47  ? -2.355  -13.243 1.574   1.00 40.48  ? 1025 ILE A CG2 1 
ATOM   401  C CD1 . ILE A 1 47  ? -5.161  -14.291 0.630   1.00 31.71  ? 1025 ILE A CD1 1 
ATOM   402  N N   . LYS A 1 48  ? -0.473  -15.982 0.082   1.00 38.71  ? 1026 LYS A N   1 
ATOM   403  C CA  . LYS A 1 48  ? 0.970   -16.206 -0.198  1.00 44.43  ? 1026 LYS A CA  1 
ATOM   404  C C   . LYS A 1 48  ? 1.794   -14.975 0.171   1.00 41.77  ? 1026 LYS A C   1 
ATOM   405  O O   . LYS A 1 48  ? 2.905   -15.171 0.714   1.00 35.52  ? 1026 LYS A O   1 
ATOM   406  C CB  . LYS A 1 48  ? 1.200   -16.493 -1.684  1.00 52.85  ? 1026 LYS A CB  1 
ATOM   407  C CG  . LYS A 1 48  ? 0.507   -17.753 -2.195  1.00 68.12  ? 1026 LYS A CG  1 
ATOM   408  C CD  . LYS A 1 48  ? 0.892   -19.051 -1.470  1.00 73.53  ? 1026 LYS A CD  1 
ATOM   409  C CE  . LYS A 1 48  ? -0.316  -19.765 -0.892  1.00 73.21  ? 1026 LYS A CE  1 
ATOM   410  N NZ  . LYS A 1 48  ? 0.061   -20.840 0.057   1.00 72.66  ? 1026 LYS A NZ  1 
ATOM   411  N N   . GLU A 1 49  ? 1.275   -13.764 -0.086  1.00 35.63  ? 1027 GLU A N   1 
ATOM   412  C CA  . GLU A 1 49  ? 2.024   -12.515 0.237   1.00 33.40  ? 1027 GLU A CA  1 
ATOM   413  C C   . GLU A 1 49  ? 1.144   -11.554 1.052   1.00 35.38  ? 1027 GLU A C   1 
ATOM   414  O O   . GLU A 1 49  ? 0.550   -10.623 0.532   1.00 32.61  ? 1027 GLU A O   1 
ATOM   415  C CB  . GLU A 1 49  ? 2.584   -11.942 -1.068  1.00 29.55  ? 1027 GLU A CB  1 
ATOM   416  C CG  . GLU A 1 49  ? 3.692   -10.957 -0.784  1.00 28.39  ? 1027 GLU A CG  1 
ATOM   417  C CD  . GLU A 1 49  ? 4.383   -10.232 -1.915  1.00 27.26  ? 1027 GLU A CD  1 
ATOM   418  O OE1 . GLU A 1 49  ? 4.022   -10.437 -3.105  1.00 29.53  ? 1027 GLU A OE1 1 
ATOM   419  O OE2 . GLU A 1 49  ? 5.304   -9.441  -1.553  1.00 28.60  ? 1027 GLU A OE2 1 
ATOM   420  N N   . PRO A 1 50  ? 1.054   -11.724 2.379   1.00 32.42  ? 1028 PRO A N   1 
ATOM   421  C CA  . PRO A 1 50  ? 0.310   -10.798 3.217   1.00 34.22  ? 1028 PRO A CA  1 
ATOM   422  C C   . PRO A 1 50  ? 0.869   -9.370  3.176   1.00 30.94  ? 1028 PRO A C   1 
ATOM   423  O O   . PRO A 1 50  ? 2.068   -9.210  3.184   1.00 24.85  ? 1028 PRO A O   1 
ATOM   424  C CB  . PRO A 1 50  ? 0.571   -11.311 4.643   1.00 34.13  ? 1028 PRO A CB  1 
ATOM   425  C CG  . PRO A 1 50  ? 0.933   -12.765 4.441   1.00 40.53  ? 1028 PRO A CG  1 
ATOM   426  C CD  . PRO A 1 50  ? 1.728   -12.758 3.162   1.00 36.86  ? 1028 PRO A CD  1 
ATOM   427  N N   . MET A 1 51  ? -0.002  -8.374  3.245   1.00 24.39  ? 1029 MET A N   1 
ATOM   428  C CA  . MET A 1 51  ? 0.433   -6.953  3.283   1.00 24.36  ? 1029 MET A CA  1 
ATOM   429  C C   . MET A 1 51  ? -0.601  -6.165  4.099   1.00 24.15  ? 1029 MET A C   1 
ATOM   430  O O   . MET A 1 51  ? -1.821  -6.556  4.041   1.00 24.14  ? 1029 MET A O   1 
ATOM   431  C CB  . MET A 1 51  ? 0.559   -6.421  1.854   1.00 25.09  ? 1029 MET A CB  1 
ATOM   432  C CG  . MET A 1 51  ? 1.245   -5.046  1.738   1.00 23.55  ? 1029 MET A CG  1 
ATOM   433  S SD  . MET A 1 51  ? 2.824   -4.859  2.581   1.00 24.77  ? 1029 MET A SD  1 
ATOM   434  C CE  . MET A 1 51  ? 3.735   -6.043  1.584   1.00 27.64  ? 1029 MET A CE  1 
ATOM   435  N N   . ASP A 1 52  ? -0.120  -5.208  4.893   1.00 22.87  ? 1030 ASP A N   1 
ATOM   436  C CA  . ASP A 1 52  ? -0.965  -4.315  5.720   1.00 25.80  ? 1030 ASP A CA  1 
ATOM   437  C C   . ASP A 1 52  ? -0.301  -2.933  5.775   1.00 26.69  ? 1030 ASP A C   1 
ATOM   438  O O   . ASP A 1 52  ? 0.876   -2.822  5.361   1.00 24.14  ? 1030 ASP A O   1 
ATOM   439  C CB  . ASP A 1 52  ? -1.134  -4.936  7.110   1.00 25.34  ? 1030 ASP A CB  1 
ATOM   440  C CG  . ASP A 1 52  ? 0.172   -5.020  7.870   1.00 29.97  ? 1030 ASP A CG  1 
ATOM   441  O OD1 . ASP A 1 52  ? 0.932   -5.973  7.643   1.00 36.16  ? 1030 ASP A OD1 1 
ATOM   442  O OD2 . ASP A 1 52  ? 0.474   -4.104  8.617   1.00 32.91  ? 1030 ASP A OD2 1 
ATOM   443  N N   . LEU A 1 53  ? -0.968  -1.937  6.362   1.00 22.77  ? 1031 LEU A N   1 
ATOM   444  C CA  . LEU A 1 53  ? -0.423  -0.551  6.389   1.00 23.12  ? 1031 LEU A CA  1 
ATOM   445  C C   . LEU A 1 53  ? 0.814   -0.383  7.297   1.00 24.97  ? 1031 LEU A C   1 
ATOM   446  O O   . LEU A 1 53  ? 1.683   0.438   6.983   1.00 22.52  ? 1031 LEU A O   1 
ATOM   447  C CB  . LEU A 1 53  ? -1.548  0.428   6.722   1.00 19.95  ? 1031 LEU A CB  1 
ATOM   448  C CG  . LEU A 1 53  ? -2.662  0.472   5.667   1.00 20.24  ? 1031 LEU A CG  1 
ATOM   449  C CD1 . LEU A 1 53  ? -3.870  1.263   6.207   1.00 20.18  ? 1031 LEU A CD1 1 
ATOM   450  C CD2 . LEU A 1 53  ? -2.188  1.065   4.343   1.00 19.82  ? 1031 LEU A CD2 1 
ATOM   451  N N   A SER A 1 54  ? 0.888   -1.135  8.398   0.17 24.52  ? 1032 SER A N   1 
ATOM   452  N N   B SER A 1 54  ? 0.874   -1.139  8.397   0.19 24.63  ? 1032 SER A N   1 
ATOM   453  N N   C SER A 1 54  ? 0.876   -1.141  8.399   0.16 24.02  ? 1032 SER A N   1 
ATOM   454  C CA  A SER A 1 54  ? 2.054   -1.124  9.324   0.17 25.15  ? 1032 SER A CA  1 
ATOM   455  C CA  B SER A 1 54  ? 2.035   -1.166  9.329   0.19 25.39  ? 1032 SER A CA  1 
ATOM   456  C CA  C SER A 1 54  ? 2.035   -1.170  9.334   0.16 24.35  ? 1032 SER A CA  1 
ATOM   457  C C   A SER A 1 54  ? 3.295   -1.643  8.587   0.17 25.09  ? 1032 SER A C   1 
ATOM   458  C C   B SER A 1 54  ? 3.281   -1.627  8.568   0.19 25.20  ? 1032 SER A C   1 
ATOM   459  C C   C SER A 1 54  ? 3.282   -1.634  8.577   0.16 24.59  ? 1032 SER A C   1 
ATOM   460  O O   A SER A 1 54  ? 4.389   -1.069  8.795   0.17 25.30  ? 1032 SER A O   1 
ATOM   461  O O   B SER A 1 54  ? 4.355   -1.008  8.746   0.19 25.40  ? 1032 SER A O   1 
ATOM   462  O O   C SER A 1 54  ? 4.360   -1.026  8.768   0.16 24.80  ? 1032 SER A O   1 
ATOM   463  C CB  A SER A 1 54  ? 1.781   -1.900  10.597  0.17 25.56  ? 1032 SER A CB  1 
ATOM   464  C CB  B SER A 1 54  ? 1.773   -2.045  10.533  0.19 25.83  ? 1032 SER A CB  1 
ATOM   465  C CB  C SER A 1 54  ? 1.769   -2.043  10.547  0.16 24.09  ? 1032 SER A CB  1 
ATOM   466  O OG  A SER A 1 54  ? 1.010   -1.119  11.500  0.17 25.31  ? 1032 SER A OG  1 
ATOM   467  O OG  B SER A 1 54  ? 2.802   -1.894  11.496  0.19 25.94  ? 1032 SER A OG  1 
ATOM   468  O OG  C SER A 1 54  ? 1.609   -3.405  10.180  0.16 22.84  ? 1032 SER A OG  1 
ATOM   469  N N   . SER A 1 55  ? 3.125   -2.668  7.747   1.00 24.18  ? 1033 SER A N   1 
ATOM   470  C CA  . SER A 1 55  ? 4.222   -3.245  6.931   1.00 25.77  ? 1033 SER A CA  1 
ATOM   471  C C   . SER A 1 55  ? 4.591   -2.250  5.841   1.00 25.70  ? 1033 SER A C   1 
ATOM   472  O O   . SER A 1 55  ? 5.782   -2.097  5.596   1.00 21.14  ? 1033 SER A O   1 
ATOM   473  C CB  . SER A 1 55  ? 3.838   -4.569  6.350   1.00 26.36  ? 1033 SER A CB  1 
ATOM   474  O OG  . SER A 1 55  ? 3.576   -5.476  7.428   1.00 31.17  ? 1033 SER A OG  1 
ATOM   475  N N   . VAL A 1 56  ? 3.612   -1.571  5.236   1.00 22.61  ? 1034 VAL A N   1 
ATOM   476  C CA  . VAL A 1 56  ? 3.931   -0.468  4.268   1.00 20.69  ? 1034 VAL A CA  1 
ATOM   477  C C   . VAL A 1 56  ? 4.853   0.601   4.890   1.00 19.37  ? 1034 VAL A C   1 
ATOM   478  O O   . VAL A 1 56  ? 5.848   1.003   4.230   1.00 19.96  ? 1034 VAL A O   1 
ATOM   479  C CB  . VAL A 1 56  ? 2.655   0.097   3.596   1.00 20.63  ? 1034 VAL A CB  1 
ATOM   480  C CG1 . VAL A 1 56  ? 2.926   1.297   2.695   1.00 22.63  ? 1034 VAL A CG1 1 
ATOM   481  C CG2 . VAL A 1 56  ? 1.969   -0.972  2.789   1.00 21.61  ? 1034 VAL A CG2 1 
ATOM   482  N N   . ILE A 1 57  ? 4.537   1.059   6.106   0.51 20.24  ? 1035 ILE A N   1 
ATOM   483  C CA  . ILE A 1 57  ? 5.378   2.039   6.861   0.51 21.23  ? 1035 ILE A CA  1 
ATOM   484  C C   . ILE A 1 57  ? 6.789   1.452   7.014   0.51 21.03  ? 1035 ILE A C   1 
ATOM   485  O O   . ILE A 1 57  ? 7.762   2.233   6.912   0.51 18.91  ? 1035 ILE A O   1 
ATOM   486  C CB  . ILE A 1 57  ? 4.757   2.391   8.229   0.51 22.95  ? 1035 ILE A CB  1 
ATOM   487  C CG1 . ILE A 1 57  ? 3.433   3.147   8.082   0.51 23.88  ? 1035 ILE A CG1 1 
ATOM   488  C CG2 . ILE A 1 57  ? 5.746   3.159   9.096   0.51 23.86  ? 1035 ILE A CG2 1 
ATOM   489  C CD1 . ILE A 1 57  ? 3.576   4.585   7.632   0.51 24.43  ? 1035 ILE A CD1 1 
ATOM   490  N N   . SER A 1 58  ? 6.888   0.136   7.264   0.51 20.48  ? 1036 SER A N   1 
ATOM   491  C CA  . SER A 1 58  ? 8.176   -0.605  7.408   0.51 20.61  ? 1036 SER A CA  1 
ATOM   492  C C   . SER A 1 58  ? 8.947   -0.575  6.086   0.51 19.42  ? 1036 SER A C   1 
ATOM   493  O O   . SER A 1 58  ? 10.172  -0.320  6.117   0.51 19.59  ? 1036 SER A O   1 
ATOM   494  C CB  . SER A 1 58  ? 7.969   -2.028  7.869   0.51 21.16  ? 1036 SER A CB  1 
ATOM   495  O OG  . SER A 1 58  ? 7.431   -2.061  9.182   0.51 22.44  ? 1036 SER A OG  1 
ATOM   496  N N   . LYS A 1 59  ? 8.263   -0.840  4.969   0.51 18.07  ? 1037 LYS A N   1 
ATOM   497  C CA  . LYS A 1 59  ? 8.903   -0.883  3.624   0.51 18.08  ? 1037 LYS A CA  1 
ATOM   498  C C   . LYS A 1 59  ? 9.372   0.524   3.212   0.51 18.22  ? 1037 LYS A C   1 
ATOM   499  O O   . LYS A 1 59  ? 10.375  0.606   2.462   0.51 17.52  ? 1037 LYS A O   1 
ATOM   500  C CB  . LYS A 1 59  ? 7.971   -1.534  2.597   0.51 17.65  ? 1037 LYS A CB  1 
ATOM   501  C CG  . LYS A 1 59  ? 7.808   -3.043  2.762   0.51 17.42  ? 1037 LYS A CG  1 
ATOM   502  C CD  . LYS A 1 59  ? 7.078   -3.733  1.633   0.51 17.38  ? 1037 LYS A CD  1 
ATOM   503  C CE  . LYS A 1 59  ? 7.783   -3.617  0.298   0.51 17.96  ? 1037 LYS A CE  1 
ATOM   504  N NZ  . LYS A 1 59  ? 7.278   -4.588  -0.698  0.51 17.87  ? 1037 LYS A NZ  1 
ATOM   505  N N   . ILE A 1 60  ? 8.695   1.590   3.670   1.00 18.22  ? 1038 ILE A N   1 
ATOM   506  C CA  . ILE A 1 60  ? 9.093   2.981   3.285   1.00 17.84  ? 1038 ILE A CA  1 
ATOM   507  C C   . ILE A 1 60  ? 10.408  3.278   4.014   1.00 19.11  ? 1038 ILE A C   1 
ATOM   508  O O   . ILE A 1 60  ? 11.325  3.747   3.335   1.00 18.92  ? 1038 ILE A O   1 
ATOM   509  C CB  . ILE A 1 60  ? 8.039   4.051   3.625   1.00 19.55  ? 1038 ILE A CB  1 
ATOM   510  C CG1 . ILE A 1 60  ? 6.752   3.893   2.810   1.00 17.65  ? 1038 ILE A CG1 1 
ATOM   511  C CG2 . ILE A 1 60  ? 8.636   5.447   3.490   1.00 20.25  ? 1038 ILE A CG2 1 
ATOM   512  C CD1 . ILE A 1 60  ? 5.574   4.610   3.422   1.00 17.98  ? 1038 ILE A CD1 1 
ATOM   513  N N   . ASP A 1 61  ? 10.444  3.027   5.334   1.00 18.91  ? 1039 ASP A N   1 
ATOM   514  C CA  . ASP A 1 61  ? 11.594  3.304   6.221   1.00 20.91  ? 1039 ASP A CA  1 
ATOM   515  C C   . ASP A 1 61  ? 12.835  2.480   5.802   1.00 23.13  ? 1039 ASP A C   1 
ATOM   516  O O   . ASP A 1 61  ? 13.926  3.005   6.043   1.00 23.68  ? 1039 ASP A O   1 
ATOM   517  C CB  . ASP A 1 61  ? 11.207  3.139   7.684   1.00 22.34  ? 1039 ASP A CB  1 
ATOM   518  C CG  . ASP A 1 61  ? 10.252  4.213   8.201   1.00 26.66  ? 1039 ASP A CG  1 
ATOM   519  O OD1 . ASP A 1 61  ? 10.031  5.219   7.492   1.00 29.75  ? 1039 ASP A OD1 1 
ATOM   520  O OD2 . ASP A 1 61  ? 9.713   4.008   9.299   1.00 27.61  ? 1039 ASP A OD2 1 
ATOM   521  N N   . LEU A 1 62  ? 12.680  1.291   5.185   1.00 22.34  ? 1040 LEU A N   1 
ATOM   522  C CA  . LEU A 1 62  ? 13.777  0.411   4.688   1.00 22.40  ? 1040 LEU A CA  1 
ATOM   523  C C   . LEU A 1 62  ? 14.161  0.799   3.254   1.00 25.49  ? 1040 LEU A C   1 
ATOM   524  O O   . LEU A 1 62  ? 14.880  0.022   2.615   1.00 23.07  ? 1040 LEU A O   1 
ATOM   525  C CB  . LEU A 1 62  ? 13.337  -1.068  4.725   1.00 23.65  ? 1040 LEU A CB  1 
ATOM   526  C CG  . LEU A 1 62  ? 13.145  -1.649  6.128   1.00 26.62  ? 1040 LEU A CG  1 
ATOM   527  C CD1 . LEU A 1 62  ? 12.278  -2.898  6.087   1.00 28.63  ? 1040 LEU A CD1 1 
ATOM   528  C CD2 . LEU A 1 62  ? 14.505  -1.948  6.773   1.00 27.11  ? 1040 LEU A CD2 1 
ATOM   529  N N   . HIS A 1 63  ? 13.593  1.868   2.675   1.00 24.34  ? 1041 HIS A N   1 
ATOM   530  C CA  . HIS A 1 63  ? 13.916  2.312   1.291   1.00 22.08  ? 1041 HIS A CA  1 
ATOM   531  C C   . HIS A 1 63  ? 13.535  1.252   0.256   1.00 23.19  ? 1041 HIS A C   1 
ATOM   532  O O   . HIS A 1 63  ? 14.137  1.200   -0.824  1.00 26.32  ? 1041 HIS A O   1 
ATOM   533  C CB  . HIS A 1 63  ? 15.414  2.698   1.183   1.00 24.04  ? 1041 HIS A CB  1 
ATOM   534  C CG  . HIS A 1 63  ? 15.870  3.778   2.085   1.00 23.74  ? 1041 HIS A CG  1 
ATOM   535  N ND1 . HIS A 1 63  ? 17.034  4.492   1.831   1.00 25.14  ? 1041 HIS A ND1 1 
ATOM   536  C CD2 . HIS A 1 63  ? 15.317  4.332   3.184   1.00 22.69  ? 1041 HIS A CD2 1 
ATOM   537  C CE1 . HIS A 1 63  ? 17.172  5.405   2.774   1.00 24.44  ? 1041 HIS A CE1 1 
ATOM   538  N NE2 . HIS A 1 63  ? 16.150  5.304   3.626   1.00 25.53  ? 1041 HIS A NE2 1 
ATOM   539  N N   . LYS A 1 64  ? 12.483  0.473   0.500   1.00 21.84  ? 1042 LYS A N   1 
ATOM   540  C CA  . LYS A 1 64  ? 12.030  -0.497  -0.504  1.00 22.32  ? 1042 LYS A CA  1 
ATOM   541  C C   . LYS A 1 64  ? 11.339  0.204   -1.664  1.00 22.10  ? 1042 LYS A C   1 
ATOM   542  O O   . LYS A 1 64  ? 11.188  -0.500  -2.662  1.00 20.58  ? 1042 LYS A O   1 
ATOM   543  C CB  . LYS A 1 64  ? 11.052  -1.512  0.054   1.00 24.53  ? 1042 LYS A CB  1 
ATOM   544  C CG  . LYS A 1 64  ? 11.565  -2.260  1.267   1.00 28.10  ? 1042 LYS A CG  1 
ATOM   545  C CD  . LYS A 1 64  ? 12.471  -3.381  0.916   1.00 34.64  ? 1042 LYS A CD  1 
ATOM   546  C CE  . LYS A 1 64  ? 12.704  -4.305  2.100   1.00 40.62  ? 1042 LYS A CE  1 
ATOM   547  N NZ  . LYS A 1 64  ? 13.612  -5.418  1.737   1.00 45.65  ? 1042 LYS A NZ  1 
ATOM   548  N N   . TYR A 1 65  ? 10.766  1.403   -1.492  1.00 21.80  ? 1043 TYR A N   1 
ATOM   549  C CA  . TYR A 1 65  ? 9.984   2.049   -2.583  1.00 19.48  ? 1043 TYR A CA  1 
ATOM   550  C C   . TYR A 1 65  ? 10.800  3.222   -3.154  1.00 20.17  ? 1043 TYR A C   1 
ATOM   551  O O   . TYR A 1 65  ? 11.103  4.158   -2.409  1.00 22.34  ? 1043 TYR A O   1 
ATOM   552  C CB  . TYR A 1 65  ? 8.628   2.598   -2.110  1.00 19.15  ? 1043 TYR A CB  1 
ATOM   553  C CG  . TYR A 1 65  ? 7.731   1.629   -1.384  1.00 15.68  ? 1043 TYR A CG  1 
ATOM   554  C CD1 . TYR A 1 65  ? 7.222   0.504   -1.997  1.00 16.95  ? 1043 TYR A CD1 1 
ATOM   555  C CD2 . TYR A 1 65  ? 7.385   1.844   -0.056  1.00 17.67  ? 1043 TYR A CD2 1 
ATOM   556  C CE1 . TYR A 1 65  ? 6.386   -0.381  -1.312  1.00 17.23  ? 1043 TYR A CE1 1 
ATOM   557  C CE2 . TYR A 1 65  ? 6.563   0.957   0.645   1.00 17.05  ? 1043 TYR A CE2 1 
ATOM   558  C CZ  . TYR A 1 65  ? 6.015   -0.135  0.002   1.00 18.09  ? 1043 TYR A CZ  1 
ATOM   559  O OH  . TYR A 1 65  ? 5.220   -1.073  0.638   1.00 17.13  ? 1043 TYR A OH  1 
ATOM   560  N N   A LEU A 1 66  ? 11.144  3.140   -4.444  0.17 21.02  ? 1044 LEU A N   1 
ATOM   561  N N   B LEU A 1 66  ? 11.143  3.158   -4.445  0.19 19.98  ? 1044 LEU A N   1 
ATOM   562  N N   C LEU A 1 66  ? 11.144  3.139   -4.444  0.16 21.03  ? 1044 LEU A N   1 
ATOM   563  C CA  A LEU A 1 66  ? 11.877  4.200   -5.200  0.17 22.01  ? 1044 LEU A CA  1 
ATOM   564  C CA  B LEU A 1 66  ? 11.864  4.244   -5.178  0.19 20.31  ? 1044 LEU A CA  1 
ATOM   565  C CA  C LEU A 1 66  ? 11.877  4.199   -5.200  0.16 22.00  ? 1044 LEU A CA  1 
ATOM   566  C C   A LEU A 1 66  ? 10.912  4.955   -6.121  0.17 21.15  ? 1044 LEU A C   1 
ATOM   567  C C   B LEU A 1 66  ? 10.908  4.962   -6.133  0.19 20.20  ? 1044 LEU A C   1 
ATOM   568  C C   C LEU A 1 66  ? 10.913  4.955   -6.122  0.16 21.15  ? 1044 LEU A C   1 
ATOM   569  O O   A LEU A 1 66  ? 11.330  5.994   -6.666  0.17 21.23  ? 1044 LEU A O   1 
ATOM   570  O O   B LEU A 1 66  ? 11.330  5.976   -6.721  0.19 20.33  ? 1044 LEU A O   1 
ATOM   571  O O   C LEU A 1 66  ? 11.332  5.993   -6.667  0.16 21.23  ? 1044 LEU A O   1 
ATOM   572  C CB  A LEU A 1 66  ? 13.013  3.567   -6.017  0.17 23.33  ? 1044 LEU A CB  1 
ATOM   573  C CB  B LEU A 1 66  ? 13.056  3.664   -5.953  0.19 20.33  ? 1044 LEU A CB  1 
ATOM   574  C CB  C LEU A 1 66  ? 13.013  3.567   -6.017  0.16 23.32  ? 1044 LEU A CB  1 
ATOM   575  C CG  A LEU A 1 66  ? 14.096  2.831   -5.222  0.17 24.61  ? 1044 LEU A CG  1 
ATOM   576  C CG  B LEU A 1 66  ? 14.358  3.575   -5.158  0.19 20.14  ? 1044 LEU A CG  1 
ATOM   577  C CG  C LEU A 1 66  ? 14.096  2.831   -5.222  0.16 24.59  ? 1044 LEU A CG  1 
ATOM   578  C CD1 A LEU A 1 66  ? 15.225  2.374   -6.136  0.17 25.71  ? 1044 LEU A CD1 1 
ATOM   579  C CD1 B LEU A 1 66  ? 14.277  2.466   -4.123  0.19 19.99  ? 1044 LEU A CD1 1 
ATOM   580  C CD1 C LEU A 1 66  ? 15.224  2.374   -6.136  0.16 25.68  ? 1044 LEU A CD1 1 
ATOM   581  C CD2 A LEU A 1 66  ? 14.661  3.697   -4.107  0.17 25.22  ? 1044 LEU A CD2 1 
ATOM   582  C CD2 B LEU A 1 66  ? 15.551  3.356   -6.075  0.19 20.63  ? 1044 LEU A CD2 1 
ATOM   583  C CD2 C LEU A 1 66  ? 14.660  3.696   -4.107  0.16 25.20  ? 1044 LEU A CD2 1 
ATOM   584  N N   . THR A 1 67  ? 9.679   4.459   -6.289  1.00 20.16  ? 1045 THR A N   1 
ATOM   585  C CA  . THR A 1 67  ? 8.662   5.087   -7.173  1.00 19.77  ? 1045 THR A CA  1 
ATOM   586  C C   . THR A 1 67  ? 7.249   4.998   -6.554  1.00 21.43  ? 1045 THR A C   1 
ATOM   587  O O   . THR A 1 67  ? 7.022   4.130   -5.702  1.00 18.36  ? 1045 THR A O   1 
ATOM   588  C CB  . THR A 1 67  ? 8.616   4.481   -8.577  1.00 19.63  ? 1045 THR A CB  1 
ATOM   589  O OG1 . THR A 1 67  ? 7.998   3.197   -8.640  1.00 19.29  ? 1045 THR A OG1 1 
ATOM   590  C CG2 . THR A 1 67  ? 9.994   4.387   -9.211  1.00 21.52  ? 1045 THR A CG2 1 
ATOM   591  N N   . VAL A 1 68  ? 6.335   5.866   -6.975  1.00 18.87  ? 1046 VAL A N   1 
ATOM   592  C CA  . VAL A 1 68  ? 4.908   5.763   -6.513  1.00 21.95  ? 1046 VAL A CA  1 
ATOM   593  C C   . VAL A 1 68  ? 4.291   4.480   -7.074  1.00 23.56  ? 1046 VAL A C   1 
ATOM   594  O O   . VAL A 1 68  ? 3.432   3.848   -6.415  1.00 22.39  ? 1046 VAL A O   1 
ATOM   595  C CB  . VAL A 1 68  ? 4.116   7.024   -6.870  1.00 24.27  ? 1046 VAL A CB  1 
ATOM   596  C CG1 . VAL A 1 68  ? 2.688   6.938   -6.386  1.00 26.23  ? 1046 VAL A CG1 1 
ATOM   597  C CG2 . VAL A 1 68  ? 4.776   8.213   -6.198  1.00 27.37  ? 1046 VAL A CG2 1 
ATOM   598  N N   . LYS A 1 69  ? 4.740   4.088   -8.269  0.51 24.88  ? 1047 LYS A N   1 
ATOM   599  C CA  . LYS A 1 69  ? 4.300   2.848   -8.965  0.51 26.84  ? 1047 LYS A CA  1 
ATOM   600  C C   . LYS A 1 69  ? 4.554   1.623   -8.068  0.51 25.17  ? 1047 LYS A C   1 
ATOM   601  O O   . LYS A 1 69  ? 3.640   0.773   -7.980  0.51 26.31  ? 1047 LYS A O   1 
ATOM   602  C CB  . LYS A 1 69  ? 4.979   2.753   -10.337 0.51 30.61  ? 1047 LYS A CB  1 
ATOM   603  C CG  . LYS A 1 69  ? 4.304   1.831   -11.343 0.51 34.34  ? 1047 LYS A CG  1 
ATOM   604  C CD  . LYS A 1 69  ? 5.093   1.630   -12.636 0.51 37.09  ? 1047 LYS A CD  1 
ATOM   605  C CE  . LYS A 1 69  ? 4.456   2.256   -13.862 0.51 40.05  ? 1047 LYS A CE  1 
ATOM   606  N NZ  . LYS A 1 69  ? 4.976   3.616   -14.142 0.51 41.10  ? 1047 LYS A NZ  1 
ATOM   607  N N   A ASP A 1 70  ? 5.710   1.527   -7.400  0.17 21.69  ? 1048 ASP A N   1 
ATOM   608  N N   B ASP A 1 70  ? 5.784   1.564   -7.457  0.19 23.98  ? 1048 ASP A N   1 
ATOM   609  N N   C ASP A 1 70  ? 5.784   1.564   -7.457  0.16 24.06  ? 1048 ASP A N   1 
ATOM   610  C CA  A ASP A 1 70  ? 6.035   0.347   -6.547  0.17 20.36  ? 1048 ASP A CA  1 
ATOM   611  C CA  B ASP A 1 70  ? 6.199   0.508   -6.486  0.19 23.82  ? 1048 ASP A CA  1 
ATOM   612  C CA  C ASP A 1 70  ? 6.199   0.508   -6.486  0.16 23.84  ? 1048 ASP A CA  1 
ATOM   613  C C   A ASP A 1 70  ? 5.283   0.451   -5.201  0.17 20.03  ? 1048 ASP A C   1 
ATOM   614  C C   B ASP A 1 70  ? 5.231   0.488   -5.293  0.19 22.08  ? 1048 ASP A C   1 
ATOM   615  C C   C ASP A 1 70  ? 5.231   0.489   -5.293  0.16 22.09  ? 1048 ASP A C   1 
ATOM   616  O O   A ASP A 1 70  ? 4.971   -0.618  -4.628  0.17 19.66  ? 1048 ASP A O   1 
ATOM   617  O O   B ASP A 1 70  ? 4.756   -0.607  -4.920  0.19 21.74  ? 1048 ASP A O   1 
ATOM   618  O O   C ASP A 1 70  ? 4.756   -0.607  -4.921  0.16 21.76  ? 1048 ASP A O   1 
ATOM   619  C CB  A ASP A 1 70  ? 7.550   0.146   -6.416  0.17 19.43  ? 1048 ASP A CB  1 
ATOM   620  C CB  B ASP A 1 70  ? 7.615   0.734   -5.932  0.19 25.11  ? 1048 ASP A CB  1 
ATOM   621  C CB  C ASP A 1 70  ? 7.615   0.734   -5.932  0.16 25.10  ? 1048 ASP A CB  1 
ATOM   622  C CG  A ASP A 1 70  ? 8.266   -0.213  -7.712  0.17 19.01  ? 1048 ASP A CG  1 
ATOM   623  C CG  B ASP A 1 70  ? 8.762   0.566   -6.917  0.19 26.56  ? 1048 ASP A CG  1 
ATOM   624  C CG  C ASP A 1 70  ? 8.761   0.565   -6.919  0.16 26.51  ? 1048 ASP A CG  1 
ATOM   625  O OD1 A ASP A 1 70  ? 7.582   -0.565  -8.712  0.17 18.14  ? 1048 ASP A OD1 1 
ATOM   626  O OD1 B ASP A 1 70  ? 8.493   0.228   -8.089  0.19 28.25  ? 1048 ASP A OD1 1 
ATOM   627  O OD1 C ASP A 1 70  ? 8.491   0.227   -8.089  0.16 28.12  ? 1048 ASP A OD1 1 
ATOM   628  O OD2 A ASP A 1 70  ? 9.510   -0.130  -7.721  0.17 17.55  ? 1048 ASP A OD2 1 
ATOM   629  O OD2 B ASP A 1 70  ? 9.928   0.781   -6.495  0.19 27.71  ? 1048 ASP A OD2 1 
ATOM   630  O OD2 C ASP A 1 70  ? 9.926   0.782   -6.499  0.16 27.63  ? 1048 ASP A OD2 1 
ATOM   631  N N   . TYR A 1 71  ? 4.975   1.663   -4.705  1.00 20.47  ? 1049 TYR A N   1 
ATOM   632  C CA  . TYR A 1 71  ? 4.070   1.827   -3.525  1.00 18.94  ? 1049 TYR A CA  1 
ATOM   633  C C   . TYR A 1 71  ? 2.651   1.314   -3.837  1.00 19.66  ? 1049 TYR A C   1 
ATOM   634  O O   . TYR A 1 71  ? 2.057   0.528   -3.030  1.00 19.64  ? 1049 TYR A O   1 
ATOM   635  C CB  . TYR A 1 71  ? 4.048   3.291   -3.061  1.00 17.43  ? 1049 TYR A CB  1 
ATOM   636  C CG  . TYR A 1 71  ? 3.029   3.649   -2.015  1.00 16.03  ? 1049 TYR A CG  1 
ATOM   637  C CD1 . TYR A 1 71  ? 3.292   3.449   -0.680  1.00 16.00  ? 1049 TYR A CD1 1 
ATOM   638  C CD2 . TYR A 1 71  ? 1.803   4.223   -2.351  1.00 16.20  ? 1049 TYR A CD2 1 
ATOM   639  C CE1 . TYR A 1 71  ? 2.406   3.864   0.296   1.00 16.72  ? 1049 TYR A CE1 1 
ATOM   640  C CE2 . TYR A 1 71  ? 0.902   4.627   -1.373  1.00 14.53  ? 1049 TYR A CE2 1 
ATOM   641  C CZ  . TYR A 1 71  ? 1.178   4.408   -0.047  1.00 15.06  ? 1049 TYR A CZ  1 
ATOM   642  O OH  . TYR A 1 71  ? 0.331   4.797   0.977   1.00 14.86  ? 1049 TYR A OH  1 
ATOM   643  N N   . LEU A 1 72  ? 2.098   1.741   -4.955  1.00 20.31  ? 1050 LEU A N   1 
ATOM   644  C CA  . LEU A 1 72  ? 0.703   1.386   -5.332  1.00 21.69  ? 1050 LEU A CA  1 
ATOM   645  C C   . LEU A 1 72  ? 0.525   -0.136  -5.556  1.00 24.59  ? 1050 LEU A C   1 
ATOM   646  O O   . LEU A 1 72  ? -0.604  -0.637  -5.368  1.00 22.13  ? 1050 LEU A O   1 
ATOM   647  C CB  . LEU A 1 72  ? 0.226   2.219   -6.532  1.00 20.18  ? 1050 LEU A CB  1 
ATOM   648  C CG  . LEU A 1 72  ? -0.107  3.686   -6.235  1.00 21.98  ? 1050 LEU A CG  1 
ATOM   649  C CD1 . LEU A 1 72  ? -0.427  4.461   -7.491  1.00 21.49  ? 1050 LEU A CD1 1 
ATOM   650  C CD2 . LEU A 1 72  ? -1.263  3.804   -5.265  1.00 22.36  ? 1050 LEU A CD2 1 
ATOM   651  N N   . ARG A 1 73  ? 1.596   -0.844  -5.930  0.51 24.42  ? 1051 ARG A N   1 
ATOM   652  C CA  . ARG A 1 73  ? 1.589   -2.329  -6.073  0.51 25.82  ? 1051 ARG A CA  1 
ATOM   653  C C   . ARG A 1 73  ? 1.273   -2.972  -4.716  0.51 23.43  ? 1051 ARG A C   1 
ATOM   654  O O   . ARG A 1 73  ? 0.517   -3.963  -4.702  0.51 23.05  ? 1051 ARG A O   1 
ATOM   655  C CB  . ARG A 1 73  ? 2.922   -2.853  -6.620  0.51 29.87  ? 1051 ARG A CB  1 
ATOM   656  C CG  . ARG A 1 73  ? 3.064   -2.736  -8.132  0.51 33.71  ? 1051 ARG A CG  1 
ATOM   657  C CD  . ARG A 1 73  ? 4.172   -3.607  -8.709  0.51 38.23  ? 1051 ARG A CD  1 
ATOM   658  N NE  . ARG A 1 73  ? 5.337   -2.847  -9.160  0.51 42.00  ? 1051 ARG A NE  1 
ATOM   659  C CZ  . ARG A 1 73  ? 5.380   -2.089  -10.258 0.51 44.28  ? 1051 ARG A CZ  1 
ATOM   660  N NH1 . ARG A 1 73  ? 4.312   -1.957  -11.031 0.51 45.89  ? 1051 ARG A NH1 1 
ATOM   661  N NH2 . ARG A 1 73  ? 6.493   -1.452  -10.573 0.51 44.64  ? 1051 ARG A NH2 1 
ATOM   662  N N   . ASP A 1 74  ? 1.826   -2.434  -3.626  1.00 21.31  ? 1052 ASP A N   1 
ATOM   663  C CA  . ASP A 1 74  ? 1.532   -2.941  -2.269  1.00 20.25  ? 1052 ASP A CA  1 
ATOM   664  C C   . ASP A 1 74  ? 0.107   -2.522  -1.838  1.00 22.94  ? 1052 ASP A C   1 
ATOM   665  O O   . ASP A 1 74  ? -0.589  -3.378  -1.166  1.00 21.50  ? 1052 ASP A O   1 
ATOM   666  C CB  . ASP A 1 74  ? 2.613   -2.606  -1.262  1.00 20.52  ? 1052 ASP A CB  1 
ATOM   667  C CG  . ASP A 1 74  ? 3.781   -3.588  -1.306  1.00 22.62  ? 1052 ASP A CG  1 
ATOM   668  O OD1 . ASP A 1 74  ? 3.647   -4.651  -2.010  1.00 22.59  ? 1052 ASP A OD1 1 
ATOM   669  O OD2 . ASP A 1 74  ? 4.781   -3.285  -0.626  1.00 19.87  ? 1052 ASP A OD2 1 
ATOM   670  N N   . ILE A 1 75  ? -0.375  -1.329  -2.235  1.00 21.57  ? 1053 ILE A N   1 
ATOM   671  C CA  . ILE A 1 75  ? -1.800  -0.947  -1.930  1.00 21.10  ? 1053 ILE A CA  1 
ATOM   672  C C   . ILE A 1 75  ? -2.719  -1.953  -2.647  1.00 20.60  ? 1053 ILE A C   1 
ATOM   673  O O   . ILE A 1 75  ? -3.674  -2.471  -1.997  1.00 22.34  ? 1053 ILE A O   1 
ATOM   674  C CB  . ILE A 1 75  ? -2.125  0.522   -2.315  1.00 21.27  ? 1053 ILE A CB  1 
ATOM   675  C CG1 . ILE A 1 75  ? -1.314  1.550   -1.514  1.00 18.45  ? 1053 ILE A CG1 1 
ATOM   676  C CG2 . ILE A 1 75  ? -3.617  0.812   -2.190  1.00 22.19  ? 1053 ILE A CG2 1 
ATOM   677  C CD1 . ILE A 1 75  ? -1.370  1.436   0.011   1.00 18.51  ? 1053 ILE A CD1 1 
ATOM   678  N N   . ASP A 1 76  ? -2.514  -2.154  -3.949  1.00 20.49  ? 1054 ASP A N   1 
ATOM   679  C CA  . ASP A 1 76  ? -3.248  -3.146  -4.769  1.00 24.69  ? 1054 ASP A CA  1 
ATOM   680  C C   . ASP A 1 76  ? -3.210  -4.519  -4.087  1.00 23.74  ? 1054 ASP A C   1 
ATOM   681  O O   . ASP A 1 76  ? -4.234  -5.218  -4.127  1.00 25.15  ? 1054 ASP A O   1 
ATOM   682  C CB  . ASP A 1 76  ? -2.698  -3.278  -6.176  1.00 26.28  ? 1054 ASP A CB  1 
ATOM   683  C CG  . ASP A 1 76  ? -2.907  -2.112  -7.119  1.00 29.86  ? 1054 ASP A CG  1 
ATOM   684  O OD1 . ASP A 1 76  ? -3.843  -1.343  -6.938  1.00 31.05  ? 1054 ASP A OD1 1 
ATOM   685  O OD2 . ASP A 1 76  ? -2.157  -2.057  -8.103  1.00 34.19  ? 1054 ASP A OD2 1 
ATOM   686  N N   . LEU A 1 77  ? -2.089  -4.929  -3.490  1.00 23.14  ? 1055 LEU A N   1 
ATOM   687  C CA  . LEU A 1 77  ? -1.970  -6.267  -2.846  1.00 23.19  ? 1055 LEU A CA  1 
ATOM   688  C C   . LEU A 1 77  ? -2.847  -6.296  -1.564  1.00 24.05  ? 1055 LEU A C   1 
ATOM   689  O O   . LEU A 1 77  ? -3.517  -7.354  -1.256  1.00 21.63  ? 1055 LEU A O   1 
ATOM   690  C CB  . LEU A 1 77  ? -0.474  -6.515  -2.590  1.00 24.46  ? 1055 LEU A CB  1 
ATOM   691  C CG  . LEU A 1 77  ? -0.071  -7.837  -1.925  1.00 29.60  ? 1055 LEU A CG  1 
ATOM   692  C CD1 . LEU A 1 77  ? -0.576  -9.040  -2.698  1.00 27.05  ? 1055 LEU A CD1 1 
ATOM   693  C CD2 . LEU A 1 77  ? 1.451   -7.897  -1.777  1.00 31.61  ? 1055 LEU A CD2 1 
ATOM   694  N N   . ILE A 1 78  ? -2.908  -5.201  -0.799  1.00 21.21  ? 1056 ILE A N   1 
ATOM   695  C CA  . ILE A 1 78  ? -3.746  -5.192  0.433   1.00 20.64  ? 1056 ILE A CA  1 
ATOM   696  C C   . ILE A 1 78  ? -5.177  -5.507  -0.011  1.00 20.54  ? 1056 ILE A C   1 
ATOM   697  O O   . ILE A 1 78  ? -5.853  -6.370  0.665   1.00 25.44  ? 1056 ILE A O   1 
ATOM   698  C CB  . ILE A 1 78  ? -3.626  -3.858  1.194   1.00 20.70  ? 1056 ILE A CB  1 
ATOM   699  C CG1 . ILE A 1 78  ? -2.237  -3.711  1.827   1.00 19.80  ? 1056 ILE A CG1 1 
ATOM   700  C CG2 . ILE A 1 78  ? -4.750  -3.731  2.223   1.00 21.38  ? 1056 ILE A CG2 1 
ATOM   701  C CD1 . ILE A 1 78  ? -1.961  -2.350  2.457   1.00 20.80  ? 1056 ILE A CD1 1 
ATOM   702  N N   . CYS A 1 79  ? -5.587  -4.863  -1.094  1.00 21.36  ? 1057 CYS A N   1 
ATOM   703  C CA  . CYS A 1 79  ? -6.966  -4.942  -1.641  1.00 24.07  ? 1057 CYS A CA  1 
ATOM   704  C C   . CYS A 1 79  ? -7.198  -6.349  -2.203  1.00 28.56  ? 1057 CYS A C   1 
ATOM   705  O O   . CYS A 1 79  ? -8.215  -6.979  -1.850  1.00 28.44  ? 1057 CYS A O   1 
ATOM   706  C CB  . CYS A 1 79  ? -7.198  -3.911  -2.732  1.00 22.62  ? 1057 CYS A CB  1 
ATOM   707  S SG  . CYS A 1 79  ? -8.900  -3.852  -3.368  1.00 26.44  ? 1057 CYS A SG  1 
ATOM   708  N N   . SER A 1 80  ? -6.300  -6.836  -3.060  1.00 27.22  ? 1058 SER A N   1 
ATOM   709  C CA  . SER A 1 80  ? -6.487  -8.160  -3.731  1.00 27.49  ? 1058 SER A CA  1 
ATOM   710  C C   . SER A 1 80  ? -6.464  -9.313  -2.704  1.00 22.76  ? 1058 SER A C   1 
ATOM   711  O O   . SER A 1 80  ? -7.313  -10.222 -2.851  1.00 31.04  ? 1058 SER A O   1 
ATOM   712  C CB  . SER A 1 80  ? -5.528  -8.312  -4.910  1.00 29.69  ? 1058 SER A CB  1 
ATOM   713  O OG  . SER A 1 80  ? -4.196  -8.346  -4.445  1.00 34.10  ? 1058 SER A OG  1 
ATOM   714  N N   . ASN A 1 81  ? -5.646  -9.277  -1.655  1.00 21.72  ? 1059 ASN A N   1 
ATOM   715  C CA  . ASN A 1 81  ? -5.631  -10.265 -0.544  1.00 22.62  ? 1059 ASN A CA  1 
ATOM   716  C C   . ASN A 1 81  ? -7.031  -10.315 0.145   1.00 31.63  ? 1059 ASN A C   1 
ATOM   717  O O   . ASN A 1 81  ? -7.574  -11.447 0.354   1.00 25.54  ? 1059 ASN A O   1 
ATOM   718  C CB  . ASN A 1 81  ? -4.513  -10.011 0.467   1.00 24.58  ? 1059 ASN A CB  1 
ATOM   719  C CG  . ASN A 1 81  ? -3.123  -10.274 -0.101  1.00 25.42  ? 1059 ASN A CG  1 
ATOM   720  O OD1 . ASN A 1 81  ? -3.003  -10.787 -1.215  1.00 23.01  ? 1059 ASN A OD1 1 
ATOM   721  N ND2 . ASN A 1 81  ? -2.101  -9.995  0.692   1.00 24.95  ? 1059 ASN A ND2 1 
ATOM   722  N N   . ALA A 1 82  ? -7.635  -9.162  0.485   1.00 29.43  ? 1060 ALA A N   1 
ATOM   723  C CA  . ALA A 1 82  ? -8.978  -9.076  1.133   1.00 28.48  ? 1060 ALA A CA  1 
ATOM   724  C C   . ALA A 1 82  ? -10.077 -9.654  0.206   1.00 29.68  ? 1060 ALA A C   1 
ATOM   725  O O   . ALA A 1 82  ? -10.962 -10.395 0.729   1.00 33.77  ? 1060 ALA A O   1 
ATOM   726  C CB  . ALA A 1 82  ? -9.264  -7.645  1.557   1.00 29.05  ? 1060 ALA A CB  1 
ATOM   727  N N   . LEU A 1 83  ? -10.065 -9.366  -1.095  1.00 28.39  ? 1061 LEU A N   1 
ATOM   728  C CA  . LEU A 1 83  ? -11.122 -9.849  -2.022  1.00 33.42  ? 1061 LEU A CA  1 
ATOM   729  C C   . LEU A 1 83  ? -11.013 -11.361 -2.249  1.00 39.71  ? 1061 LEU A C   1 
ATOM   730  O O   . LEU A 1 83  ? -12.044 -12.028 -2.438  1.00 41.39  ? 1061 LEU A O   1 
ATOM   731  C CB  . LEU A 1 83  ? -11.021 -9.207  -3.401  1.00 34.93  ? 1061 LEU A CB  1 
ATOM   732  C CG  . LEU A 1 83  ? -11.084 -7.689  -3.498  1.00 41.33  ? 1061 LEU A CG  1 
ATOM   733  C CD1 . LEU A 1 83  ? -11.428 -7.263  -4.911  1.00 40.52  ? 1061 LEU A CD1 1 
ATOM   734  C CD2 . LEU A 1 83  ? -12.070 -7.101  -2.510  1.00 39.24  ? 1061 LEU A CD2 1 
ATOM   735  N N   A GLU A 1 84  ? -9.770  -11.862 -2.269  0.17 39.81  ? 1062 GLU A N   1 
ATOM   736  N N   B GLU A 1 84  ? -9.791  -11.899 -2.225  0.19 38.05  ? 1062 GLU A N   1 
ATOM   737  N N   C GLU A 1 84  ? -9.770  -11.862 -2.269  0.16 39.78  ? 1062 GLU A N   1 
ATOM   738  C CA  A GLU A 1 84  ? -9.426  -13.295 -2.485  0.17 39.65  ? 1062 GLU A CA  1 
ATOM   739  C CA  B GLU A 1 84  ? -9.538  -13.335 -2.524  0.19 36.89  ? 1062 GLU A CA  1 
ATOM   740  C CA  C GLU A 1 84  ? -9.426  -13.295 -2.485  0.16 39.63  ? 1062 GLU A CA  1 
ATOM   741  C C   A GLU A 1 84  ? -9.906  -14.098 -1.277  0.17 37.81  ? 1062 GLU A C   1 
ATOM   742  C C   B GLU A 1 84  ? -9.843  -14.167 -1.273  0.19 36.25  ? 1062 GLU A C   1 
ATOM   743  C C   C GLU A 1 84  ? -9.906  -14.098 -1.277  0.16 37.81  ? 1062 GLU A C   1 
ATOM   744  O O   A GLU A 1 84  ? -10.640 -15.083 -1.475  0.17 39.60  ? 1062 GLU A O   1 
ATOM   745  O O   B GLU A 1 84  ? -10.407 -15.265 -1.435  0.19 38.09  ? 1062 GLU A O   1 
ATOM   746  O O   C GLU A 1 84  ? -10.641 -15.082 -1.474  0.16 39.54  ? 1062 GLU A O   1 
ATOM   747  C CB  A GLU A 1 84  ? -7.915  -13.474 -2.667  0.17 40.83  ? 1062 GLU A CB  1 
ATOM   748  C CB  B GLU A 1 84  ? -8.118  -13.545 -3.056  0.19 36.13  ? 1062 GLU A CB  1 
ATOM   749  C CB  C GLU A 1 84  ? -7.915  -13.473 -2.669  0.16 40.82  ? 1062 GLU A CB  1 
ATOM   750  C CG  A GLU A 1 84  ? -7.492  -14.892 -3.026  0.17 41.35  ? 1062 GLU A CG  1 
ATOM   751  C CG  B GLU A 1 84  ? -7.956  -13.131 -4.510  0.19 34.72  ? 1062 GLU A CG  1 
ATOM   752  C CG  C GLU A 1 84  ? -7.492  -14.892 -3.026  0.16 41.34  ? 1062 GLU A CG  1 
ATOM   753  C CD  A GLU A 1 84  ? -5.989  -15.126 -3.063  0.17 42.34  ? 1062 GLU A CD  1 
ATOM   754  C CD  B GLU A 1 84  ? -6.517  -13.004 -4.992  0.19 34.72  ? 1062 GLU A CD  1 
ATOM   755  C CD  C GLU A 1 84  ? -5.989  -15.126 -3.063  0.16 42.29  ? 1062 GLU A CD  1 
ATOM   756  O OE1 A GLU A 1 84  ? -5.578  -16.295 -3.230  0.17 43.18  ? 1062 GLU A OE1 1 
ATOM   757  O OE1 B GLU A 1 84  ? -5.641  -13.686 -4.428  0.19 31.92  ? 1062 GLU A OE1 1 
ATOM   758  O OE1 C GLU A 1 84  ? -5.579  -16.295 -3.230  0.16 43.12  ? 1062 GLU A OE1 1 
ATOM   759  O OE2 A GLU A 1 84  ? -5.231  -14.142 -2.926  0.17 39.30  ? 1062 GLU A OE2 1 
ATOM   760  O OE2 B GLU A 1 84  ? -6.277  -12.224 -5.932  0.19 34.87  ? 1062 GLU A OE2 1 
ATOM   761  O OE2 C GLU A 1 84  ? -5.230  -14.142 -2.924  0.16 39.36  ? 1062 GLU A OE2 1 
ATOM   762  N N   . TYR A 1 85  ? -9.499  -13.670 -0.081  1.00 34.09  ? 1063 TYR A N   1 
ATOM   763  C CA  . TYR A 1 85  ? -9.781  -14.388 1.181   1.00 37.87  ? 1063 TYR A CA  1 
ATOM   764  C C   . TYR A 1 85  ? -11.230 -14.257 1.691   1.00 42.51  ? 1063 TYR A C   1 
ATOM   765  O O   . TYR A 1 85  ? -11.581 -15.019 2.647   1.00 41.68  ? 1063 TYR A O   1 
ATOM   766  C CB  . TYR A 1 85  ? -8.909  -13.860 2.303   1.00 38.73  ? 1063 TYR A CB  1 
ATOM   767  C CG  . TYR A 1 85  ? -8.905  -14.758 3.509   1.00 51.16  ? 1063 TYR A CG  1 
ATOM   768  C CD1 . TYR A 1 85  ? -8.369  -16.038 3.431   1.00 55.40  ? 1063 TYR A CD1 1 
ATOM   769  C CD2 . TYR A 1 85  ? -9.441  -14.347 4.717   1.00 55.59  ? 1063 TYR A CD2 1 
ATOM   770  C CE1 . TYR A 1 85  ? -8.348  -16.882 4.530   1.00 60.31  ? 1063 TYR A CE1 1 
ATOM   771  C CE2 . TYR A 1 85  ? -9.417  -15.176 5.829   1.00 58.95  ? 1063 TYR A CE2 1 
ATOM   772  C CZ  . TYR A 1 85  ? -8.879  -16.450 5.732   1.00 62.03  ? 1063 TYR A CZ  1 
ATOM   773  O OH  . TYR A 1 85  ? -8.856  -17.280 6.816   1.00 70.33  ? 1063 TYR A OH  1 
ATOM   774  N N   . ASN A 1 86  ? -12.007 -13.289 1.191   1.00 40.80  ? 1064 ASN A N   1 
ATOM   775  C CA  . ASN A 1 86  ? -13.397 -13.022 1.680   1.00 37.75  ? 1064 ASN A CA  1 
ATOM   776  C C   . ASN A 1 86  ? -14.291 -12.868 0.472   1.00 38.13  ? 1064 ASN A C   1 
ATOM   777  O O   . ASN A 1 86  ? -14.827 -11.789 0.260   1.00 37.57  ? 1064 ASN A O   1 
ATOM   778  C CB  . ASN A 1 86  ? -13.466 -11.733 2.507   1.00 36.20  ? 1064 ASN A CB  1 
ATOM   779  C CG  . ASN A 1 86  ? -12.468 -11.682 3.640   1.00 37.23  ? 1064 ASN A CG  1 
ATOM   780  O OD1 . ASN A 1 86  ? -12.757 -12.124 4.746   1.00 38.02  ? 1064 ASN A OD1 1 
ATOM   781  N ND2 . ASN A 1 86  ? -11.317 -11.057 3.416   1.00 42.87  ? 1064 ASN A ND2 1 
ATOM   782  N N   . PRO A 1 87  ? -14.477 -13.932 -0.345  0.51 39.38  ? 1065 PRO A N   1 
ATOM   783  C CA  . PRO A 1 87  ? -15.313 -13.857 -1.542  0.51 40.20  ? 1065 PRO A CA  1 
ATOM   784  C C   . PRO A 1 87  ? -16.774 -14.274 -1.311  0.51 40.39  ? 1065 PRO A C   1 
ATOM   785  O O   . PRO A 1 87  ? -17.557 -14.170 -2.239  0.51 41.57  ? 1065 PRO A O   1 
ATOM   786  C CB  . PRO A 1 87  ? -14.611 -14.883 -2.442  0.51 40.65  ? 1065 PRO A CB  1 
ATOM   787  C CG  . PRO A 1 87  ? -14.216 -15.984 -1.474  0.51 39.52  ? 1065 PRO A CG  1 
ATOM   788  C CD  . PRO A 1 87  ? -13.891 -15.273 -0.173  0.51 39.84  ? 1065 PRO A CD  1 
ATOM   789  N N   . ASP A 1 88  ? -17.099 -14.724 -0.095  0.51 41.32  ? 1066 ASP A N   1 
ATOM   790  C CA  . ASP A 1 88  ? -18.392 -15.389 0.230   0.51 43.72  ? 1066 ASP A CA  1 
ATOM   791  C C   . ASP A 1 88  ? -19.556 -14.397 0.171   0.51 42.76  ? 1066 ASP A C   1 
ATOM   792  O O   . ASP A 1 88  ? -19.379 -13.246 0.618   0.51 39.96  ? 1066 ASP A O   1 
ATOM   793  C CB  . ASP A 1 88  ? -18.388 -16.016 1.625   0.51 46.05  ? 1066 ASP A CB  1 
ATOM   794  C CG  . ASP A 1 88  ? -17.357 -17.112 1.836   0.51 48.13  ? 1066 ASP A CG  1 
ATOM   795  O OD1 . ASP A 1 88  ? -16.551 -17.348 0.913   0.51 49.07  ? 1066 ASP A OD1 1 
ATOM   796  O OD2 . ASP A 1 88  ? -17.369 -17.717 2.929   0.51 50.50  ? 1066 ASP A OD2 1 
ATOM   797  N N   . ARG A 1 89  ? -20.701 -14.856 -0.346  0.51 44.06  ? 1067 ARG A N   1 
ATOM   798  C CA  . ARG A 1 89  ? -22.029 -14.200 -0.188  0.51 43.87  ? 1067 ARG A CA  1 
ATOM   799  C C   . ARG A 1 89  ? -22.361 -14.244 1.307   0.51 44.21  ? 1067 ARG A C   1 
ATOM   800  O O   . ARG A 1 89  ? -22.814 -15.310 1.787   0.51 46.28  ? 1067 ARG A O   1 
ATOM   801  C CB  . ARG A 1 89  ? -23.088 -14.897 -1.053  0.51 43.95  ? 1067 ARG A CB  1 
ATOM   802  C CG  . ARG A 1 89  ? -24.091 -13.969 -1.723  0.51 43.26  ? 1067 ARG A CG  1 
ATOM   803  C CD  . ARG A 1 89  ? -25.355 -13.756 -0.917  0.51 42.53  ? 1067 ARG A CD  1 
ATOM   804  N NE  . ARG A 1 89  ? -26.130 -12.645 -1.459  0.51 42.08  ? 1067 ARG A NE  1 
ATOM   805  C CZ  . ARG A 1 89  ? -26.904 -11.818 -0.751  0.51 41.44  ? 1067 ARG A CZ  1 
ATOM   806  N NH1 . ARG A 1 89  ? -27.548 -10.844 -1.369  0.51 39.00  ? 1067 ARG A NH1 1 
ATOM   807  N NH2 . ARG A 1 89  ? -27.033 -11.956 0.559   0.51 42.04  ? 1067 ARG A NH2 1 
ATOM   808  N N   . ASP A 1 90  ? -22.076 -13.152 2.019   0.51 40.51  ? 1068 ASP A N   1 
ATOM   809  C CA  . ASP A 1 90  ? -22.189 -13.056 3.499   0.51 39.49  ? 1068 ASP A CA  1 
ATOM   810  C C   . ASP A 1 90  ? -21.843 -11.638 3.942   0.51 38.67  ? 1068 ASP A C   1 
ATOM   811  O O   . ASP A 1 90  ? -20.714 -11.196 3.733   0.51 36.86  ? 1068 ASP A O   1 
ATOM   812  C CB  . ASP A 1 90  ? -21.249 -14.032 4.207   0.51 40.95  ? 1068 ASP A CB  1 
ATOM   813  C CG  . ASP A 1 90  ? -21.067 -13.726 5.685   0.51 43.61  ? 1068 ASP A CG  1 
ATOM   814  O OD1 . ASP A 1 90  ? -22.031 -13.944 6.445   0.51 45.46  ? 1068 ASP A OD1 1 
ATOM   815  O OD2 . ASP A 1 90  ? -19.973 -13.256 6.062   0.51 46.20  ? 1068 ASP A OD2 1 
ATOM   816  N N   . PRO A 1 91  ? -22.758 -10.908 4.621   1.00 37.01  ? 1069 PRO A N   1 
ATOM   817  C CA  . PRO A 1 91  ? -22.508 -9.489  4.928   1.00 34.00  ? 1069 PRO A CA  1 
ATOM   818  C C   . PRO A 1 91  ? -21.137 -9.089  5.479   1.00 29.46  ? 1069 PRO A C   1 
ATOM   819  O O   . PRO A 1 91  ? -20.673 -8.042  5.043   1.00 29.07  ? 1069 PRO A O   1 
ATOM   820  C CB  . PRO A 1 91  ? -23.617 -9.156  5.947   1.00 31.40  ? 1069 PRO A CB  1 
ATOM   821  C CG  . PRO A 1 91  ? -24.719 -10.121 5.530   1.00 31.68  ? 1069 PRO A CG  1 
ATOM   822  C CD  . PRO A 1 91  ? -24.005 -11.425 5.247   1.00 33.91  ? 1069 PRO A CD  1 
ATOM   823  N N   . GLY A 1 92  ? -20.567 -9.884  6.374   1.00 27.63  ? 1070 GLY A N   1 
ATOM   824  C CA  . GLY A 1 92  ? -19.206 -9.675  6.922   1.00 30.18  ? 1070 GLY A CA  1 
ATOM   825  C C   . GLY A 1 92  ? -18.159 -9.592  5.819   1.00 31.89  ? 1070 GLY A C   1 
ATOM   826  O O   . GLY A 1 92  ? -17.255 -8.730  5.893   1.00 29.24  ? 1070 GLY A O   1 
ATOM   827  N N   . ASP A 1 93  ? -18.305 -10.433 4.803   1.00 32.60  ? 1071 ASP A N   1 
ATOM   828  C CA  . ASP A 1 93  ? -17.352 -10.543 3.679   1.00 31.28  ? 1071 ASP A CA  1 
ATOM   829  C C   . ASP A 1 93  ? -17.581 -9.390  2.718   1.00 29.57  ? 1071 ASP A C   1 
ATOM   830  O O   . ASP A 1 93  ? -16.588 -8.793  2.223   1.00 29.97  ? 1071 ASP A O   1 
ATOM   831  C CB  . ASP A 1 93  ? -17.409 -11.897 2.971   1.00 34.26  ? 1071 ASP A CB  1 
ATOM   832  C CG  . ASP A 1 93  ? -16.661 -13.027 3.658   1.00 30.82  ? 1071 ASP A CG  1 
ATOM   833  O OD1 . ASP A 1 93  ? -16.404 -12.962 4.889   1.00 38.05  ? 1071 ASP A OD1 1 
ATOM   834  O OD2 . ASP A 1 93  ? -16.295 -13.943 2.924   1.00 42.73  ? 1071 ASP A OD2 1 
ATOM   835  N N   . ARG A 1 94  ? -18.850 -9.079  2.441   0.51 26.81  ? 1072 ARG A N   1 
ATOM   836  C CA  . ARG A 1 94  ? -19.236 -7.924  1.588   0.51 26.77  ? 1072 ARG A CA  1 
ATOM   837  C C   . ARG A 1 94  ? -18.668 -6.634  2.194   0.51 25.60  ? 1072 ARG A C   1 
ATOM   838  O O   . ARG A 1 94  ? -18.154 -5.805  1.428   0.51 25.43  ? 1072 ARG A O   1 
ATOM   839  C CB  . ARG A 1 94  ? -20.757 -7.825  1.454   0.51 26.84  ? 1072 ARG A CB  1 
ATOM   840  C CG  . ARG A 1 94  ? -21.384 -9.007  0.730   0.51 27.56  ? 1072 ARG A CG  1 
ATOM   841  C CD  . ARG A 1 94  ? -22.893 -9.001  0.839   0.51 27.01  ? 1072 ARG A CD  1 
ATOM   842  N NE  . ARG A 1 94  ? -23.483 -7.874  0.131   0.51 26.68  ? 1072 ARG A NE  1 
ATOM   843  C CZ  . ARG A 1 94  ? -24.781 -7.719  -0.089  0.51 26.94  ? 1072 ARG A CZ  1 
ATOM   844  N NH1 . ARG A 1 94  ? -25.217 -6.659  -0.748  0.51 26.71  ? 1072 ARG A NH1 1 
ATOM   845  N NH2 . ARG A 1 94  ? -25.643 -8.619  0.355   0.51 26.89  ? 1072 ARG A NH2 1 
ATOM   846  N N   . LEU A 1 95  ? -18.743 -6.493  3.518   1.00 25.96  ? 1073 LEU A N   1 
ATOM   847  C CA  . LEU A 1 95  ? -18.275 -5.253  4.217   1.00 25.93  ? 1073 LEU A CA  1 
ATOM   848  C C   . LEU A 1 95  ? -16.747 -5.055  4.029   1.00 27.30  ? 1073 LEU A C   1 
ATOM   849  O O   . LEU A 1 95  ? -16.317 -3.933  3.675   1.00 24.70  ? 1073 LEU A O   1 
ATOM   850  C CB  . LEU A 1 95  ? -18.662 -5.245  5.687   1.00 24.85  ? 1073 LEU A CB  1 
ATOM   851  C CG  . LEU A 1 95  ? -18.220 -4.013  6.471   1.00 24.26  ? 1073 LEU A CG  1 
ATOM   852  C CD1 . LEU A 1 95  ? -18.840 -2.742  5.903   1.00 24.51  ? 1073 LEU A CD1 1 
ATOM   853  C CD2 . LEU A 1 95  ? -18.557 -4.148  7.943   1.00 25.78  ? 1073 LEU A CD2 1 
ATOM   854  N N   A ILE A 1 96  ? -15.961 -6.115  4.251   0.17 27.76  ? 1074 ILE A N   1 
ATOM   855  N N   B ILE A 1 96  ? -15.948 -6.105  4.245   0.19 26.81  ? 1074 ILE A N   1 
ATOM   856  N N   C ILE A 1 96  ? -15.961 -6.114  4.252   0.16 27.75  ? 1074 ILE A N   1 
ATOM   857  C CA  A ILE A 1 96  ? -14.468 -6.080  4.135   0.17 28.59  ? 1074 ILE A CA  1 
ATOM   858  C CA  B ILE A 1 96  ? -14.457 -6.015  4.132   0.19 26.96  ? 1074 ILE A CA  1 
ATOM   859  C CA  C ILE A 1 96  ? -14.468 -6.080  4.135   0.16 28.59  ? 1074 ILE A CA  1 
ATOM   860  C C   A ILE A 1 96  ? -14.087 -5.749  2.683   0.17 27.85  ? 1074 ILE A C   1 
ATOM   861  C C   B ILE A 1 96  ? -14.067 -5.741  2.671   0.19 26.84  ? 1074 ILE A C   1 
ATOM   862  C C   C ILE A 1 96  ? -14.087 -5.748  2.684   0.16 27.85  ? 1074 ILE A C   1 
ATOM   863  O O   A ILE A 1 96  ? -13.183 -4.912  2.489   0.17 27.70  ? 1074 ILE A O   1 
ATOM   864  O O   B ILE A 1 96  ? -13.137 -4.940  2.452   0.19 26.66  ? 1074 ILE A O   1 
ATOM   865  O O   C ILE A 1 96  ? -13.183 -4.912  2.489   0.16 27.70  ? 1074 ILE A O   1 
ATOM   866  C CB  A ILE A 1 96  ? -13.819 -7.391  4.629   0.17 29.61  ? 1074 ILE A CB  1 
ATOM   867  C CB  B ILE A 1 96  ? -13.742 -7.247  4.726   0.19 26.71  ? 1074 ILE A CB  1 
ATOM   868  C CB  C ILE A 1 96  ? -13.819 -7.391  4.629   0.16 29.61  ? 1074 ILE A CB  1 
ATOM   869  C CG1 A ILE A 1 96  ? -14.092 -7.633  6.116   0.17 30.16  ? 1074 ILE A CG1 1 
ATOM   870  C CG1 B ILE A 1 96  ? -12.245 -6.980  4.914   0.19 26.40  ? 1074 ILE A CG1 1 
ATOM   871  C CG1 C ILE A 1 96  ? -14.093 -7.633  6.116   0.16 30.16  ? 1074 ILE A CG1 1 
ATOM   872  C CG2 A ILE A 1 96  ? -12.322 -7.394  4.342   0.17 30.29  ? 1074 ILE A CG2 1 
ATOM   873  C CG2 B ILE A 1 96  ? -13.985 -8.497  3.897   0.19 26.62  ? 1074 ILE A CG2 1 
ATOM   874  C CG2 C ILE A 1 96  ? -12.322 -7.394  4.342   0.16 30.27  ? 1074 ILE A CG2 1 
ATOM   875  C CD1 A ILE A 1 96  ? -13.938 -9.078  6.550   0.17 31.03  ? 1074 ILE A CD1 1 
ATOM   876  C CD1 B ILE A 1 96  ? -11.604 -7.811  5.993   0.19 26.11  ? 1074 ILE A CD1 1 
ATOM   877  C CD1 C ILE A 1 96  ? -13.938 -9.078  6.549   0.16 31.01  ? 1074 ILE A CD1 1 
ATOM   878  N N   . ARG A 1 97  ? -14.754 -6.365  1.706   0.51 27.39  ? 1075 ARG A N   1 
ATOM   879  C CA  . ARG A 1 97  ? -14.493 -6.154  0.252   0.51 28.42  ? 1075 ARG A CA  1 
ATOM   880  C C   . ARG A 1 97  ? -14.800 -4.701  -0.142  0.51 28.03  ? 1075 ARG A C   1 
ATOM   881  O O   . ARG A 1 97  ? -14.073 -4.155  -1.003  0.51 26.25  ? 1075 ARG A O   1 
ATOM   882  C CB  . ARG A 1 97  ? -15.324 -7.111  -0.609  0.51 29.53  ? 1075 ARG A CB  1 
ATOM   883  C CG  . ARG A 1 97  ? -14.920 -8.576  -0.508  0.51 29.98  ? 1075 ARG A CG  1 
ATOM   884  C CD  . ARG A 1 97  ? -15.463 -9.397  -1.664  0.51 31.18  ? 1075 ARG A CD  1 
ATOM   885  N NE  . ARG A 1 97  ? -16.917 -9.403  -1.766  0.51 32.10  ? 1075 ARG A NE  1 
ATOM   886  C CZ  . ARG A 1 97  ? -17.749 -10.178 -1.069  0.51 32.62  ? 1075 ARG A CZ  1 
ATOM   887  N NH1 . ARG A 1 97  ? -17.300 -11.026 -0.159  0.51 32.33  ? 1075 ARG A NH1 1 
ATOM   888  N NH2 . ARG A 1 97  ? -19.051 -10.085 -1.276  0.51 34.14  ? 1075 ARG A NH2 1 
ATOM   889  N N   . HIS A 1 98  ? -15.881 -4.123  0.394   1.00 27.00  ? 1076 HIS A N   1 
ATOM   890  C CA  . HIS A 1 98  ? -16.245 -2.705  0.112   1.00 25.47  ? 1076 HIS A CA  1 
ATOM   891  C C   . HIS A 1 98  ? -15.149 -1.771  0.668   1.00 20.75  ? 1076 HIS A C   1 
ATOM   892  O O   . HIS A 1 98  ? -14.769 -0.824  -0.036  1.00 23.42  ? 1076 HIS A O   1 
ATOM   893  C CB  . HIS A 1 98  ? -17.602 -2.320  0.709   1.00 24.59  ? 1076 HIS A CB  1 
ATOM   894  C CG  . HIS A 1 98  ? -18.118 -1.049  0.139   1.00 23.22  ? 1076 HIS A CG  1 
ATOM   895  N ND1 . HIS A 1 98  ? -17.900 0.182   0.753   1.00 23.37  ? 1076 HIS A ND1 1 
ATOM   896  C CD2 . HIS A 1 98  ? -18.762 -0.789  -1.013  1.00 22.30  ? 1076 HIS A CD2 1 
ATOM   897  C CE1 . HIS A 1 98  ? -18.438 1.130   0.007   1.00 23.08  ? 1076 HIS A CE1 1 
ATOM   898  N NE2 . HIS A 1 98  ? -18.976 0.567   -1.075  1.00 23.76  ? 1076 HIS A NE2 1 
ATOM   899  N N   . ARG A 1 99  ? -14.710 -2.043  1.891   1.00 21.14  ? 1077 ARG A N   1 
ATOM   900  C CA  . ARG A 1 99  ? -13.674 -1.253  2.600   1.00 22.61  ? 1077 ARG A CA  1 
ATOM   901  C C   . ARG A 1 99  ? -12.340 -1.407  1.852   1.00 22.92  ? 1077 ARG A C   1 
ATOM   902  O O   . ARG A 1 99  ? -11.616 -0.391  1.711   1.00 19.69  ? 1077 ARG A O   1 
ATOM   903  C CB  . ARG A 1 99  ? -13.562 -1.698  4.057   1.00 21.24  ? 1077 ARG A CB  1 
ATOM   904  C CG  . ARG A 1 99  ? -14.784 -1.324  4.892   1.00 22.70  ? 1077 ARG A CG  1 
ATOM   905  C CD  . ARG A 1 99  ? -14.809 -1.933  6.262   1.00 21.48  ? 1077 ARG A CD  1 
ATOM   906  N NE  . ARG A 1 99  ? -15.759 -1.293  7.161   1.00 22.54  ? 1077 ARG A NE  1 
ATOM   907  C CZ  . ARG A 1 99  ? -15.955 -1.643  8.426   1.00 23.83  ? 1077 ARG A CZ  1 
ATOM   908  N NH1 . ARG A 1 99  ? -15.338 -2.705  8.910   1.00 25.51  ? 1077 ARG A NH1 1 
ATOM   909  N NH2 . ARG A 1 99  ? -16.784 -0.970  9.205   1.00 26.83  ? 1077 ARG A NH2 1 
ATOM   910  N N   . ALA A 1 100 ? -12.013 -2.612  1.380   1.00 21.40  ? 1078 ALA A N   1 
ATOM   911  C CA  . ALA A 1 100 ? -10.726 -2.865  0.649   1.00 22.65  ? 1078 ALA A CA  1 
ATOM   912  C C   . ALA A 1 100 ? -10.734 -2.072  -0.649  1.00 23.35  ? 1078 ALA A C   1 
ATOM   913  O O   . ALA A 1 100 ? -9.736  -1.424  -0.997  1.00 25.47  ? 1078 ALA A O   1 
ATOM   914  C CB  . ALA A 1 100 ? -10.547 -4.352  0.381   1.00 23.65  ? 1078 ALA A CB  1 
ATOM   915  N N   . CYS A 1 101 ? -11.859 -2.058  -1.343  1.00 22.03  ? 1079 CYS A N   1 
ATOM   916  C CA  . CYS A 1 101 ? -11.988 -1.289  -2.594  1.00 22.91  ? 1079 CYS A CA  1 
ATOM   917  C C   . CYS A 1 101 ? -11.927 0.215   -2.295  1.00 23.68  ? 1079 CYS A C   1 
ATOM   918  O O   . CYS A 1 101 ? -11.378 0.966   -3.145  1.00 22.54  ? 1079 CYS A O   1 
ATOM   919  C CB  . CYS A 1 101 ? -13.251 -1.642  -3.361  1.00 25.17  ? 1079 CYS A CB  1 
ATOM   920  S SG  . CYS A 1 101 ? -13.211 -3.304  -4.097  1.00 33.06  ? 1079 CYS A SG  1 
ATOM   921  N N   . ALA A 1 102 ? -12.485 0.666   -1.169  1.00 19.94  ? 1080 ALA A N   1 
ATOM   922  C CA  . ALA A 1 102 ? -12.455 2.102   -0.803  1.00 20.02  ? 1080 ALA A CA  1 
ATOM   923  C C   . ALA A 1 102 ? -11.012 2.511   -0.450  1.00 20.14  ? 1080 ALA A C   1 
ATOM   924  O O   . ALA A 1 102 ? -10.598 3.632   -0.842  1.00 19.56  ? 1080 ALA A O   1 
ATOM   925  C CB  . ALA A 1 102 ? -13.389 2.358   0.340   1.00 19.41  ? 1080 ALA A CB  1 
ATOM   926  N N   . LEU A 1 103 ? -10.271 1.657   0.255   1.00 19.04  ? 1081 LEU A N   1 
ATOM   927  C CA  . LEU A 1 103 ? -8.824  1.900   0.565   1.00 21.37  ? 1081 LEU A CA  1 
ATOM   928  C C   . LEU A 1 103 ? -8.040  2.147   -0.740  1.00 20.28  ? 1081 LEU A C   1 
ATOM   929  O O   . LEU A 1 103 ? -7.339  3.203   -0.836  1.00 18.47  ? 1081 LEU A O   1 
ATOM   930  C CB  . LEU A 1 103 ? -8.240  0.718   1.332   1.00 23.27  ? 1081 LEU A CB  1 
ATOM   931  C CG  . LEU A 1 103 ? -6.729  0.802   1.594   1.00 27.39  ? 1081 LEU A CG  1 
ATOM   932  C CD1 . LEU A 1 103 ? -6.447  1.631   2.803   1.00 30.16  ? 1081 LEU A CD1 1 
ATOM   933  C CD2 . LEU A 1 103 ? -6.141  -0.564  1.810   1.00 34.60  ? 1081 LEU A CD2 1 
ATOM   934  N N   . ARG A 1 104 ? -8.193  1.267   -1.735  1.00 19.84  ? 1082 ARG A N   1 
ATOM   935  C CA  . ARG A 1 104 ? -7.509  1.361   -3.054  1.00 23.71  ? 1082 ARG A CA  1 
ATOM   936  C C   . ARG A 1 104 ? -7.886  2.652   -3.777  1.00 23.19  ? 1082 ARG A C   1 
ATOM   937  O O   . ARG A 1 104 ? -6.982  3.418   -4.257  1.00 21.08  ? 1082 ARG A O   1 
ATOM   938  C CB  . ARG A 1 104 ? -7.847  0.115   -3.873  1.00 26.81  ? 1082 ARG A CB  1 
ATOM   939  C CG  . ARG A 1 104 ? -7.213  0.045   -5.251  1.00 33.77  ? 1082 ARG A CG  1 
ATOM   940  C CD  . ARG A 1 104 ? -8.020  -0.922  -6.101  1.00 46.26  ? 1082 ARG A CD  1 
ATOM   941  N NE  . ARG A 1 104 ? -9.406  -0.443  -6.307  1.00 50.87  ? 1082 ARG A NE  1 
ATOM   942  C CZ  . ARG A 1 104 ? -10.460 -1.199  -6.644  1.00 60.27  ? 1082 ARG A CZ  1 
ATOM   943  N NH1 . ARG A 1 104 ? -11.645 -0.630  -6.804  1.00 61.39  ? 1082 ARG A NH1 1 
ATOM   944  N NH2 . ARG A 1 104 ? -10.337 -2.511  -6.831  1.00 64.93  ? 1082 ARG A NH2 1 
ATOM   945  N N   . ASP A 1 105 ? -9.187  2.908   -3.891  1.00 20.92  ? 1083 ASP A N   1 
ATOM   946  C CA  . ASP A 1 105 ? -9.710  4.102   -4.600  1.00 20.73  ? 1083 ASP A CA  1 
ATOM   947  C C   . ASP A 1 105 ? -9.206  5.380   -3.905  1.00 17.60  ? 1083 ASP A C   1 
ATOM   948  O O   . ASP A 1 105 ? -8.893  6.363   -4.629  1.00 18.56  ? 1083 ASP A O   1 
ATOM   949  C CB  . ASP A 1 105 ? -11.239 4.048   -4.649  1.00 25.53  ? 1083 ASP A CB  1 
ATOM   950  C CG  . ASP A 1 105 ? -11.804 2.999   -5.607  1.00 31.59  ? 1083 ASP A CG  1 
ATOM   951  O OD1 . ASP A 1 105 ? -11.017 2.394   -6.358  1.00 31.28  ? 1083 ASP A OD1 1 
ATOM   952  O OD2 . ASP A 1 105 ? -13.037 2.788   -5.582  1.00 32.17  ? 1083 ASP A OD2 1 
ATOM   953  N N   . THR A 1 106 ? -9.171  5.403   -2.570  1.00 16.24  ? 1084 THR A N   1 
ATOM   954  C CA  . THR A 1 106 ? -8.756  6.614   -1.809  1.00 16.29  ? 1084 THR A CA  1 
ATOM   955  C C   . THR A 1 106 ? -7.280  6.886   -2.125  1.00 16.06  ? 1084 THR A C   1 
ATOM   956  O O   . THR A 1 106 ? -6.929  8.052   -2.344  1.00 16.67  ? 1084 THR A O   1 
ATOM   957  C CB  . THR A 1 106 ? -9.086  6.488   -0.319  1.00 17.56  ? 1084 THR A CB  1 
ATOM   958  O OG1 . THR A 1 106 ? -10.518 6.394   -0.187  1.00 18.17  ? 1084 THR A OG1 1 
ATOM   959  C CG2 . THR A 1 106 ? -8.602  7.672   0.498   1.00 19.46  ? 1084 THR A CG2 1 
ATOM   960  N N   . ALA A 1 107 ? -6.428  5.866   -2.037  1.00 15.63  ? 1085 ALA A N   1 
ATOM   961  C CA  . ALA A 1 107 ? -4.959  6.019   -2.253  1.00 16.14  ? 1085 ALA A CA  1 
ATOM   962  C C   . ALA A 1 107 ? -4.676  6.567   -3.672  1.00 16.41  ? 1085 ALA A C   1 
ATOM   963  O O   . ALA A 1 107 ? -3.911  7.541   -3.826  1.00 17.37  ? 1085 ALA A O   1 
ATOM   964  C CB  . ALA A 1 107 ? -4.306  4.691   -1.996  1.00 16.15  ? 1085 ALA A CB  1 
ATOM   965  N N   . TYR A 1 108 ? -5.288  5.982   -4.696  1.00 17.13  ? 1086 TYR A N   1 
ATOM   966  C CA  . TYR A 1 108 ? -5.201  6.428   -6.112  1.00 17.34  ? 1086 TYR A CA  1 
ATOM   967  C C   . TYR A 1 108 ? -5.726  7.871   -6.251  1.00 18.17  ? 1086 TYR A C   1 
ATOM   968  O O   . TYR A 1 108 ? -5.092  8.675   -6.945  1.00 16.56  ? 1086 TYR A O   1 
ATOM   969  C CB  . TYR A 1 108 ? -5.940  5.471   -7.058  1.00 20.13  ? 1086 TYR A CB  1 
ATOM   970  C CG  . TYR A 1 108 ? -5.143  4.269   -7.517  1.00 21.46  ? 1086 TYR A CG  1 
ATOM   971  C CD1 . TYR A 1 108 ? -4.993  3.159   -6.708  1.00 21.25  ? 1086 TYR A CD1 1 
ATOM   972  C CD2 . TYR A 1 108 ? -4.459  4.270   -8.724  1.00 25.57  ? 1086 TYR A CD2 1 
ATOM   973  C CE1 . TYR A 1 108 ? -4.276  2.049   -7.114  1.00 23.46  ? 1086 TYR A CE1 1 
ATOM   974  C CE2 . TYR A 1 108 ? -3.716  3.169   -9.143  1.00 28.08  ? 1086 TYR A CE2 1 
ATOM   975  C CZ  . TYR A 1 108 ? -3.624  2.048   -8.335  1.00 24.92  ? 1086 TYR A CZ  1 
ATOM   976  O OH  . TYR A 1 108 ? -2.889  0.953   -8.718  1.00 29.44  ? 1086 TYR A OH  1 
ATOM   977  N N   . ALA A 1 109 ? -6.848  8.250   -5.618  1.00 16.55  ? 1087 ALA A N   1 
ATOM   978  C CA  . ALA A 1 109 ? -7.417  9.626   -5.740  1.00 17.98  ? 1087 ALA A CA  1 
ATOM   979  C C   . ALA A 1 109 ? -6.504  10.688  -5.087  1.00 16.61  ? 1087 ALA A C   1 
ATOM   980  O O   . ALA A 1 109 ? -6.321  11.775  -5.686  1.00 15.78  ? 1087 ALA A O   1 
ATOM   981  C CB  . ALA A 1 109 ? -8.819  9.658   -5.133  1.00 20.82  ? 1087 ALA A CB  1 
ATOM   982  N N   . ILE A 1 110 ? -5.875  10.371  -3.941  1.00 14.05  ? 1088 ILE A N   1 
ATOM   983  C CA  . ILE A 1 110 ? -4.929  11.281  -3.237  1.00 15.44  ? 1088 ILE A CA  1 
ATOM   984  C C   . ILE A 1 110 ? -3.753  11.521  -4.192  1.00 15.41  ? 1088 ILE A C   1 
ATOM   985  O O   . ILE A 1 110 ? -3.360  12.677  -4.349  1.00 15.75  ? 1088 ILE A O   1 
ATOM   986  C CB  . ILE A 1 110 ? -4.484  10.727  -1.859  1.00 14.23  ? 1088 ILE A CB  1 
ATOM   987  C CG1 . ILE A 1 110 ? -5.629  10.821  -0.843  1.00 16.25  ? 1088 ILE A CG1 1 
ATOM   988  C CG2 . ILE A 1 110 ? -3.256  11.427  -1.327  1.00 15.11  ? 1088 ILE A CG2 1 
ATOM   989  C CD1 . ILE A 1 110 ? -5.395  10.097  0.455   1.00 17.18  ? 1088 ILE A CD1 1 
ATOM   990  N N   . ILE A 1 111 ? -3.190  10.470  -4.745  1.00 16.57  ? 1089 ILE A N   1 
ATOM   991  C CA  . ILE A 1 111 ? -1.972  10.578  -5.605  1.00 18.59  ? 1089 ILE A CA  1 
ATOM   992  C C   . ILE A 1 111 ? -2.350  11.332  -6.886  1.00 19.28  ? 1089 ILE A C   1 
ATOM   993  O O   . ILE A 1 111 ? -1.616  12.210  -7.350  1.00 20.78  ? 1089 ILE A O   1 
ATOM   994  C CB  . ILE A 1 111 ? -1.381  9.171   -5.835  1.00 21.12  ? 1089 ILE A CB  1 
ATOM   995  C CG1 . ILE A 1 111 ? -0.600  8.756   -4.582  1.00 22.34  ? 1089 ILE A CG1 1 
ATOM   996  C CG2 . ILE A 1 111 ? -0.548  9.127   -7.100  1.00 22.31  ? 1089 ILE A CG2 1 
ATOM   997  C CD1 . ILE A 1 111 ? -0.562  7.290   -4.385  1.00 25.83  ? 1089 ILE A CD1 1 
ATOM   998  N N   . LYS A 1 112 ? -3.505  11.058  -7.447  1.00 20.41  ? 1090 LYS A N   1 
ATOM   999  C CA  . LYS A 1 112 ? -3.951  11.798  -8.656  1.00 21.20  ? 1090 LYS A CA  1 
ATOM   1000 C C   . LYS A 1 112 ? -4.093  13.319  -8.407  1.00 21.36  ? 1090 LYS A C   1 
ATOM   1001 O O   . LYS A 1 112 ? -3.680  14.128  -9.267  1.00 20.26  ? 1090 LYS A O   1 
ATOM   1002 C CB  . LYS A 1 112 ? -5.248  11.242  -9.234  1.00 26.03  ? 1090 LYS A CB  1 
ATOM   1003 C CG  . LYS A 1 112 ? -5.677  11.964  -10.509 1.00 34.01  ? 1090 LYS A CG  1 
ATOM   1004 C CD  . LYS A 1 112 ? -7.003  11.475  -11.064 1.00 42.77  ? 1090 LYS A CD  1 
ATOM   1005 C CE  . LYS A 1 112 ? -7.350  12.120  -12.392 1.00 47.52  ? 1090 LYS A CE  1 
ATOM   1006 N NZ  . LYS A 1 112 ? -8.626  11.590  -12.934 1.00 57.37  ? 1090 LYS A NZ  1 
ATOM   1007 N N   . GLU A 1 113 ? -4.677  13.700  -7.270  0.51 20.51  ? 1091 GLU A N   1 
ATOM   1008 C CA  . GLU A 1 113 ? -4.967  15.121  -6.933  0.51 21.56  ? 1091 GLU A CA  1 
ATOM   1009 C C   . GLU A 1 113 ? -3.705  15.883  -6.516  0.51 20.43  ? 1091 GLU A C   1 
ATOM   1010 O O   . GLU A 1 113 ? -3.663  17.097  -6.775  0.51 20.20  ? 1091 GLU A O   1 
ATOM   1011 C CB  . GLU A 1 113 ? -5.975  15.222  -5.790  0.51 24.02  ? 1091 GLU A CB  1 
ATOM   1012 C CG  . GLU A 1 113 ? -7.371  14.815  -6.193  0.51 26.71  ? 1091 GLU A CG  1 
ATOM   1013 C CD  . GLU A 1 113 ? -8.442  15.162  -5.175  0.51 28.65  ? 1091 GLU A CD  1 
ATOM   1014 O OE1 . GLU A 1 113 ? -8.229  14.873  -3.981  0.51 29.28  ? 1091 GLU A OE1 1 
ATOM   1015 O OE2 . GLU A 1 113 ? -9.480  15.728  -5.581  0.51 31.70  ? 1091 GLU A OE2 1 
ATOM   1016 N N   . GLU A 1 114 ? -2.752  15.224  -5.850  0.51 19.23  ? 1092 GLU A N   1 
ATOM   1017 C CA  . GLU A 1 114 ? -1.702  15.914  -5.050  0.51 19.57  ? 1092 GLU A CA  1 
ATOM   1018 C C   . GLU A 1 114 ? -0.348  15.874  -5.767  0.51 20.42  ? 1092 GLU A C   1 
ATOM   1019 O O   . GLU A 1 114 ? 0.315   16.926  -5.785  0.51 21.43  ? 1092 GLU A O   1 
ATOM   1020 C CB  . GLU A 1 114 ? -1.633  15.316  -3.643  0.51 19.45  ? 1092 GLU A CB  1 
ATOM   1021 C CG  . GLU A 1 114 ? -2.845  15.678  -2.798  0.51 18.62  ? 1092 GLU A CG  1 
ATOM   1022 C CD  . GLU A 1 114 ? -2.884  15.095  -1.400  0.51 18.67  ? 1092 GLU A CD  1 
ATOM   1023 O OE1 . GLU A 1 114 ? -1.798  14.881  -0.820  0.51 17.61  ? 1092 GLU A OE1 1 
ATOM   1024 O OE2 . GLU A 1 114 ? -4.010  14.857  -0.893  0.51 17.37  ? 1092 GLU A OE2 1 
ATOM   1025 N N   . LEU A 1 115 ? 0.058   14.724  -6.316  0.51 21.04  ? 1093 LEU A N   1 
ATOM   1026 C CA  . LEU A 1 115 ? 1.440   14.522  -6.845  0.51 21.42  ? 1093 LEU A CA  1 
ATOM   1027 C C   . LEU A 1 115 ? 1.533   14.952  -8.312  0.51 22.28  ? 1093 LEU A C   1 
ATOM   1028 O O   . LEU A 1 115 ? 0.687   14.526  -9.113  0.51 21.94  ? 1093 LEU A O   1 
ATOM   1029 C CB  . LEU A 1 115 ? 1.857   13.059  -6.700  0.51 20.99  ? 1093 LEU A CB  1 
ATOM   1030 C CG  . LEU A 1 115 ? 3.361   12.819  -6.811  0.51 21.45  ? 1093 LEU A CG  1 
ATOM   1031 C CD1 . LEU A 1 115 ? 4.083   13.349  -5.583  0.51 21.14  ? 1093 LEU A CD1 1 
ATOM   1032 C CD2 . LEU A 1 115 ? 3.671   11.347  -7.018  0.51 21.69  ? 1093 LEU A CD2 1 
ATOM   1033 N N   . ASP A 1 116 ? 2.569   15.727  -8.645  0.51 23.18  ? 1094 ASP A N   1 
ATOM   1034 C CA  . ASP A 1 116 ? 2.873   16.159  -10.035 0.51 23.40  ? 1094 ASP A CA  1 
ATOM   1035 C C   . ASP A 1 116 ? 3.474   14.980  -10.807 0.51 22.77  ? 1094 ASP A C   1 
ATOM   1036 O O   . ASP A 1 116 ? 4.429   14.355  -10.299 0.51 20.72  ? 1094 ASP A O   1 
ATOM   1037 C CB  . ASP A 1 116 ? 3.814   17.361  -10.059 0.51 24.84  ? 1094 ASP A CB  1 
ATOM   1038 C CG  . ASP A 1 116 ? 3.750   18.119  -11.371 0.51 26.34  ? 1094 ASP A CG  1 
ATOM   1039 O OD1 . ASP A 1 116 ? 3.910   17.476  -12.432 0.51 26.80  ? 1094 ASP A OD1 1 
ATOM   1040 O OD2 . ASP A 1 116 ? 3.508   19.336  -11.324 0.51 29.84  ? 1094 ASP A OD2 1 
ATOM   1041 N N   . GLU A 1 117 ? 2.938   14.706  -12.000 0.51 23.51  ? 1095 GLU A N   1 
ATOM   1042 C CA  . GLU A 1 117 ? 3.359   13.570  -12.866 0.51 24.79  ? 1095 GLU A CA  1 
ATOM   1043 C C   . GLU A 1 117 ? 4.858   13.692  -13.181 0.51 24.08  ? 1095 GLU A C   1 
ATOM   1044 O O   . GLU A 1 117 ? 5.512   12.642  -13.332 0.51 22.96  ? 1095 GLU A O   1 
ATOM   1045 C CB  . GLU A 1 117 ? 2.510   13.508  -14.137 0.51 26.52  ? 1095 GLU A CB  1 
ATOM   1046 C CG  . GLU A 1 117 ? 2.694   14.691  -15.075 0.51 28.12  ? 1095 GLU A CG  1 
ATOM   1047 C CD  . GLU A 1 117 ? 2.009   14.539  -16.426 0.51 30.01  ? 1095 GLU A CD  1 
ATOM   1048 O OE1 . GLU A 1 117 ? 1.757   13.383  -16.840 0.51 28.82  ? 1095 GLU A OE1 1 
ATOM   1049 O OE2 . GLU A 1 117 ? 1.727   15.580  -17.064 0.51 32.04  ? 1095 GLU A OE2 1 
ATOM   1050 N N   . ASP A 1 118 ? 5.387   14.918  -13.266 0.51 22.85  ? 1096 ASP A N   1 
ATOM   1051 C CA  . ASP A 1 118 ? 6.825   15.154  -13.565 0.51 22.56  ? 1096 ASP A CA  1 
ATOM   1052 C C   . ASP A 1 118 ? 7.682   14.629  -12.403 0.51 21.17  ? 1096 ASP A C   1 
ATOM   1053 O O   . ASP A 1 118 ? 8.783   14.127  -12.686 0.51 20.11  ? 1096 ASP A O   1 
ATOM   1054 C CB  . ASP A 1 118 ? 7.114   16.624  -13.889 0.51 23.62  ? 1096 ASP A CB  1 
ATOM   1055 C CG  . ASP A 1 118 ? 6.633   17.078  -15.260 0.51 24.84  ? 1096 ASP A CG  1 
ATOM   1056 O OD1 . ASP A 1 118 ? 6.092   16.244  -16.021 0.51 25.94  ? 1096 ASP A OD1 1 
ATOM   1057 O OD2 . ASP A 1 118 ? 6.805   18.267  -15.561 0.51 26.19  ? 1096 ASP A OD2 1 
ATOM   1058 N N   . PHE A 1 119 ? 7.212   14.729  -11.150 0.51 20.31  ? 1097 PHE A N   1 
ATOM   1059 C CA  . PHE A 1 119 ? 7.964   14.226  -9.965  0.51 19.94  ? 1097 PHE A CA  1 
ATOM   1060 C C   . PHE A 1 119 ? 8.075   12.698  -10.050 0.51 19.96  ? 1097 PHE A C   1 
ATOM   1061 O O   . PHE A 1 119 ? 9.192   12.183  -9.854  0.51 19.21  ? 1097 PHE A O   1 
ATOM   1062 C CB  . PHE A 1 119 ? 7.357   14.656  -8.625  0.51 19.73  ? 1097 PHE A CB  1 
ATOM   1063 C CG  . PHE A 1 119 ? 8.161   14.205  -7.429  0.51 19.82  ? 1097 PHE A CG  1 
ATOM   1064 C CD1 . PHE A 1 119 ? 9.262   14.931  -6.996  0.51 19.88  ? 1097 PHE A CD1 1 
ATOM   1065 C CD2 . PHE A 1 119 ? 7.849   13.027  -6.760  0.51 20.15  ? 1097 PHE A CD2 1 
ATOM   1066 C CE1 . PHE A 1 119 ? 10.010  14.512  -5.903  0.51 19.73  ? 1097 PHE A CE1 1 
ATOM   1067 C CE2 . PHE A 1 119 ? 8.603   12.606  -5.674  0.51 19.74  ? 1097 PHE A CE2 1 
ATOM   1068 C CZ  . PHE A 1 119 ? 9.679   13.351  -5.245  0.51 19.85  ? 1097 PHE A CZ  1 
ATOM   1069 N N   . GLU A 1 120 ? 6.972   11.990  -10.320 0.51 20.31  ? 1098 GLU A N   1 
ATOM   1070 C CA  . GLU A 1 120 ? 7.009   10.508  -10.481 0.51 21.06  ? 1098 GLU A CA  1 
ATOM   1071 C C   . GLU A 1 120 ? 7.980   10.166  -11.623 0.51 21.22  ? 1098 GLU A C   1 
ATOM   1072 O O   . GLU A 1 120 ? 8.863   9.318   -11.402 0.51 19.29  ? 1098 GLU A O   1 
ATOM   1073 C CB  . GLU A 1 120 ? 5.614   9.921   -10.708 0.51 21.82  ? 1098 GLU A CB  1 
ATOM   1074 C CG  . GLU A 1 120 ? 5.593   8.444   -11.104 0.51 22.02  ? 1098 GLU A CG  1 
ATOM   1075 C CD  . GLU A 1 120 ? 6.218   7.422   -10.158 0.51 22.47  ? 1098 GLU A CD  1 
ATOM   1076 O OE1 . GLU A 1 120 ? 6.774   7.827   -9.123  0.51 23.17  ? 1098 GLU A OE1 1 
ATOM   1077 O OE2 . GLU A 1 120 ? 6.146   6.204   -10.467 0.51 22.52  ? 1098 GLU A OE2 1 
ATOM   1078 N N   . GLN A 1 121 ? 7.842   10.826  -12.779 0.51 21.59  ? 1099 GLN A N   1 
ATOM   1079 C CA  . GLN A 1 121 ? 8.710   10.587  -13.972 0.51 22.21  ? 1099 GLN A CA  1 
ATOM   1080 C C   . GLN A 1 121 ? 10.183  10.696  -13.557 0.51 21.27  ? 1099 GLN A C   1 
ATOM   1081 O O   . GLN A 1 121 ? 10.964  9.803   -13.930 0.51 21.55  ? 1099 GLN A O   1 
ATOM   1082 C CB  . GLN A 1 121 ? 8.408   11.573  -15.101 0.51 22.92  ? 1099 GLN A CB  1 
ATOM   1083 C CG  . GLN A 1 121 ? 9.160   11.279  -16.398 0.51 24.49  ? 1099 GLN A CG  1 
ATOM   1084 C CD  . GLN A 1 121 ? 8.653   10.051  -17.118 0.51 24.87  ? 1099 GLN A CD  1 
ATOM   1085 O OE1 . GLN A 1 121 ? 7.487   9.677   -17.007 0.51 25.21  ? 1099 GLN A OE1 1 
ATOM   1086 N NE2 . GLN A 1 121 ? 9.535   9.414   -17.873 0.51 25.00  ? 1099 GLN A NE2 1 
ATOM   1087 N N   . LEU A 1 122 ? 10.540  11.739  -12.804 0.51 20.65  ? 1100 LEU A N   1 
ATOM   1088 C CA  . LEU A 1 122 ? 11.924  11.943  -12.295 0.51 20.01  ? 1100 LEU A CA  1 
ATOM   1089 C C   . LEU A 1 122 ? 12.345  10.723  -11.459 0.51 19.65  ? 1100 LEU A C   1 
ATOM   1090 O O   . LEU A 1 122 ? 13.374  10.094  -11.806 0.51 18.25  ? 1100 LEU A O   1 
ATOM   1091 C CB  . LEU A 1 122 ? 12.001  13.249  -11.497 0.51 19.91  ? 1100 LEU A CB  1 
ATOM   1092 C CG  . LEU A 1 122 ? 13.287  13.477  -10.702 0.51 20.64  ? 1100 LEU A CG  1 
ATOM   1093 C CD1 . LEU A 1 122 ? 14.517  13.416  -11.599 0.51 21.62  ? 1100 LEU A CD1 1 
ATOM   1094 C CD2 . LEU A 1 122 ? 13.235  14.808  -9.973  0.51 21.11  ? 1100 LEU A CD2 1 
ATOM   1095 N N   . CYS A 1 123 ? 11.569  10.381  -10.421 0.51 18.97  ? 1101 CYS A N   1 
ATOM   1096 C CA  . CYS A 1 123 ? 11.849  9.241   -9.496  0.51 18.82  ? 1101 CYS A CA  1 
ATOM   1097 C C   . CYS A 1 123 ? 12.077  7.949   -10.305 0.51 19.31  ? 1101 CYS A C   1 
ATOM   1098 O O   . CYS A 1 123 ? 13.027  7.204   -9.966  0.51 19.67  ? 1101 CYS A O   1 
ATOM   1099 C CB  . CYS A 1 123 ? 10.731  9.063   -8.468  0.51 17.81  ? 1101 CYS A CB  1 
ATOM   1100 S SG  . CYS A 1 123 ? 10.744  10.296  -7.137  0.51 17.00  ? 1101 CYS A SG  1 
ATOM   1101 N N   . GLU A 1 124 ? 11.281  7.712   -11.358 0.51 19.83  ? 1102 GLU A N   1 
ATOM   1102 C CA  . GLU A 1 124 ? 11.383  6.513   -12.241 0.51 21.41  ? 1102 GLU A CA  1 
ATOM   1103 C C   . GLU A 1 124 ? 12.726  6.533   -12.993 0.51 22.20  ? 1102 GLU A C   1 
ATOM   1104 O O   . GLU A 1 124 ? 13.400  5.476   -13.049 0.51 20.80  ? 1102 GLU A O   1 
ATOM   1105 C CB  . GLU A 1 124 ? 10.213  6.456   -13.230 0.51 22.75  ? 1102 GLU A CB  1 
ATOM   1106 C CG  . GLU A 1 124 ? 8.883   6.107   -12.581 0.51 24.32  ? 1102 GLU A CG  1 
ATOM   1107 C CD  . GLU A 1 124 ? 7.736   5.800   -13.529 0.51 26.12  ? 1102 GLU A CD  1 
ATOM   1108 O OE1 . GLU A 1 124 ? 8.002   5.349   -14.659 0.51 26.80  ? 1102 GLU A OE1 1 
ATOM   1109 O OE2 . GLU A 1 124 ? 6.568   6.004   -13.127 0.51 28.92  ? 1102 GLU A OE2 1 
ATOM   1110 N N   . GLU A 1 125 ? 13.106  7.690   -13.546 0.51 22.93  ? 1103 GLU A N   1 
ATOM   1111 C CA  . GLU A 1 125 ? 14.343  7.838   -14.368 0.51 24.26  ? 1103 GLU A CA  1 
ATOM   1112 C C   . GLU A 1 125 ? 15.573  7.563   -13.490 0.51 25.91  ? 1103 GLU A C   1 
ATOM   1113 O O   . GLU A 1 125 ? 16.497  6.873   -13.976 0.51 28.32  ? 1103 GLU A O   1 
ATOM   1114 C CB  . GLU A 1 125 ? 14.372  9.195   -15.078 0.51 23.34  ? 1103 GLU A CB  1 
ATOM   1115 C CG  . GLU A 1 125 ? 13.475  9.219   -16.303 0.51 22.84  ? 1103 GLU A CG  1 
ATOM   1116 C CD  . GLU A 1 125 ? 13.460  10.480  -17.148 0.51 22.55  ? 1103 GLU A CD  1 
ATOM   1117 O OE1 . GLU A 1 125 ? 14.254  11.401  -16.877 0.51 22.85  ? 1103 GLU A OE1 1 
ATOM   1118 O OE2 . GLU A 1 125 ? 12.632  10.539  -18.075 0.51 22.60  ? 1103 GLU A OE2 1 
ATOM   1119 N N   . ILE A 1 126 ? 15.580  8.026   -12.238 0.51 27.00  ? 1104 ILE A N   1 
ATOM   1120 C CA  . ILE A 1 126 ? 16.700  7.757   -11.285 0.51 27.68  ? 1104 ILE A CA  1 
ATOM   1121 C C   . ILE A 1 126 ? 16.771  6.244   -11.024 0.51 30.33  ? 1104 ILE A C   1 
ATOM   1122 O O   . ILE A 1 126 ? 17.891  5.706   -11.073 0.51 30.04  ? 1104 ILE A O   1 
ATOM   1123 C CB  . ILE A 1 126 ? 16.575  8.559   -9.976  0.51 27.73  ? 1104 ILE A CB  1 
ATOM   1124 C CG1 . ILE A 1 126 ? 16.480  10.067  -10.218 0.51 27.50  ? 1104 ILE A CG1 1 
ATOM   1125 C CG2 . ILE A 1 126 ? 17.728  8.222   -9.039  0.51 26.79  ? 1104 ILE A CG2 1 
ATOM   1126 C CD1 . ILE A 1 126 ? 16.057  10.851  -8.996  0.51 27.89  ? 1104 ILE A CD1 1 
ATOM   1127 N N   . GLN A 1 127 ? 15.627  5.590   -10.774 0.51 32.52  ? 1105 GLN A N   1 
ATOM   1128 C CA  . GLN A 1 127 ? 15.524  4.116   -10.550 0.51 34.52  ? 1105 GLN A CA  1 
ATOM   1129 C C   . GLN A 1 127 ? 16.121  3.374   -11.754 0.51 35.90  ? 1105 GLN A C   1 
ATOM   1130 O O   . GLN A 1 127 ? 17.004  2.517   -11.544 0.51 35.28  ? 1105 GLN A O   1 
ATOM   1131 C CB  . GLN A 1 127 ? 14.069  3.683   -10.327 0.51 35.29  ? 1105 GLN A CB  1 
ATOM   1132 C CG  . GLN A 1 127 ? 13.881  2.171   -10.227 0.51 36.33  ? 1105 GLN A CG  1 
ATOM   1133 C CD  . GLN A 1 127 ? 12.456  1.761   -9.934  0.51 38.11  ? 1105 GLN A CD  1 
ATOM   1134 O OE1 . GLN A 1 127 ? 11.563  1.887   -10.771 0.51 38.93  ? 1105 GLN A OE1 1 
ATOM   1135 N NE2 . GLN A 1 127 ? 12.236  1.235   -8.739  0.51 37.64  ? 1105 GLN A NE2 1 
ATOM   1136 N N   A GLU A 1 128 ? 15.661  3.719   -12.961 0.17 38.78  ? 1106 GLU A N   1 
ATOM   1137 N N   B GLU A 1 128 ? 15.663  3.663   -12.962 0.19 37.04  ? 1106 GLU A N   1 
ATOM   1138 N N   C GLU A 1 128 ? 15.661  3.719   -12.961 0.16 38.78  ? 1106 GLU A N   1 
ATOM   1139 C CA  A GLU A 1 128 ? 16.013  3.059   -14.252 0.17 41.08  ? 1106 GLU A CA  1 
ATOM   1140 C CA  B GLU A 1 128 ? 16.076  2.961   -14.209 0.19 38.46  ? 1106 GLU A CA  1 
ATOM   1141 C CA  C GLU A 1 128 ? 16.014  3.058   -14.253 0.16 41.08  ? 1106 GLU A CA  1 
ATOM   1142 C C   A GLU A 1 128 ? 17.510  3.215   -14.564 0.17 42.43  ? 1106 GLU A C   1 
ATOM   1143 C C   B GLU A 1 128 ? 17.593  3.102   -14.414 0.19 40.42  ? 1106 GLU A C   1 
ATOM   1144 C C   C GLU A 1 128 ? 17.510  3.215   -14.564 0.16 42.43  ? 1106 GLU A C   1 
ATOM   1145 O O   A GLU A 1 128 ? 18.006  2.443   -15.407 0.17 44.22  ? 1106 GLU A O   1 
ATOM   1146 O O   B GLU A 1 128 ? 18.191  2.181   -14.998 0.19 42.34  ? 1106 GLU A O   1 
ATOM   1147 O O   C GLU A 1 128 ? 18.007  2.442   -15.406 0.16 44.16  ? 1106 GLU A O   1 
ATOM   1148 C CB  A GLU A 1 128 ? 15.184  3.640   -15.402 0.17 41.48  ? 1106 GLU A CB  1 
ATOM   1149 C CB  B GLU A 1 128 ? 15.285  3.492   -15.408 0.19 37.15  ? 1106 GLU A CB  1 
ATOM   1150 C CB  C GLU A 1 128 ? 15.184  3.641   -15.402 0.16 41.50  ? 1106 GLU A CB  1 
ATOM   1151 C CG  A GLU A 1 128 ? 13.840  2.958   -15.595 0.17 43.20  ? 1106 GLU A CG  1 
ATOM   1152 C CG  B GLU A 1 128 ? 15.693  2.888   -16.743 0.19 37.54  ? 1106 GLU A CG  1 
ATOM   1153 C CG  C GLU A 1 128 ? 13.840  2.957   -15.595 0.16 43.17  ? 1106 GLU A CG  1 
ATOM   1154 C CD  A GLU A 1 128 ? 12.704  3.827   -16.119 0.17 44.39  ? 1106 GLU A CD  1 
ATOM   1155 C CD  B GLU A 1 128 ? 15.749  1.370   -16.779 0.19 37.76  ? 1106 GLU A CD  1 
ATOM   1156 C CD  C GLU A 1 128 ? 12.704  3.827   -16.119 0.16 44.34  ? 1106 GLU A CD  1 
ATOM   1157 O OE1 A GLU A 1 128 ? 12.978  4.895   -16.708 0.17 42.74  ? 1106 GLU A OE1 1 
ATOM   1158 O OE1 B GLU A 1 128 ? 16.564  0.835   -17.547 0.19 40.45  ? 1106 GLU A OE1 1 
ATOM   1159 O OE1 C GLU A 1 128 ? 12.979  4.896   -16.707 0.16 42.77  ? 1106 GLU A OE1 1 
ATOM   1160 O OE2 A GLU A 1 128 ? 11.533  3.431   -15.930 0.17 44.98  ? 1106 GLU A OE2 1 
ATOM   1161 O OE2 B GLU A 1 128 ? 14.981  0.729   -16.042 0.19 39.10  ? 1106 GLU A OE2 1 
ATOM   1162 O OE2 C GLU A 1 128 ? 11.533  3.431   -15.930 0.16 44.93  ? 1106 GLU A OE2 1 
ATOM   1163 N N   . SER A 1 129 ? 18.187  4.178   -13.927 0.51 43.39  ? 1107 SER A N   1 
ATOM   1164 C CA  . SER A 1 129 ? 19.613  4.534   -14.173 0.51 45.95  ? 1107 SER A CA  1 
ATOM   1165 C C   . SER A 1 129 ? 20.550  3.792   -13.210 0.51 48.89  ? 1107 SER A C   1 
ATOM   1166 O O   . SER A 1 129 ? 21.778  3.959   -13.357 0.51 47.82  ? 1107 SER A O   1 
ATOM   1167 C CB  . SER A 1 129 ? 19.824  6.021   -14.057 0.51 45.12  ? 1107 SER A CB  1 
ATOM   1168 O OG  . SER A 1 129 ? 20.055  6.386   -12.705 0.51 44.20  ? 1107 SER A OG  1 
ATOM   1169 N N   . ARG A 1 130 ? 20.006  3.035   -12.251 0.51 52.08  ? 1108 ARG A N   1 
ATOM   1170 C CA  . ARG A 1 130 ? 20.799  2.350   -11.190 0.51 56.07  ? 1108 ARG A CA  1 
ATOM   1171 C C   . ARG A 1 130 ? 20.977  0.872   -11.560 0.51 58.41  ? 1108 ARG A C   1 
ATOM   1172 O O   . ARG A 1 130 ? 20.288  0.336   -12.431 0.51 59.13  ? 1108 ARG A O   1 
ATOM   1173 C CB  . ARG A 1 130 ? 20.137  2.540   -9.820  0.51 57.83  ? 1108 ARG A CB  1 
ATOM   1174 C CG  . ARG A 1 130 ? 19.985  4.003   -9.426  0.51 58.48  ? 1108 ARG A CG  1 
ATOM   1175 C CD  . ARG A 1 130 ? 20.013  4.294   -7.936  0.51 59.42  ? 1108 ARG A CD  1 
ATOM   1176 N NE  . ARG A 1 130 ? 20.187  5.719   -7.654  0.51 58.78  ? 1108 ARG A NE  1 
ATOM   1177 C CZ  . ARG A 1 130 ? 20.179  6.263   -6.437  0.51 60.15  ? 1108 ARG A CZ  1 
ATOM   1178 N NH1 . ARG A 1 130 ? 19.995  5.505   -5.368  0.51 61.52  ? 1108 ARG A NH1 1 
ATOM   1179 N NH2 . ARG A 1 130 ? 20.365  7.565   -6.289  0.51 59.34  ? 1108 ARG A NH2 1 
ATOM   1180 O OXT . ARG A 1 130 ? 21.834  0.192   -10.989 0.51 59.79  ? 1108 ARG A OXT 1 
HETATM 1181 C C10 . RQP B 2 .   ? 2.916   20.785  -6.065  0.51 26.52  ? 1201 RQP A C10 1 
HETATM 1182 C C13 . RQP B 2 .   ? 2.443   19.631  -4.074  0.51 22.78  ? 1201 RQP A C13 1 
HETATM 1183 C C15 . RQP B 2 .   ? 2.804   17.189  -3.249  0.51 21.02  ? 1201 RQP A C15 1 
HETATM 1184 C C17 . RQP B 2 .   ? 4.072   16.683  -1.243  0.51 20.26  ? 1201 RQP A C17 1 
HETATM 1185 C C20 . RQP B 2 .   ? 3.762   18.972  -1.975  0.51 20.64  ? 1201 RQP A C20 1 
HETATM 1186 C C21 . RQP B 2 .   ? 4.735   19.601  -4.990  0.51 24.83  ? 1201 RQP A C21 1 
HETATM 1187 C C01 . RQP B 2 .   ? 6.660   17.095  -2.919  0.51 32.95  ? 1201 RQP A C01 1 
HETATM 1188 C C03 . RQP B 2 .   ? 6.822   16.539  -5.191  0.51 28.95  ? 1201 RQP A C03 1 
HETATM 1189 C C04 . RQP B 2 .   ? 6.740   18.005  -5.664  0.51 27.29  ? 1201 RQP A C04 1 
HETATM 1190 C C06 . RQP B 2 .   ? 4.261   17.674  -6.324  0.51 23.90  ? 1201 RQP A C06 1 
HETATM 1191 C C09 . RQP B 2 .   ? 3.318   19.438  -5.258  0.51 24.97  ? 1201 RQP A C09 1 
HETATM 1192 C C11 . RQP B 2 .   ? 3.249   20.865  -7.481  0.51 27.90  ? 1201 RQP A C11 1 
HETATM 1193 C C14 . RQP B 2 .   ? 3.007   18.558  -3.061  0.51 21.70  ? 1201 RQP A C14 1 
HETATM 1194 C C16 . RQP B 2 .   ? 3.333   16.249  -2.345  0.51 20.22  ? 1201 RQP A C16 1 
HETATM 1195 C C19 . RQP B 2 .   ? 4.292   18.029  -1.069  0.51 20.50  ? 1201 RQP A C19 1 
HETATM 1196 F F18 . RQP B 2 .   ? 4.611   15.791  -0.346  0.51 19.65  ? 1201 RQP A F18 1 
HETATM 1197 N N05 . RQP B 2 .   ? 5.326   18.415  -5.645  0.51 25.41  ? 1201 RQP A N05 1 
HETATM 1198 N N08 . RQP B 2 .   ? 2.973   18.388  -6.125  0.51 24.53  ? 1201 RQP A N08 1 
HETATM 1199 O O02 . RQP B 2 .   ? 7.426   16.505  -3.897  0.51 32.39  ? 1201 RQP A O02 1 
HETATM 1200 O O07 . RQP B 2 .   ? 4.426   16.651  -6.966  0.51 24.13  ? 1201 RQP A O07 1 
HETATM 1201 O O12 . RQP B 2 .   ? 4.545   21.504  -7.633  0.51 28.75  ? 1201 RQP A O12 1 
HETATM 1202 O O22 . RQP B 2 .   ? 5.262   20.421  -4.333  0.51 25.34  ? 1201 RQP A O22 1 
HETATM 1203 S S   . SO4 C 3 .   ? -27.683 -12.411 -4.637  0.50 38.88  ? 1202 SO4 A S   1 
HETATM 1204 O O1  . SO4 C 3 .   ? -28.798 -13.301 -4.480  0.50 38.34  ? 1202 SO4 A O1  1 
HETATM 1205 O O2  . SO4 C 3 .   ? -26.508 -13.005 -4.063  0.50 40.17  ? 1202 SO4 A O2  1 
HETATM 1206 O O3  . SO4 C 3 .   ? -27.471 -12.162 -6.036  0.50 36.04  ? 1202 SO4 A O3  1 
HETATM 1207 O O4  . SO4 C 3 .   ? -27.955 -11.175 -3.957  0.50 40.02  ? 1202 SO4 A O4  1 
HETATM 1208 S S   . SO4 D 3 .   ? 10.903  -7.377  -0.766  0.50 90.00  ? 1203 SO4 A S   1 
HETATM 1209 O O1  . SO4 D 3 .   ? 9.583   -8.010  -0.649  0.50 90.00  ? 1203 SO4 A O1  1 
HETATM 1210 O O2  . SO4 D 3 .   ? 11.848  -8.338  -1.377  0.50 90.00  ? 1203 SO4 A O2  1 
HETATM 1211 O O3  . SO4 D 3 .   ? 11.404  -7.021  0.581   0.50 89.85  ? 1203 SO4 A O3  1 
HETATM 1212 O O4  . SO4 D 3 .   ? 10.832  -6.142  -1.588  0.50 90.00  ? 1203 SO4 A O4  1 
HETATM 1213 C C1  . EDO E 4 .   ? 8.017   -5.145  6.222   0.51 58.23  ? 1204 EDO A C1  1 
HETATM 1214 O O1  . EDO E 4 .   ? 7.534   -6.206  5.419   0.51 56.98  ? 1204 EDO A O1  1 
HETATM 1215 C C2  . EDO E 4 .   ? 9.273   -5.473  6.939   0.51 57.98  ? 1204 EDO A C2  1 
HETATM 1216 O O2  . EDO E 4 .   ? 9.084   -6.375  8.010   0.51 59.32  ? 1204 EDO A O2  1 
HETATM 1217 O O   . HOH F 5 .   ? -4.178  -6.982  8.194   0.51 26.50  ? 1301 HOH A O   1 
HETATM 1218 O O   . HOH F 5 .   ? 2.473   -11.203 -4.496  0.51 26.71  ? 1302 HOH A O   1 
HETATM 1219 O O   A HOH F 5 .   ? 19.546  13.452  1.217   0.17 18.36  ? 1303 HOH A O   1 
HETATM 1220 O O   B HOH F 5 .   ? 19.095  12.449  2.133   0.19 24.34  ? 1303 HOH A O   1 
HETATM 1221 O O   C HOH F 5 .   ? 19.094  12.438  2.126   0.16 24.33  ? 1303 HOH A O   1 
HETATM 1222 O O   . HOH F 5 .   ? -30.272 -11.471 -3.994  0.51 29.05  ? 1304 HOH A O   1 
HETATM 1223 O O   . HOH F 5 .   ? 16.568  11.788  -16.342 1.00 22.14  ? 1305 HOH A O   1 
HETATM 1224 O O   . HOH F 5 .   ? -18.850 -5.574  -0.875  1.00 40.62  ? 1306 HOH A O   1 
HETATM 1225 O O   . HOH F 5 .   ? 6.651   14.300  -3.260  0.51 37.61  ? 1307 HOH A O   1 
HETATM 1226 O O   A HOH F 5 .   ? -1.998  -8.925  14.234  0.17 38.19  ? 1308 HOH A O   1 
HETATM 1227 O O   B HOH F 5 .   ? -1.998  -8.941  14.224  0.19 38.16  ? 1308 HOH A O   1 
HETATM 1228 O O   C HOH F 5 .   ? -0.393  -9.467  13.240  0.16 29.43  ? 1308 HOH A O   1 
HETATM 1229 O O   . HOH F 5 .   ? 14.046  -9.467  -1.450  0.51 33.89  ? 1309 HOH A O   1 
HETATM 1230 O O   A HOH F 5 .   ? 21.076  6.981   -10.532 0.17 45.97  ? 1310 HOH A O   1 
HETATM 1231 O O   B HOH F 5 .   ? 21.218  7.037   -10.469 0.19 60.25  ? 1310 HOH A O   1 
HETATM 1232 O O   C HOH F 5 .   ? 21.228  7.045   -10.461 0.16 60.27  ? 1310 HOH A O   1 
HETATM 1233 O O   . HOH F 5 .   ? 22.507  14.478  -9.384  1.00 42.72  ? 1311 HOH A O   1 
HETATM 1234 O O   . HOH F 5 .   ? -5.565  -7.422  2.898   1.00 25.73  ? 1312 HOH A O   1 
HETATM 1235 O O   A HOH F 5 .   ? -25.522 -12.480 -7.545  0.17 12.75  ? 1313 HOH A O   1 
HETATM 1236 O O   B HOH F 5 .   ? -25.584 -13.724 -7.805  0.19 31.19  ? 1313 HOH A O   1 
HETATM 1237 O O   C HOH F 5 .   ? -25.587 -13.725 -7.805  0.16 31.20  ? 1313 HOH A O   1 
HETATM 1238 O O   . HOH F 5 .   ? -9.972  13.289  -5.544  1.00 56.28  ? 1314 HOH A O   1 
HETATM 1239 O O   A HOH F 5 .   ? 8.082   5.858   9.860   0.17 31.29  ? 1315 HOH A O   1 
HETATM 1240 O O   B HOH F 5 .   ? 8.745   6.622   9.682   0.19 34.78  ? 1315 HOH A O   1 
HETATM 1241 O O   C HOH F 5 .   ? 8.092   5.859   9.888   0.16 31.31  ? 1315 HOH A O   1 
HETATM 1242 O O   . HOH F 5 .   ? 20.567  8.910   -12.357 1.00 43.46  ? 1316 HOH A O   1 
HETATM 1243 O O   . HOH F 5 .   ? 2.169   -16.347 2.876   0.51 75.57  ? 1317 HOH A O   1 
HETATM 1244 O O   . HOH F 5 .   ? -15.253 -19.394 0.010   0.51 36.45  ? 1318 HOH A O   1 
HETATM 1245 O O   . HOH F 5 .   ? -6.992  -9.839  3.647   1.00 37.38  ? 1319 HOH A O   1 
HETATM 1246 O O   . HOH F 5 .   ? 3.199   -14.081 6.348   0.51 70.64  ? 1320 HOH A O   1 
HETATM 1247 O O   . HOH F 5 .   ? 17.079  6.727   -16.529 1.00 37.87  ? 1321 HOH A O   1 
HETATM 1248 O O   . HOH F 5 .   ? 6.220   -2.925  -4.700  1.00 32.49  ? 1322 HOH A O   1 
HETATM 1249 O O   . HOH F 5 .   ? -15.884 0.517   -2.010  1.00 31.79  ? 1323 HOH A O   1 
HETATM 1250 O O   . HOH F 5 .   ? 7.838   -7.090  1.100   1.00 33.95  ? 1324 HOH A O   1 
HETATM 1251 O O   . HOH F 5 .   ? -26.298 -15.298 -5.366  1.00 48.38  ? 1325 HOH A O   1 
HETATM 1252 O O   . HOH F 5 .   ? -5.717  -10.670 13.432  0.51 39.17  ? 1326 HOH A O   1 
HETATM 1253 O O   A HOH F 5 .   ? -5.266  -18.768 -2.221  0.17 103.84 ? 1327 HOH A O   1 
HETATM 1254 O O   B HOH F 5 .   ? -4.641  -17.777 -1.741  0.19 12.26  ? 1327 HOH A O   1 
HETATM 1255 O O   C HOH F 5 .   ? -5.268  -18.777 -2.234  0.16 103.83 ? 1327 HOH A O   1 
HETATM 1256 O O   . HOH F 5 .   ? -22.146 -5.845  4.830   0.51 312.81 ? 1328 HOH A O   1 
HETATM 1257 O O   A HOH F 5 .   ? -6.029  -1.062  -8.420  0.17 30.40  ? 1329 HOH A O   1 
HETATM 1258 O O   B HOH F 5 .   ? -6.556  -0.661  -9.129  0.19 39.95  ? 1329 HOH A O   1 
HETATM 1259 O O   C HOH F 5 .   ? -6.257  -0.907  -8.821  0.16 38.57  ? 1329 HOH A O   1 
HETATM 1260 O O   . HOH F 5 .   ? -11.197 -16.151 -3.844  1.00 50.24  ? 1330 HOH A O   1 
HETATM 1261 O O   A HOH F 5 .   ? 5.735   13.772  -16.961 0.17 23.58  ? 1331 HOH A O   1 
HETATM 1262 O O   B HOH F 5 .   ? 5.180   11.766  -16.968 0.19 29.05  ? 1331 HOH A O   1 
HETATM 1263 O O   C HOH F 5 .   ? 5.502   13.204  -17.203 0.16 21.07  ? 1331 HOH A O   1 
HETATM 1264 O O   . HOH F 5 .   ? 18.885  5.401   -2.085  0.51 54.23  ? 1332 HOH A O   1 
HETATM 1265 O O   . HOH F 5 .   ? 15.979  -2.042  1.305   0.51 48.38  ? 1333 HOH A O   1 
HETATM 1266 O O   . HOH F 5 .   ? 14.922  6.147   -18.078 1.00 30.94  ? 1334 HOH A O   1 
HETATM 1267 O O   . HOH F 5 .   ? -1.223  13.599  -10.762 0.51 33.19  ? 1335 HOH A O   1 
HETATM 1268 O O   . HOH F 5 .   ? 26.440  15.624  -4.982  0.51 52.89  ? 1336 HOH A O   1 
HETATM 1269 O O   . HOH F 5 .   ? 0.484   -8.374  6.499   1.00 38.39  ? 1337 HOH A O   1 
HETATM 1270 O O   . HOH F 5 .   ? 11.634  2.915   -13.284 1.00 44.11  ? 1338 HOH A O   1 
HETATM 1271 O O   A HOH F 5 .   ? -27.572 -10.356 -8.056  0.19 43.71  ? 1339 HOH A O   1 
HETATM 1272 O O   B HOH F 5 .   ? -26.114 -10.368 -7.952  0.19 36.43  ? 1339 HOH A O   1 
HETATM 1273 O O   C HOH F 5 .   ? -26.106 -10.368 -7.955  0.16 36.41  ? 1339 HOH A O   1 
HETATM 1274 O O   . HOH F 5 .   ? 17.667  9.127   0.265   1.00 43.95  ? 1340 HOH A O   1 
HETATM 1275 O O   . HOH F 5 .   ? 1.678   0.152   -9.748  1.00 42.73  ? 1341 HOH A O   1 
HETATM 1276 O O   . HOH F 5 .   ? -3.048  -9.298  3.143   0.51 16.55  ? 1342 HOH A O   1 
HETATM 1277 O O   . HOH F 5 .   ? -14.134 0.608   -6.780  0.51 49.81  ? 1343 HOH A O   1 
HETATM 1278 O O   . HOH F 5 .   ? -9.574  6.593   -7.256  1.00 25.68  ? 1344 HOH A O   1 
HETATM 1279 O O   . HOH F 5 .   ? 9.812   1.657   10.672  1.00 44.80  ? 1345 HOH A O   1 
HETATM 1280 O O   A HOH F 5 .   ? -12.527 -3.484  -8.144  0.17 40.88  ? 1346 HOH A O   1 
HETATM 1281 O O   B HOH F 5 .   ? -12.531 -3.480  -8.144  0.19 40.84  ? 1346 HOH A O   1 
HETATM 1282 O O   C HOH F 5 .   ? -12.504 -4.460  -8.242  0.16 15.72  ? 1346 HOH A O   1 
HETATM 1283 O O   . HOH F 5 .   ? -7.111  13.274  2.338   1.00 29.39  ? 1347 HOH A O   1 
HETATM 1284 O O   . HOH F 5 .   ? 5.613   -6.549  -1.861  1.00 33.20  ? 1348 HOH A O   1 
HETATM 1285 O O   . HOH F 5 .   ? 10.808  -8.251  7.008   0.51 26.17  ? 1349 HOH A O   1 
HETATM 1286 O O   . HOH F 5 .   ? -4.229  -11.083 -4.347  0.51 27.21  ? 1350 HOH A O   1 
HETATM 1287 O O   . HOH F 5 .   ? 8.497   1.678   -10.863 1.00 33.78  ? 1351 HOH A O   1 
HETATM 1288 O O   . HOH F 5 .   ? 5.389   20.512  -12.938 0.51 30.86  ? 1352 HOH A O   1 
HETATM 1289 O O   . HOH F 5 .   ? -6.564  15.344  -1.799  1.00 28.12  ? 1353 HOH A O   1 
HETATM 1290 O O   . HOH F 5 .   ? 3.690   -5.565  -4.609  1.00 50.43  ? 1354 HOH A O   1 
HETATM 1291 O O   . HOH F 5 .   ? -2.206  -15.518 -2.009  1.00 43.47  ? 1355 HOH A O   1 
HETATM 1292 O O   . HOH F 5 .   ? -12.213 8.315   0.832   1.00 29.04  ? 1356 HOH A O   1 
HETATM 1293 O O   . HOH F 5 .   ? -0.075  -5.922  -6.552  1.00 30.55  ? 1357 HOH A O   1 
HETATM 1294 O O   A HOH F 5 .   ? -8.336  -4.332  -7.377  0.17 36.44  ? 1358 HOH A O   1 
HETATM 1295 O O   B HOH F 5 .   ? -9.271  -5.055  -7.654  0.19 21.01  ? 1358 HOH A O   1 
HETATM 1296 O O   C HOH F 5 .   ? -8.337  -4.328  -7.382  0.16 36.43  ? 1358 HOH A O   1 
HETATM 1297 O O   . HOH F 5 .   ? -21.081 -17.012 3.101   0.51 77.88  ? 1359 HOH A O   1 
HETATM 1298 O O   A HOH F 5 .   ? 8.420   11.698  6.988   0.17 11.75  ? 1360 HOH A O   1 
HETATM 1299 O O   C HOH F 5 .   ? 8.420   11.698  6.986   0.16 11.75  ? 1360 HOH A O   1 
HETATM 1300 O O   . HOH F 5 .   ? -2.306  -7.414  -6.240  1.00 32.79  ? 1361 HOH A O   1 
HETATM 1301 O O   A HOH F 5 .   ? 19.371  18.313  -3.467  0.17 26.87  ? 1362 HOH A O   1 
HETATM 1302 O O   B HOH F 5 .   ? 18.574  18.404  -3.198  0.19 36.95  ? 1362 HOH A O   1 
HETATM 1303 O O   C HOH F 5 .   ? 18.562  18.403  -3.200  0.16 36.89  ? 1362 HOH A O   1 
HETATM 1304 O O   . HOH F 5 .   ? -24.164 -15.441 5.460   0.51 47.86  ? 1363 HOH A O   1 
HETATM 1305 O O   . HOH F 5 .   ? -8.193  2.934   11.183  1.00 26.96  ? 1364 HOH A O   1 
HETATM 1306 O O   A HOH F 5 .   ? 19.514  18.393  1.577   0.17 28.64  ? 1365 HOH A O   1 
HETATM 1307 O O   B HOH F 5 .   ? 18.161  17.189  2.597   0.19 97.31  ? 1365 HOH A O   1 
HETATM 1308 O O   C HOH F 5 .   ? 18.163  17.186  2.574   0.16 97.18  ? 1365 HOH A O   1 
HETATM 1309 O O   . HOH F 5 .   ? 5.967   8.253   -14.677 0.51 27.47  ? 1366 HOH A O   1 
HETATM 1310 O O   . HOH F 5 .   ? -25.262 -14.628 2.970   0.51 36.56  ? 1367 HOH A O   1 
HETATM 1311 O O   . HOH F 5 .   ? -7.787  10.458  6.941   1.00 31.25  ? 1368 HOH A O   1 
HETATM 1312 O O   . HOH F 5 .   ? -0.908  -12.949 -1.656  1.00 32.51  ? 1369 HOH A O   1 
HETATM 1313 O O   . HOH F 5 .   ? -4.521  -0.509  14.693  0.51 29.04  ? 1370 HOH A O   1 
HETATM 1314 O O   . HOH F 5 .   ? -8.302  12.423  -7.583  1.00 37.66  ? 1371 HOH A O   1 
HETATM 1315 O O   . HOH F 5 .   ? -0.806  12.130  7.442   1.00 44.07  ? 1372 HOH A O   1 
HETATM 1316 O O   . HOH F 5 .   ? -11.892 -1.894  9.174   1.00 29.12  ? 1373 HOH A O   1 
HETATM 1317 O O   . HOH F 5 .   ? 6.177   -9.238  1.133   1.00 34.60  ? 1374 HOH A O   1 
HETATM 1318 O O   . HOH F 5 .   ? -0.615  -0.243  -9.927  0.51 34.39  ? 1375 HOH A O   1 
HETATM 1319 O O   . HOH F 5 .   ? -4.619  -6.449  4.599   0.51 19.60  ? 1376 HOH A O   1 
HETATM 1320 O O   . HOH F 5 .   ? -6.036  -4.645  -6.271  1.00 38.62  ? 1377 HOH A O   1 
HETATM 1321 O O   . HOH F 5 .   ? -24.991 -10.877 2.267   0.51 18.42  ? 1378 HOH A O   1 
HETATM 1322 O O   . HOH F 5 .   ? 14.048  -0.405  -7.228  1.00 58.22  ? 1379 HOH A O   1 
HETATM 1323 O O   . HOH F 5 .   ? 10.861  3.622   0.412   1.00 20.10  ? 1380 HOH A O   1 
HETATM 1324 O O   . HOH F 5 .   ? -13.804 -4.935  7.906   1.00 42.70  ? 1381 HOH A O   1 
HETATM 1325 O O   A HOH F 5 .   ? 5.334   -10.716 -5.662  0.17 30.64  ? 1382 HOH A O   1 
HETATM 1326 O O   B HOH F 5 .   ? 6.894   -9.712  -5.450  0.20 21.75  ? 1382 HOH A O   1 
HETATM 1327 O O   C HOH F 5 .   ? 5.332   -10.718 -5.655  0.16 30.66  ? 1382 HOH A O   1 
HETATM 1328 O O   . HOH F 5 .   ? 1.861   -22.599 -1.365  0.51 38.26  ? 1383 HOH A O   1 
HETATM 1329 O O   . HOH F 5 .   ? -10.769 -3.862  13.100  1.00 53.55  ? 1384 HOH A O   1 
HETATM 1330 O O   . HOH F 5 .   ? 12.205  9.259   -20.648 1.00 35.66  ? 1385 HOH A O   1 
HETATM 1331 O O   . HOH F 5 .   ? 6.514   6.963   -17.391 0.51 36.57  ? 1386 HOH A O   1 
HETATM 1332 O O   . HOH F 5 .   ? 13.638  5.172   -0.834  1.00 26.37  ? 1387 HOH A O   1 
HETATM 1333 O O   A HOH F 5 .   ? 23.804  10.845  -10.557 0.18 26.92  ? 1388 HOH A O   1 
HETATM 1334 O O   B HOH F 5 .   ? 23.559  11.302  -11.649 0.19 27.15  ? 1388 HOH A O   1 
HETATM 1335 O O   C HOH F 5 .   ? 23.571  11.294  -11.644 0.16 27.13  ? 1388 HOH A O   1 
HETATM 1336 O O   . HOH F 5 .   ? 4.394   10.221  -14.510 1.00 40.68  ? 1389 HOH A O   1 
HETATM 1337 O O   . HOH F 5 .   ? 2.993   7.556   8.562   0.51 22.97  ? 1390 HOH A O   1 
HETATM 1338 O O   . HOH F 5 .   ? 1.984   -21.348 2.206   0.51 48.85  ? 1391 HOH A O   1 
HETATM 1339 O O   . HOH F 5 .   ? -1.489  -17.007 10.135  0.51 41.00  ? 1392 HOH A O   1 
HETATM 1340 O O   . HOH F 5 .   ? 5.277   0.148   11.343  1.00 42.77  ? 1393 HOH A O   1 
HETATM 1341 O O   . HOH F 5 .   ? -8.685  8.244   4.296   1.00 35.02  ? 1394 HOH A O   1 
HETATM 1342 O O   . HOH F 5 .   ? -3.466  -1.583  -10.759 0.51 47.04  ? 1395 HOH A O   1 
HETATM 1343 O O   A HOH F 5 .   ? -7.932  -11.470 -5.508  0.17 15.08  ? 1396 HOH A O   1 
HETATM 1344 O O   B HOH F 5 .   ? -8.719  -10.340 -6.539  0.19 20.08  ? 1396 HOH A O   1 
HETATM 1345 O O   C HOH F 5 .   ? -8.213  -10.608 -4.809  0.16 31.78  ? 1396 HOH A O   1 
HETATM 1346 O O   . HOH F 5 .   ? -16.965 3.891   2.067   1.00 23.81  ? 1397 HOH A O   1 
HETATM 1347 O O   . HOH F 5 .   ? 0.455   16.189  -12.809 1.00 37.33  ? 1398 HOH A O   1 
HETATM 1348 O O   . HOH F 5 .   ? -12.820 1.294   13.375  0.54 38.30  ? 1399 HOH A O   1 
HETATM 1349 O O   . HOH F 5 .   ? 19.318  3.757   0.001   0.51 42.30  ? 1400 HOH A O   1 
HETATM 1350 O O   . HOH F 5 .   ? -3.625  7.680   -9.392  1.00 37.76  ? 1401 HOH A O   1 
HETATM 1351 O O   . HOH F 5 .   ? -14.251 7.195   8.317   0.51 35.69  ? 1402 HOH A O   1 
HETATM 1352 O O   . HOH F 5 .   ? -13.865 -16.199 4.241   0.51 39.73  ? 1403 HOH A O   1 
HETATM 1353 O O   . HOH F 5 .   ? 17.288  14.661  -8.508  1.00 14.86  ? 1404 HOH A O   1 
HETATM 1354 O O   A HOH F 5 .   ? -21.626 -5.999  -1.374  0.17 14.59  ? 1405 HOH A O   1 
HETATM 1355 O O   B HOH F 5 .   ? -22.558 -7.467  -3.338  0.19 17.18  ? 1405 HOH A O   1 
HETATM 1356 O O   C HOH F 5 .   ? -21.626 -5.998  -1.373  0.16 14.59  ? 1405 HOH A O   1 
HETATM 1357 O O   . HOH F 5 .   ? -12.385 8.176   10.162  1.00 32.42  ? 1406 HOH A O   1 
HETATM 1358 O O   . HOH F 5 .   ? -13.831 -14.618 6.177   0.51 52.34  ? 1407 HOH A O   1 
HETATM 1359 O O   . HOH F 5 .   ? -9.407  12.611  -2.260  0.51 40.14  ? 1408 HOH A O   1 
HETATM 1360 O O   . HOH F 5 .   ? -0.550  -4.582  -8.831  1.00 42.11  ? 1409 HOH A O   1 
HETATM 1361 O O   . HOH F 5 .   ? 4.616   -4.897  10.271  0.51 37.51  ? 1410 HOH A O   1 
HETATM 1362 O O   A HOH F 5 .   ? 24.854  9.669   -3.879  0.17 46.24  ? 1411 HOH A O   1 
HETATM 1363 O O   B HOH F 5 .   ? 24.331  9.336   -3.680  0.19 55.41  ? 1411 HOH A O   1 
HETATM 1364 O O   C HOH F 5 .   ? 24.754  9.533   -3.961  0.16 45.11  ? 1411 HOH A O   1 
HETATM 1365 O O   . HOH F 5 .   ? -14.952 7.213   -0.164  1.00 46.72  ? 1412 HOH A O   1 
HETATM 1366 O O   . HOH F 5 .   ? -0.665  1.279   10.460  0.51 21.59  ? 1413 HOH A O   1 
HETATM 1367 O O   . HOH F 5 .   ? -16.829 -4.950  -2.445  0.51 39.10  ? 1414 HOH A O   1 
HETATM 1368 O O   A HOH F 5 .   ? -5.478  16.094  -10.887 0.17 22.08  ? 1415 HOH A O   1 
HETATM 1369 O O   B HOH F 5 .   ? -6.798  15.747  -10.566 0.19 30.12  ? 1415 HOH A O   1 
HETATM 1370 O O   C HOH F 5 .   ? -6.828  15.739  -10.547 0.16 30.05  ? 1415 HOH A O   1 
HETATM 1371 O O   . HOH F 5 .   ? 9.155   -2.451  -3.998  1.00 40.44  ? 1416 HOH A O   1 
HETATM 1372 O O   . HOH F 5 .   ? -9.101  -10.450 5.580   1.00 44.21  ? 1417 HOH A O   1 
HETATM 1373 O O   . HOH F 5 .   ? 9.932   -5.876  3.369   0.51 30.44  ? 1418 HOH A O   1 
HETATM 1374 O O   . HOH F 5 .   ? 4.784   23.561  -4.060  1.00 35.32  ? 1419 HOH A O   1 
HETATM 1375 O O   A HOH F 5 .   ? -16.449 -3.642  11.752  0.17 20.54  ? 1420 HOH A O   1 
HETATM 1376 O O   B HOH F 5 .   ? -16.161 -2.627  12.752  0.19 17.40  ? 1420 HOH A O   1 
HETATM 1377 O O   C HOH F 5 .   ? -16.450 -3.641  11.756  0.16 20.53  ? 1420 HOH A O   1 
HETATM 1378 O O   . HOH F 5 .   ? 7.854   17.642  -18.518 0.56 35.91  ? 1421 HOH A O   1 
HETATM 1379 O O   . HOH F 5 .   ? -21.428 -17.040 -2.583  0.51 49.69  ? 1422 HOH A O   1 
HETATM 1380 O O   . HOH F 5 .   ? 8.752   -0.587  11.735  0.51 46.81  ? 1423 HOH A O   1 
HETATM 1381 O O   . HOH F 5 .   ? -11.117 -18.212 2.251   0.51 43.46  ? 1424 HOH A O   1 
HETATM 1382 O O   . HOH F 5 .   ? 13.604  -4.684  -2.486  1.00 48.42  ? 1425 HOH A O   1 
HETATM 1383 O O   A HOH F 5 .   ? -8.959  18.118  -3.408  0.17 65.54  ? 1426 HOH A O   1 
HETATM 1384 O O   B HOH F 5 .   ? -8.919  17.953  -3.230  0.17 65.52  ? 1426 HOH A O   1 
HETATM 1385 O O   C HOH F 5 .   ? -8.923  17.958  -3.233  0.17 65.52  ? 1426 HOH A O   1 
HETATM 1386 O O   . HOH F 5 .   ? 11.525  -0.252  9.199   1.00 48.36  ? 1427 HOH A O   1 
HETATM 1387 O O   A HOH F 5 .   ? -18.480 -17.432 -2.609  0.17 43.60  ? 1428 HOH A O   1 
HETATM 1388 O O   B HOH F 5 .   ? -17.918 -17.315 -2.473  0.19 43.95  ? 1428 HOH A O   1 
HETATM 1389 O O   C HOH F 5 .   ? -18.987 -17.640 -2.610  0.16 39.60  ? 1428 HOH A O   1 
HETATM 1390 O O   A HOH F 5 .   ? -5.263  -7.224  12.482  0.17 16.25  ? 1429 HOH A O   1 
HETATM 1391 O O   B HOH F 5 .   ? -4.973  -8.426  12.000  0.19 39.48  ? 1429 HOH A O   1 
HETATM 1392 O O   C HOH F 5 .   ? -5.161  -8.416  12.134  0.16 43.72  ? 1429 HOH A O   1 
HETATM 1393 O O   . HOH F 5 .   ? 17.137  2.103   5.284   1.00 59.95  ? 1430 HOH A O   1 
HETATM 1394 O O   A HOH F 5 .   ? 18.943  8.825   3.526   0.17 28.84  ? 1431 HOH A O   1 
HETATM 1395 O O   B HOH F 5 .   ? 19.073  8.470   4.350   0.19 34.31  ? 1431 HOH A O   1 
HETATM 1396 O O   C HOH F 5 .   ? 19.077  8.466   4.345   0.16 34.33  ? 1431 HOH A O   1 
HETATM 1397 O O   . HOH F 5 .   ? -2.191  -9.172  6.325   0.51 20.77  ? 1432 HOH A O   1 
HETATM 1398 O O   . HOH F 5 .   ? -13.617 -1.062  11.884  0.54 40.50  ? 1433 HOH A O   1 
HETATM 1399 O O   A HOH F 5 .   ? -8.677  3.255   -8.806  0.17 35.90  ? 1434 HOH A O   1 
HETATM 1400 O O   B HOH F 5 .   ? -8.736  3.213   -8.692  0.17 35.93  ? 1434 HOH A O   1 
HETATM 1401 O O   C HOH F 5 .   ? -8.661  3.251   -8.842  0.17 35.91  ? 1434 HOH A O   1 
HETATM 1402 O O   A HOH F 5 .   ? 22.754  4.758   -16.626 0.17 66.82  ? 1435 HOH A O   1 
HETATM 1403 O O   B HOH F 5 .   ? 21.372  5.547   -17.027 0.19 29.03  ? 1435 HOH A O   1 
HETATM 1404 O O   C HOH F 5 .   ? 22.601  4.664   -16.781 0.16 67.39  ? 1435 HOH A O   1 
HETATM 1405 O O   A HOH F 5 .   ? -11.750 -12.087 8.131   0.17 32.92  ? 1436 HOH A O   1 
HETATM 1406 O O   B HOH F 5 .   ? -11.423 -11.755 7.665   0.19 42.39  ? 1436 HOH A O   1 
HETATM 1407 O O   C HOH F 5 .   ? -11.327 -11.021 8.195   0.16 17.18  ? 1436 HOH A O   1 
HETATM 1408 O O   . HOH F 5 .   ? -8.049  7.826   -8.914  0.51 27.36  ? 1437 HOH A O   1 
HETATM 1409 O O   . HOH F 5 .   ? 7.826   11.015  -20.522 0.54 50.36  ? 1438 HOH A O   1 
HETATM 1410 O O   . HOH F 5 .   ? 18.915  5.001   -17.677 0.51 25.36  ? 1439 HOH A O   1 
HETATM 1411 O O   . HOH F 5 .   ? 7.704   -5.524  11.160  0.51 80.38  ? 1440 HOH A O   1 
HETATM 1412 O O   A HOH F 5 .   ? -3.028  -20.024 -3.077  0.17 54.03  ? 1441 HOH A O   1 
HETATM 1413 O O   B HOH F 5 .   ? -3.202  -19.809 -2.792  0.19 64.14  ? 1441 HOH A O   1 
HETATM 1414 O O   C HOH F 5 .   ? -3.187  -20.001 -2.909  0.16 61.19  ? 1441 HOH A O   1 
HETATM 1415 O O   . HOH F 5 .   ? -12.078 7.824   -3.799  0.51 30.51  ? 1442 HOH A O   1 
HETATM 1416 O O   . HOH F 5 .   ? 16.309  4.857   -1.710  1.00 30.92  ? 1443 HOH A O   1 
HETATM 1417 O O   A HOH F 5 .   ? 16.352  -7.769  1.226   0.17 55.01  ? 1444 HOH A O   1 
HETATM 1418 O O   B HOH F 5 .   ? 17.036  -6.274  0.422   0.19 32.63  ? 1444 HOH A O   1 
HETATM 1419 O O   C HOH F 5 .   ? 16.352  -7.773  1.225   0.16 55.01  ? 1444 HOH A O   1 
HETATM 1420 O O   . HOH F 5 .   ? -6.505  -4.512  13.721  0.51 35.79  ? 1445 HOH A O   1 
HETATM 1421 O O   . HOH F 5 .   ? -8.890  4.740   13.931  0.54 45.14  ? 1446 HOH A O   1 
HETATM 1422 O O   A HOH F 5 .   ? -3.700  -6.706  -7.726  0.17 26.57  ? 1447 HOH A O   1 
HETATM 1423 O O   B HOH F 5 .   ? -3.658  -6.603  -7.684  0.17 26.55  ? 1447 HOH A O   1 
HETATM 1424 O O   C HOH F 5 .   ? -3.700  -6.706  -7.726  0.17 26.57  ? 1447 HOH A O   1 
HETATM 1425 O O   A HOH F 5 .   ? -11.029 9.837   -1.491  0.17 40.18  ? 1448 HOH A O   1 
HETATM 1426 O O   B HOH F 5 .   ? -11.955 9.178   -1.683  0.19 28.46  ? 1448 HOH A O   1 
HETATM 1427 O O   C HOH F 5 .   ? -11.031 9.839   -1.494  0.16 40.18  ? 1448 HOH A O   1 
HETATM 1428 O O   A HOH F 5 .   ? -13.616 6.182   -2.269  0.17 23.18  ? 1449 HOH A O   1 
HETATM 1429 O O   B HOH F 5 .   ? -14.369 5.156   -2.396  0.19 33.64  ? 1449 HOH A O   1 
HETATM 1430 O O   C HOH F 5 .   ? -14.333 5.137   -2.371  0.16 33.54  ? 1449 HOH A O   1 
HETATM 1431 O O   . HOH F 5 .   ? 16.361  -3.603  -0.141  0.51 51.48  ? 1450 HOH A O   1 
HETATM 1432 O O   . HOH F 5 .   ? -16.882 -11.856 8.513   0.51 39.33  ? 1451 HOH A O   1 
HETATM 1433 O O   . HOH F 5 .   ? 4.383   -7.833  -5.898  0.51 39.65  ? 1452 HOH A O   1 
HETATM 1434 O O   A HOH F 5 .   ? -10.011 9.776   8.316   0.17 18.02  ? 1453 HOH A O   1 
HETATM 1435 O O   B HOH F 5 .   ? -10.046 10.008  9.700   0.19 17.86  ? 1453 HOH A O   1 
HETATM 1436 O O   C HOH F 5 .   ? -10.050 10.002  9.706   0.16 17.85  ? 1453 HOH A O   1 
HETATM 1437 O O   A HOH F 5 .   ? -15.931 2.954   -2.972  0.17 46.35  ? 1454 HOH A O   1 
HETATM 1438 O O   B HOH F 5 .   ? -15.398 2.830   -3.174  0.19 40.92  ? 1454 HOH A O   1 
HETATM 1439 O O   C HOH F 5 .   ? -15.839 2.946   -2.903  0.16 46.30  ? 1454 HOH A O   1 
HETATM 1440 O O   . HOH F 5 .   ? 0.554   -12.852 -3.818  0.51 34.52  ? 1455 HOH A O   1 
HETATM 1441 O O   A HOH F 5 .   ? -8.408  -7.267  11.949  0.17 50.44  ? 1456 HOH A O   1 
HETATM 1442 O O   B HOH F 5 .   ? -7.001  -6.648  12.185  0.19 98.08  ? 1456 HOH A O   1 
HETATM 1443 O O   C HOH F 5 .   ? -9.372  -6.157  13.034  0.16 37.85  ? 1456 HOH A O   1 
HETATM 1444 O O   . HOH F 5 .   ? -8.709  2.755   13.850  0.54 25.42  ? 1457 HOH A O   1 
HETATM 1445 O O   . HOH F 5 .   ? 13.953  0.961   9.451   0.54 31.05  ? 1458 HOH A O   1 
HETATM 1446 O O   A HOH F 5 .   ? -3.102  2.263   13.097  0.17 24.56  ? 1459 HOH A O   1 
HETATM 1447 O O   B HOH F 5 .   ? -3.262  2.330   14.170  0.19 20.55  ? 1459 HOH A O   1 
HETATM 1448 O O   C HOH F 5 .   ? -3.104  2.266   13.096  0.16 24.55  ? 1459 HOH A O   1 
HETATM 1449 O O   A HOH F 5 .   ? 17.052  13.358  9.966   0.17 20.23  ? 1460 HOH A O   1 
HETATM 1450 O O   B HOH F 5 .   ? 14.963  11.848  9.000   0.19 22.68  ? 1460 HOH A O   1 
HETATM 1451 O O   C HOH F 5 .   ? 15.984  11.523  9.945   0.16 17.76  ? 1460 HOH A O   1 
HETATM 1452 O O   . HOH F 5 .   ? -16.602 4.121   -0.621  1.00 38.34  ? 1461 HOH A O   1 
HETATM 1453 O O   A HOH F 5 .   ? 7.346   1.679   11.602  0.17 66.07  ? 1462 HOH A O   1 
HETATM 1454 O O   B HOH F 5 .   ? 7.279   1.841   11.695  0.19 84.61  ? 1462 HOH A O   1 
HETATM 1455 O O   C HOH F 5 .   ? 7.348   1.674   11.602  0.16 66.05  ? 1462 HOH A O   1 
HETATM 1456 O O   . HOH F 5 .   ? -1.205  2.639   -12.020 0.51 42.95  ? 1463 HOH A O   1 
HETATM 1457 O O   . HOH F 5 .   ? 2.760   -5.915  13.177  0.51 66.41  ? 1464 HOH A O   1 
HETATM 1458 O O   . HOH F 5 .   ? 18.783  1.680   -6.187  0.51 33.05  ? 1465 HOH A O   1 
HETATM 1459 O O   . HOH F 5 .   ? 17.786  2.691   -2.008  0.51 44.07  ? 1466 HOH A O   1 
HETATM 1460 O O   . HOH F 5 .   ? 1.323   6.774   10.353  0.51 29.67  ? 1467 HOH A O   1 
HETATM 1461 O O   A HOH F 5 .   ? -16.687 -2.143  -3.479  0.17 20.79  ? 1468 HOH A O   1 
HETATM 1462 O O   B HOH F 5 .   ? -16.656 -2.801  -4.862  0.19 19.33  ? 1468 HOH A O   1 
HETATM 1463 O O   C HOH F 5 .   ? -16.691 -2.140  -3.477  0.16 20.80  ? 1468 HOH A O   1 
HETATM 1464 O O   . HOH F 5 .   ? -11.454 12.241  -3.941  0.51 39.68  ? 1469 HOH A O   1 
HETATM 1465 O O   A HOH F 5 .   ? 14.906  4.287   9.896   0.18 44.55  ? 1470 HOH A O   1 
HETATM 1466 O O   B HOH F 5 .   ? 14.512  4.463   9.957   0.19 47.35  ? 1470 HOH A O   1 
HETATM 1467 O O   C HOH F 5 .   ? 14.924  4.295   9.891   0.17 44.33  ? 1470 HOH A O   1 
HETATM 1468 O O   . HOH F 5 .   ? 5.290   25.310  -6.006  0.51 51.36  ? 1471 HOH A O   1 
HETATM 1469 O O   A HOH F 5 .   ? -1.041  -9.726  -6.878  0.17 29.79  ? 1472 HOH A O   1 
HETATM 1470 O O   B HOH F 5 .   ? -1.607  -9.454  -7.913  0.19 19.55  ? 1472 HOH A O   1 
HETATM 1471 O O   C HOH F 5 .   ? -1.039  -9.726  -6.883  0.16 29.78  ? 1472 HOH A O   1 
HETATM 1472 O O   . HOH F 5 .   ? -15.757 -6.410  -4.500  0.51 32.11  ? 1473 HOH A O   1 
HETATM 1473 O O   . HOH F 5 .   ? -12.310 7.575   -6.791  0.51 33.26  ? 1474 HOH A O   1 
HETATM 1474 O O   . HOH F 5 .   ? 2.673   25.052  -6.275  0.51 32.24  ? 1475 HOH A O   1 
HETATM 1475 O O   . HOH F 5 .   ? 13.843  6.653   -20.501 1.00 40.00  ? 1476 HOH A O   1 
HETATM 1476 O O   A HOH F 5 .   ? 1.646   -9.061  -6.380  0.17 35.31  ? 1477 HOH A O   1 
HETATM 1477 O O   B HOH F 5 .   ? 1.791   -8.386  -6.224  0.19 30.79  ? 1477 HOH A O   1 
HETATM 1478 O O   C HOH F 5 .   ? 1.641   -9.063  -6.380  0.16 35.29  ? 1477 HOH A O   1 
HETATM 1479 O O   . HOH F 5 .   ? 3.685   -12.206 -6.981  1.00 44.62  ? 1478 HOH A O   1 
HETATM 1480 O O   . HOH F 5 .   ? -6.229  7.092   -10.782 1.00 36.66  ? 1479 HOH A O   1 
HETATM 1481 O O   A HOH F 5 .   ? -0.057  2.208   14.097  0.17 30.58  ? 1480 HOH A O   1 
HETATM 1482 O O   B HOH F 5 .   ? 0.524   2.218   13.104  0.19 26.74  ? 1480 HOH A O   1 
HETATM 1483 O O   C HOH F 5 .   ? -0.059  2.204   14.101  0.16 30.58  ? 1480 HOH A O   1 
HETATM 1484 O O   A HOH F 5 .   ? -8.436  -9.138  -6.933  0.17 22.91  ? 1481 HOH A O   1 
HETATM 1485 O O   B HOH F 5 .   ? -8.511  -8.703  -8.105  0.19 18.02  ? 1481 HOH A O   1 
HETATM 1486 O O   C HOH F 5 .   ? -8.422  -9.154  -6.953  0.16 22.93  ? 1481 HOH A O   1 
HETATM 1487 O O   . HOH F 5 .   ? -7.768  17.076  -0.228  0.51 31.07  ? 1482 HOH A O   1 
HETATM 1488 O O   A HOH F 5 .   ? -1.483  -11.746 -5.241  0.17 20.28  ? 1483 HOH A O   1 
HETATM 1489 O O   B HOH F 5 .   ? 0.543   -10.727 -6.518  0.19 26.39  ? 1483 HOH A O   1 
HETATM 1490 O O   C HOH F 5 .   ? -1.479  -11.747 -5.240  0.16 20.26  ? 1483 HOH A O   1 
HETATM 1491 O O   A HOH F 5 .   ? -12.501 -11.576 -6.819  0.17 36.42  ? 1484 HOH A O   1 
HETATM 1492 O O   B HOH F 5 .   ? -13.904 -11.015 -5.262  0.19 20.25  ? 1484 HOH A O   1 
HETATM 1493 O O   C HOH F 5 .   ? -12.504 -11.571 -6.819  0.16 36.41  ? 1484 HOH A O   1 
HETATM 1494 O O   . HOH F 5 .   ? 17.448  0.249   -3.708  0.51 37.97  ? 1485 HOH A O   1 
HETATM 1495 O O   . HOH F 5 .   ? -9.665  10.167  -8.675  0.51 28.55  ? 1486 HOH A O   1 
HETATM 1496 O O   A HOH F 5 .   ? -13.827 -5.486  -7.284  0.17 49.12  ? 1487 HOH A O   1 
HETATM 1497 O O   B HOH F 5 .   ? -13.550 -5.655  -7.390  0.19 33.59  ? 1487 HOH A O   1 
HETATM 1498 O O   C HOH F 5 .   ? -14.239 -6.757  -6.459  0.16 52.91  ? 1487 HOH A O   1 
HETATM 1499 O O   A HOH F 5 .   ? -22.110 -10.369 -4.750  0.17 33.71  ? 1488 HOH A O   1 
HETATM 1500 O O   B HOH F 5 .   ? -22.302 -10.042 -3.415  0.19 26.69  ? 1488 HOH A O   1 
HETATM 1501 O O   C HOH F 5 .   ? -22.708 -11.400 -4.778  0.16 13.13  ? 1488 HOH A O   1 
HETATM 1502 O O   A HOH F 5 .   ? -8.536  -7.419  14.282  0.17 34.85  ? 1489 HOH A O   1 
HETATM 1503 O O   B HOH F 5 .   ? -8.551  -7.366  14.273  0.19 34.82  ? 1489 HOH A O   1 
HETATM 1504 O O   C HOH F 5 .   ? -8.699  -8.218  14.595  0.16 31.92  ? 1489 HOH A O   1 
HETATM 1505 O O   A HOH F 5 .   ? -9.326  -11.488 7.821   0.17 25.95  ? 1490 HOH A O   1 
HETATM 1506 O O   B HOH F 5 .   ? -8.870  -12.720 7.928   0.19 58.05  ? 1490 HOH A O   1 
HETATM 1507 O O   C HOH F 5 .   ? -9.048  -12.730 7.983   0.16 55.05  ? 1490 HOH A O   1 
HETATM 1508 O O   A HOH F 5 .   ? 0.134   3.451   11.734  0.17 35.12  ? 1491 HOH A O   1 
HETATM 1509 O O   B HOH F 5 .   ? -0.694  4.306   12.237  0.19 26.99  ? 1491 HOH A O   1 
HETATM 1510 O O   C HOH F 5 .   ? 0.133   3.447   11.737  0.16 35.11  ? 1491 HOH A O   1 
HETATM 1511 O O   . HOH F 5 .   ? 1.886   10.062  -11.270 1.00 58.78  ? 1492 HOH A O   1 
HETATM 1512 O O   . HOH F 5 .   ? -8.645  10.282  2.834   0.51 32.14  ? 1493 HOH A O   1 
HETATM 1513 O O   A HOH F 5 .   ? 4.655   2.123   12.421  0.17 26.54  ? 1494 HOH A O   1 
HETATM 1514 O O   B HOH F 5 .   ? 3.092   2.484   11.687  0.19 26.92  ? 1494 HOH A O   1 
HETATM 1515 O O   C HOH F 5 .   ? 3.104   2.724   11.824  0.16 23.29  ? 1494 HOH A O   1 
HETATM 1516 O O   A HOH F 5 .   ? -1.479  -18.682 -4.593  0.17 73.72  ? 1495 HOH A O   1 
HETATM 1517 O O   B HOH F 5 .   ? -1.426  -18.748 -4.525  0.17 73.72  ? 1495 HOH A O   1 
HETATM 1518 O O   C HOH F 5 .   ? -1.121  -19.601 -4.322  0.17 73.72  ? 1495 HOH A O   1 
HETATM 1519 O O   A HOH F 5 .   ? 23.000  18.107  2.146   0.17 21.29  ? 1496 HOH A O   1 
HETATM 1520 O O   B HOH F 5 .   ? 22.689  17.397  1.202   0.19 52.46  ? 1496 HOH A O   1 
HETATM 1521 O O   C HOH F 5 .   ? 22.690  17.397  1.204   0.16 52.49  ? 1496 HOH A O   1 
HETATM 1522 O O   A HOH F 5 .   ? 16.617  -0.433  -7.335  0.17 17.26  ? 1497 HOH A O   1 
HETATM 1523 O O   B HOH F 5 .   ? 16.648  0.209   -9.370  0.19 16.35  ? 1497 HOH A O   1 
HETATM 1524 O O   C HOH F 5 .   ? 16.277  -0.772  -8.450  0.16 24.06  ? 1497 HOH A O   1 
HETATM 1525 O O   A HOH F 5 .   ? -13.333 10.411  -0.492  0.17 37.35  ? 1498 HOH A O   1 
HETATM 1526 O O   B HOH F 5 .   ? -14.457 9.692   -0.983  0.19 62.70  ? 1498 HOH A O   1 
HETATM 1527 O O   C HOH F 5 .   ? -13.330 10.415  -0.495  0.16 37.36  ? 1498 HOH A O   1 
HETATM 1528 O O   . HOH F 5 .   ? -9.050  11.601  0.547   0.51 30.66  ? 1499 HOH A O   1 
HETATM 1529 O O   . HOH F 5 .   ? 1.159   -16.013 -4.738  1.00 66.88  ? 1500 HOH A O   1 
HETATM 1530 O O   A HOH F 5 .   ? -14.989 -14.620 9.742   0.17 46.74  ? 1501 HOH A O   1 
HETATM 1531 O O   B HOH F 5 .   ? -14.091 -14.542 10.873  0.19 24.62  ? 1501 HOH A O   1 
HETATM 1532 O O   C HOH F 5 .   ? -14.986 -14.621 9.742   0.16 46.73  ? 1501 HOH A O   1 
HETATM 1533 O O   A HOH F 5 .   ? -7.220  -11.248 -8.075  0.17 20.26  ? 1502 HOH A O   1 
HETATM 1534 O O   B HOH F 5 .   ? -5.189  -11.159 -7.853  0.19 12.65  ? 1502 HOH A O   1 
HETATM 1535 O O   C HOH F 5 .   ? -6.561  -12.323 -6.767  0.16 17.15  ? 1502 HOH A O   1 
HETATM 1536 O O   A HOH F 5 .   ? -4.924  -10.108 -9.473  0.17 8.41   ? 1503 HOH A O   1 
HETATM 1537 O O   B HOH F 5 .   ? -4.572  -8.690  -8.638  0.19 16.13  ? 1503 HOH A O   1 
HETATM 1538 O O   C HOH F 5 .   ? -6.468  -8.952  -8.950  0.16 12.35  ? 1503 HOH A O   1 
HETATM 1539 O O   A HOH F 5 .   ? -7.417  3.086   -11.090 0.17 36.19  ? 1504 HOH A O   1 
HETATM 1540 O O   B HOH F 5 .   ? -7.667  3.768   -10.843 0.19 51.30  ? 1504 HOH A O   1 
HETATM 1541 O O   C HOH F 5 .   ? -7.284  3.132   -11.119 0.16 37.73  ? 1504 HOH A O   1 
HETATM 1542 O O   . HOH F 5 .   ? -12.109 10.197  -7.299  0.51 30.10  ? 1505 HOH A O   1 
HETATM 1543 O O   A HOH F 5 .   ? -2.779  9.201   -12.809 0.18 38.59  ? 1506 HOH A O   1 
HETATM 1544 O O   B HOH F 5 .   ? -2.922  9.477   -12.892 0.19 32.59  ? 1506 HOH A O   1 
HETATM 1545 O O   C HOH F 5 .   ? -2.774  9.203   -12.808 0.17 38.60  ? 1506 HOH A O   1 
HETATM 1546 O O   A HOH F 5 .   ? -11.345 -9.076  10.464  0.17 17.41  ? 1507 HOH A O   1 
HETATM 1547 O O   B HOH F 5 .   ? -12.878 -7.966  10.144  0.19 19.78  ? 1507 HOH A O   1 
HETATM 1548 O O   C HOH F 5 .   ? -12.461 -8.844  10.108  0.16 28.63  ? 1507 HOH A O   1 
HETATM 1549 O O   A HOH F 5 .   ? -21.278 -8.698  -7.008  0.17 16.75  ? 1508 HOH A O   1 
HETATM 1550 O O   B HOH F 5 .   ? -22.033 -7.510  -8.617  0.20 21.15  ? 1508 HOH A O   1 
HETATM 1551 O O   C HOH F 5 .   ? -21.136 -8.128  -7.807  0.16 37.17  ? 1508 HOH A O   1 
HETATM 1552 O O   A HOH F 5 .   ? -0.253  -10.605 -9.243  0.17 40.36  ? 1509 HOH A O   1 
HETATM 1553 O O   B HOH F 5 .   ? 0.867   -9.695  -9.947  0.19 17.81  ? 1509 HOH A O   1 
HETATM 1554 O O   C HOH F 5 .   ? -0.248  -10.608 -9.246  0.16 40.36  ? 1509 HOH A O   1 
HETATM 1555 O O   . HOH F 5 .   ? 18.275  -1.693  8.279   1.00 57.85  ? 1510 HOH A O   1 
# 
